data_9GVH
# 
_entry.id   9GVH 
# 
_audit_conform.dict_name       mmcif_pdbx.dic 
_audit_conform.dict_version    5.404 
_audit_conform.dict_location   http://mmcif.pdb.org/dictionaries/ascii/mmcif_pdbx.dic 
# 
loop_
_database_2.database_id 
_database_2.database_code 
_database_2.pdbx_database_accession 
_database_2.pdbx_DOI 
PDB   9GVH         pdb_00009gvh 10.2210/pdb9gvh/pdb 
WWPDB D_1292141898 ?            ?                   
# 
loop_
_pdbx_audit_revision_history.ordinal 
_pdbx_audit_revision_history.data_content_type 
_pdbx_audit_revision_history.major_revision 
_pdbx_audit_revision_history.minor_revision 
_pdbx_audit_revision_history.revision_date 
_pdbx_audit_revision_history.part_number 
1 'Structure model' 1 0 2024-12-11 ? 
2 'Structure model' 1 1 2024-12-25 ? 
3 'Structure model' 2 0 2025-07-16 ? 
# 
loop_
_pdbx_audit_revision_details.ordinal 
_pdbx_audit_revision_details.revision_ordinal 
_pdbx_audit_revision_details.data_content_type 
_pdbx_audit_revision_details.provider 
_pdbx_audit_revision_details.type 
_pdbx_audit_revision_details.description 
_pdbx_audit_revision_details.details 
1 1 'Structure model' repository 'Initial release'        ?                      ? 
2 3 'Structure model' author     'Coordinate replacement' 'Sequence discrepancy' 
;1. The amino acid sequence numbering has been updated. In the previous PDB file (9GVH), the sequence started at position -1. In the updated version, it starts at position 1 to match the canonical sequence numbering. 2. The following residue sequence changes were made to correct discrepancies: Pro -1 to Ala 1 Lys 27 to Ser 29 Val 30 to Thr 32 Gly 56 to Gln 55 Gly 57 to Gln 56 Glu 58 to Arg 57 Val 78 to Thr 76 Met 80 to Ser 80 Gln 87 to Met 85 Val 79 to Thr 87 Ser 90 to Ser 88 Ser 96 to Gln 94 Ser 98 to Ala 96 Asn 116 to Ser 114 Thr 126 to Val 124 These modifications align the structure with the correct reference sequence and ensure accurate residue annotation.
;
# 
loop_
_pdbx_audit_revision_group.ordinal 
_pdbx_audit_revision_group.revision_ordinal 
_pdbx_audit_revision_group.data_content_type 
_pdbx_audit_revision_group.group 
1  2 'Structure model' 'Database references'        
2  3 'Structure model' 'Atomic model'               
3  3 'Structure model' 'Author supporting evidence' 
4  3 'Structure model' 'Data collection'            
5  3 'Structure model' 'Database references'        
6  3 'Structure model' 'Derived calculations'       
7  3 'Structure model' 'Non-polymer description'    
8  3 'Structure model' Other                        
9  3 'Structure model' 'Polymer sequence'           
10 3 'Structure model' 'Refinement description'     
11 3 'Structure model' 'Source and taxonomy'        
12 3 'Structure model' 'Structure summary'          
# 
loop_
_pdbx_audit_revision_category.ordinal 
_pdbx_audit_revision_category.revision_ordinal 
_pdbx_audit_revision_category.data_content_type 
_pdbx_audit_revision_category.category 
1  2 'Structure model' citation                     
2  2 'Structure model' citation_author              
3  3 'Structure model' atom_site                    
4  3 'Structure model' atom_site_anisotrop          
5  3 'Structure model' atom_type                    
6  3 'Structure model' cell                         
7  3 'Structure model' chem_comp                    
8  3 'Structure model' chem_comp_atom               
9  3 'Structure model' chem_comp_bond               
10 3 'Structure model' entity                       
11 3 'Structure model' entity_poly                  
12 3 'Structure model' entity_poly_seq              
13 3 'Structure model' entity_src_nat               
14 3 'Structure model' pdbx_contact_author          
15 3 'Structure model' pdbx_entity_instance_feature 
16 3 'Structure model' pdbx_entity_nonpoly          
17 3 'Structure model' pdbx_modification_feature    
18 3 'Structure model' pdbx_nonpoly_scheme          
19 3 'Structure model' pdbx_poly_seq_scheme         
20 3 'Structure model' pdbx_struct_assembly         
21 3 'Structure model' pdbx_struct_assembly_gen     
22 3 'Structure model' pdbx_struct_assembly_prop    
23 3 'Structure model' pdbx_struct_conn_angle       
24 3 'Structure model' pdbx_struct_special_symmetry 
25 3 'Structure model' pdbx_validate_rmsd_angle     
26 3 'Structure model' refine                       
27 3 'Structure model' refine_hist                  
28 3 'Structure model' refine_ls_restr              
29 3 'Structure model' refine_ls_shell              
30 3 'Structure model' software                     
31 3 'Structure model' struct_asym                  
32 3 'Structure model' struct_conf                  
33 3 'Structure model' struct_conn                  
34 3 'Structure model' struct_ref_seq               
35 3 'Structure model' symmetry                     
# 
loop_
_pdbx_audit_revision_item.ordinal 
_pdbx_audit_revision_item.revision_ordinal 
_pdbx_audit_revision_item.data_content_type 
_pdbx_audit_revision_item.item 
1  3 'Structure model' '_cell.volume'                                             
2  3 'Structure model' '_chem_comp.formula'                                       
3  3 'Structure model' '_chem_comp.formula_weight'                                
4  3 'Structure model' '_chem_comp.id'                                            
5  3 'Structure model' '_chem_comp.mon_nstd_flag'                                 
6  3 'Structure model' '_chem_comp.name'                                          
7  3 'Structure model' '_chem_comp.type'                                          
8  3 'Structure model' '_entity_poly.pdbx_seq_one_letter_code'                    
9  3 'Structure model' '_entity_poly.pdbx_seq_one_letter_code_can'                
10 3 'Structure model' '_entity_src_nat.pdbx_end_seq_num'                         
11 3 'Structure model' '_pdbx_modification_feature.auth_seq_id'                   
12 3 'Structure model' '_pdbx_modification_feature.label_seq_id'                  
13 3 'Structure model' '_pdbx_modification_feature.modified_residue_auth_seq_id'  
14 3 'Structure model' '_pdbx_modification_feature.modified_residue_label_seq_id' 
15 3 'Structure model' '_pdbx_nonpoly_scheme.asym_id'                             
16 3 'Structure model' '_pdbx_nonpoly_scheme.auth_mon_id'                         
17 3 'Structure model' '_pdbx_nonpoly_scheme.auth_seq_num'                        
18 3 'Structure model' '_pdbx_nonpoly_scheme.entity_id'                           
19 3 'Structure model' '_pdbx_nonpoly_scheme.mon_id'                              
20 3 'Structure model' '_pdbx_nonpoly_scheme.ndb_seq_num'                         
21 3 'Structure model' '_pdbx_nonpoly_scheme.pdb_mon_id'                          
22 3 'Structure model' '_pdbx_nonpoly_scheme.pdb_seq_num'                         
23 3 'Structure model' '_pdbx_nonpoly_scheme.pdb_strand_id'                       
24 3 'Structure model' '_pdbx_struct_assembly.details'                            
25 3 'Structure model' '_pdbx_struct_assembly.method_details'                     
26 3 'Structure model' '_pdbx_struct_assembly_gen.asym_id_list'                   
27 3 'Structure model' '_refine.B_iso_mean'                                       
28 3 'Structure model' '_refine.ls_R_factor_R_free'                               
29 3 'Structure model' '_refine.ls_R_factor_R_work'                               
30 3 'Structure model' '_refine.ls_R_factor_obs'                                  
31 3 'Structure model' '_refine.ls_number_reflns_R_work'                          
32 3 'Structure model' '_refine.ls_number_reflns_obs'                             
33 3 'Structure model' '_refine.overall_SU_ML'                                    
34 3 'Structure model' '_refine.pdbx_ls_sigma_F'                                  
35 3 'Structure model' '_refine.pdbx_overall_phase_error'                         
36 3 'Structure model' '_refine.pdbx_stereochemistry_target_values'               
37 3 'Structure model' '_refine_hist.number_atoms_solvent'                        
38 3 'Structure model' '_refine_hist.number_atoms_total'                          
39 3 'Structure model' '_refine_hist.pdbx_number_atoms_ligand'                    
40 3 'Structure model' '_refine_hist.pdbx_number_atoms_protein'                   
41 3 'Structure model' '_refine_ls_restr.dev_ideal'                               
42 3 'Structure model' '_refine_ls_restr.number'                                  
43 3 'Structure model' '_refine_ls_restr.type'                                    
44 3 'Structure model' '_refine_ls_shell.R_factor_R_free'                         
45 3 'Structure model' '_refine_ls_shell.R_factor_R_work'                         
46 3 'Structure model' '_refine_ls_shell.number_reflns_R_work'                    
47 3 'Structure model' '_refine_ls_shell.percent_reflns_obs'                      
48 3 'Structure model' '_software.version'                                        
49 3 'Structure model' '_struct_conf.beg_auth_seq_id'                             
50 3 'Structure model' '_struct_conf.beg_label_seq_id'                            
51 3 'Structure model' '_struct_conf.end_auth_seq_id'                             
52 3 'Structure model' '_struct_conf.end_label_seq_id'                            
53 3 'Structure model' '_struct_ref_seq.db_align_beg'                             
54 3 'Structure model' '_struct_ref_seq.db_align_end'                             
55 3 'Structure model' '_struct_ref_seq.pdbx_auth_seq_align_beg'                  
56 3 'Structure model' '_struct_ref_seq.pdbx_auth_seq_align_end'                  
57 3 'Structure model' '_struct_ref_seq.seq_align_end'                            
58 3 'Structure model' '_symmetry.space_group_name_Hall'                          
# 
_pdbx_database_status.status_code                     REL 
_pdbx_database_status.status_code_sf                  REL 
_pdbx_database_status.status_code_mr                  ? 
_pdbx_database_status.entry_id                        9GVH 
_pdbx_database_status.recvd_initial_deposition_date   2024-09-24 
_pdbx_database_status.SG_entry                        N 
_pdbx_database_status.deposit_site                    PDBE 
_pdbx_database_status.process_site                    PDBE 
_pdbx_database_status.status_code_cs                  ? 
_pdbx_database_status.status_code_nmr_data            ? 
_pdbx_database_status.methods_development_category    ? 
_pdbx_database_status.pdb_format_compatible           Y 
# 
_pdbx_contact_author.id                 2 
_pdbx_contact_author.email              ahmedakrem@bzu.edu.pk 
_pdbx_contact_author.name_first         Ahmed 
_pdbx_contact_author.name_last          Akrem 
_pdbx_contact_author.name_mi            ? 
_pdbx_contact_author.role               'principal investigator/group leader' 
_pdbx_contact_author.identifier_ORCID   0000-0002-9349-2723 
# 
loop_
_audit_author.name 
_audit_author.pdbx_ordinal 
_audit_author.identifier_ORCID 
'Saeed, A.'          1 0000-0002-7820-6311 
'Betzel, C.'         2 0000-0002-3879-5019 
'Brognaro, H.'       3 0009-0005-0852-5842 
'Alves Franca, B.'   4 0000-0001-6008-6000 
'Mehmood, S.'        5 0000-0002-4335-4728 
'Rajaiah Prabhu, P.' 6 0000-0002-8312-0563 
'Ishaq, U.'          7 0000-0002-0025-5113 
'Akrem, A.'          8 0000-0002-9349-2723 
# 
_citation.abstract                  ? 
_citation.abstract_id_CAS           ? 
_citation.book_id_ISBN              ? 
_citation.book_publisher            ? 
_citation.book_publisher_city       ? 
_citation.book_title                ? 
_citation.coordinate_linkage        ? 
_citation.country                   ? 
_citation.database_id_Medline       ? 
_citation.details                   ? 
_citation.id                        primary 
_citation.journal_abbrev            'To be published' 
_citation.journal_id_ASTM           ? 
_citation.journal_id_CSD            0353 
_citation.journal_id_ISSN           ? 
_citation.journal_full              ? 
_citation.journal_issue             ? 
_citation.journal_volume            ? 
_citation.language                  ? 
_citation.page_first                ? 
_citation.page_last                 ? 
_citation.title                     'Crystal structure of Chitin Binding Protein from Iberis umbellata L.' 
_citation.year                      ? 
_citation.database_id_CSD           ? 
_citation.pdbx_database_id_DOI      ? 
_citation.pdbx_database_id_PubMed   ? 
_citation.pdbx_database_id_patent   ? 
_citation.unpublished_flag          ? 
# 
loop_
_citation_author.citation_id 
_citation_author.name 
_citation_author.ordinal 
_citation_author.identifier_ORCID 
primary 'Saeed, A.'          1 ? 
primary 'Betzel, C.'         2 ? 
primary 'Brognaro, H.'       3 ? 
primary 'Alves Franca, B.'   4 ? 
primary 'Mehmood, S.'        5 ? 
primary 'Rajaiah Prabhu, P.' 6 ? 
primary 'Ishaq, U.'          7 ? 
primary 'Akrem, A.'          8 ? 
# 
loop_
_entity.id 
_entity.type 
_entity.src_method 
_entity.pdbx_description 
_entity.formula_weight 
_entity.pdbx_number_of_molecules 
_entity.pdbx_ec 
_entity.pdbx_mutation 
_entity.pdbx_fragment 
_entity.details 
1 polymer     nat 'Chitin Binding Protein' 3658.089 1  ? ? ? ? 
2 polymer     nat 'Chitin Binding Protein' 8188.569 1  ? ? ? ? 
3 non-polymer syn 'SULFATE ION'            96.063   3  ? ? ? ? 
4 non-polymer syn 'ACETATE ION'            59.044   5  ? ? ? ? 
5 non-polymer syn 'SODIUM ION'             22.990   3  ? ? ? ? 
6 non-polymer syn 'NITRATE ION'            62.005   5  ? ? ? ? 
7 non-polymer nat 'CHLORIDE ION'           35.453   1  ? ? ? ? 
8 water       nat water                    18.015   52 ? ? ? ? 
# 
loop_
_entity_poly.entity_id 
_entity_poly.type 
_entity_poly.nstd_linkage 
_entity_poly.nstd_monomer 
_entity_poly.pdbx_seq_one_letter_code 
_entity_poly.pdbx_seq_one_letter_code_can 
_entity_poly.pdbx_strand_id 
_entity_poly.pdbx_target_identifier 
1 'polypeptide(L)' no no AGPFGPRPSCPSQFVSAHRLSACQIWIHSEATSAG                                        
AGPFGPRPSCPSQFVSAHRLSACQIWIHSEATSAG                                        A ? 
2 'polypeptide(L)' no no QQRPPLLRLCCTQLHLQNPQCTCSTLRRAAMATRTRQGIQAASQVQRLFETARHLPATCSFSQVGVCPFVAIPA 
QQRPPLLRLCCTQLHLQNPQCTCSTLRRAAMATRTRQGIQAASQVQRLFETARHLPATCSFSQVGVCPFVAIPA B ? 
# 
loop_
_pdbx_entity_nonpoly.entity_id 
_pdbx_entity_nonpoly.name 
_pdbx_entity_nonpoly.comp_id 
3 'SULFATE ION'  SO4 
4 'ACETATE ION'  ACT 
5 'SODIUM ION'   NA  
6 'NITRATE ION'  NO3 
7 'CHLORIDE ION' CL  
8 water          HOH 
# 
loop_
_entity_poly_seq.entity_id 
_entity_poly_seq.num 
_entity_poly_seq.mon_id 
_entity_poly_seq.hetero 
1 1  ALA n 
1 2  GLY n 
1 3  PRO n 
1 4  PHE n 
1 5  GLY n 
1 6  PRO n 
1 7  ARG n 
1 8  PRO n 
1 9  SER n 
1 10 CYS n 
1 11 PRO n 
1 12 SER n 
1 13 GLN n 
1 14 PHE n 
1 15 VAL n 
1 16 SER n 
1 17 ALA n 
1 18 HIS n 
1 19 ARG n 
1 20 LEU n 
1 21 SER n 
1 22 ALA n 
1 23 CYS n 
1 24 GLN n 
1 25 ILE n 
1 26 TRP n 
1 27 ILE n 
1 28 HIS n 
1 29 SER n 
1 30 GLU n 
1 31 ALA n 
1 32 THR n 
1 33 SER n 
1 34 ALA n 
1 35 GLY n 
2 1  GLN n 
2 2  GLN n 
2 3  ARG n 
2 4  PRO n 
2 5  PRO n 
2 6  LEU n 
2 7  LEU n 
2 8  ARG n 
2 9  LEU n 
2 10 CYS n 
2 11 CYS n 
2 12 THR n 
2 13 GLN n 
2 14 LEU n 
2 15 HIS n 
2 16 LEU n 
2 17 GLN n 
2 18 ASN n 
2 19 PRO n 
2 20 GLN n 
2 21 CYS n 
2 22 THR n 
2 23 CYS n 
2 24 SER n 
2 25 THR n 
2 26 LEU n 
2 27 ARG n 
2 28 ARG n 
2 29 ALA n 
2 30 ALA n 
2 31 MET n 
2 32 ALA n 
2 33 THR n 
2 34 ARG n 
2 35 THR n 
2 36 ARG n 
2 37 GLN n 
2 38 GLY n 
2 39 ILE n 
2 40 GLN n 
2 41 ALA n 
2 42 ALA n 
2 43 SER n 
2 44 GLN n 
2 45 VAL n 
2 46 GLN n 
2 47 ARG n 
2 48 LEU n 
2 49 PHE n 
2 50 GLU n 
2 51 THR n 
2 52 ALA n 
2 53 ARG n 
2 54 HIS n 
2 55 LEU n 
2 56 PRO n 
2 57 ALA n 
2 58 THR n 
2 59 CYS n 
2 60 SER n 
2 61 PHE n 
2 62 SER n 
2 63 GLN n 
2 64 VAL n 
2 65 GLY n 
2 66 VAL n 
2 67 CYS n 
2 68 PRO n 
2 69 PHE n 
2 70 VAL n 
2 71 ALA n 
2 72 ILE n 
2 73 PRO n 
2 74 ALA n 
# 
loop_
_entity_src_nat.entity_id 
_entity_src_nat.pdbx_src_id 
_entity_src_nat.pdbx_alt_source_flag 
_entity_src_nat.pdbx_beg_seq_num 
_entity_src_nat.pdbx_end_seq_num 
_entity_src_nat.common_name 
_entity_src_nat.pdbx_organism_scientific 
_entity_src_nat.pdbx_ncbi_taxonomy_id 
_entity_src_nat.genus 
_entity_src_nat.species 
_entity_src_nat.strain 
_entity_src_nat.tissue 
_entity_src_nat.tissue_fraction 
_entity_src_nat.pdbx_secretion 
_entity_src_nat.pdbx_fragment 
_entity_src_nat.pdbx_variant 
_entity_src_nat.pdbx_cell_line 
_entity_src_nat.pdbx_atcc 
_entity_src_nat.pdbx_cellular_location 
_entity_src_nat.pdbx_organ 
_entity_src_nat.pdbx_organelle 
_entity_src_nat.pdbx_cell 
_entity_src_nat.pdbx_plasmid_name 
_entity_src_nat.pdbx_plasmid_details 
_entity_src_nat.details 
1 1 sample 1 35 ? 'Iberis umbellata' 226049 ? ? ? ? ? ? ? ? ? ? ? ? ? ? ? ? ? 
2 1 sample 1 74 ? 'Iberis umbellata' 226049 ? ? ? ? ? ? ? ? ? ? ? ? ? ? ? ? ? 
# 
loop_
_chem_comp.id 
_chem_comp.type 
_chem_comp.mon_nstd_flag 
_chem_comp.name 
_chem_comp.pdbx_synonyms 
_chem_comp.formula 
_chem_comp.formula_weight 
ACT non-polymer         . 'ACETATE ION'   ? 'C2 H3 O2 -1'    59.044  
ALA 'L-peptide linking' y ALANINE         ? 'C3 H7 N O2'     89.093  
ARG 'L-peptide linking' y ARGININE        ? 'C6 H15 N4 O2 1' 175.209 
ASN 'L-peptide linking' y ASPARAGINE      ? 'C4 H8 N2 O3'    132.118 
CL  non-polymer         . 'CHLORIDE ION'  ? 'Cl -1'          35.453  
CYS 'L-peptide linking' y CYSTEINE        ? 'C3 H7 N O2 S'   121.158 
GLN 'L-peptide linking' y GLUTAMINE       ? 'C5 H10 N2 O3'   146.144 
GLU 'L-peptide linking' y 'GLUTAMIC ACID' ? 'C5 H9 N O4'     147.129 
GLY 'peptide linking'   y GLYCINE         ? 'C2 H5 N O2'     75.067  
HIS 'L-peptide linking' y HISTIDINE       ? 'C6 H10 N3 O2 1' 156.162 
HOH non-polymer         . WATER           ? 'H2 O'           18.015  
ILE 'L-peptide linking' y ISOLEUCINE      ? 'C6 H13 N O2'    131.173 
LEU 'L-peptide linking' y LEUCINE         ? 'C6 H13 N O2'    131.173 
MET 'L-peptide linking' y METHIONINE      ? 'C5 H11 N O2 S'  149.211 
NA  non-polymer         . 'SODIUM ION'    ? 'Na 1'           22.990  
NO3 non-polymer         . 'NITRATE ION'   ? 'N O3 -1'        62.005  
PHE 'L-peptide linking' y PHENYLALANINE   ? 'C9 H11 N O2'    165.189 
PRO 'L-peptide linking' y PROLINE         ? 'C5 H9 N O2'     115.130 
SER 'L-peptide linking' y SERINE          ? 'C3 H7 N O3'     105.093 
SO4 non-polymer         . 'SULFATE ION'   ? 'O4 S -2'        96.063  
THR 'L-peptide linking' y THREONINE       ? 'C4 H9 N O3'     119.119 
TRP 'L-peptide linking' y TRYPTOPHAN      ? 'C11 H12 N2 O2'  204.225 
VAL 'L-peptide linking' y VALINE          ? 'C5 H11 N O2'    117.146 
# 
loop_
_pdbx_poly_seq_scheme.asym_id 
_pdbx_poly_seq_scheme.entity_id 
_pdbx_poly_seq_scheme.seq_id 
_pdbx_poly_seq_scheme.mon_id 
_pdbx_poly_seq_scheme.ndb_seq_num 
_pdbx_poly_seq_scheme.pdb_seq_num 
_pdbx_poly_seq_scheme.auth_seq_num 
_pdbx_poly_seq_scheme.pdb_mon_id 
_pdbx_poly_seq_scheme.auth_mon_id 
_pdbx_poly_seq_scheme.pdb_strand_id 
_pdbx_poly_seq_scheme.pdb_ins_code 
_pdbx_poly_seq_scheme.hetero 
A 1 1  ALA 1  1   1   ALA ALA A . n 
A 1 2  GLY 2  2   2   GLY GLY A . n 
A 1 3  PRO 3  3   3   PRO PRO A . n 
A 1 4  PHE 4  4   4   PHE PHE A . n 
A 1 5  GLY 5  5   5   GLY GLY A . n 
A 1 6  PRO 6  6   6   PRO PRO A . n 
A 1 7  ARG 7  7   7   ARG ARG A . n 
A 1 8  PRO 8  8   8   PRO PRO A . n 
A 1 9  SER 9  9   9   SER SER A . n 
A 1 10 CYS 10 10  10  CYS CYS A . n 
A 1 11 PRO 11 11  11  PRO PRO A . n 
A 1 12 SER 12 12  12  SER SER A . n 
A 1 13 GLN 13 13  13  GLN GLN A . n 
A 1 14 PHE 14 14  14  PHE PHE A . n 
A 1 15 VAL 15 15  15  VAL VAL A . n 
A 1 16 SER 16 16  16  SER SER A . n 
A 1 17 ALA 17 17  17  ALA ALA A . n 
A 1 18 HIS 18 18  18  HIS HIS A . n 
A 1 19 ARG 19 19  19  ARG ARG A . n 
A 1 20 LEU 20 20  20  LEU LEU A . n 
A 1 21 SER 21 21  21  SER SER A . n 
A 1 22 ALA 22 22  22  ALA ALA A . n 
A 1 23 CYS 23 23  23  CYS CYS A . n 
A 1 24 GLN 24 24  24  GLN GLN A . n 
A 1 25 ILE 25 25  25  ILE ILE A . n 
A 1 26 TRP 26 26  26  TRP TRP A . n 
A 1 27 ILE 27 27  27  ILE ILE A . n 
A 1 28 HIS 28 28  28  HIS HIS A . n 
A 1 29 SER 29 29  29  SER SER A . n 
A 1 30 GLU 30 30  30  GLU GLU A . n 
A 1 31 ALA 31 31  31  ALA ALA A . n 
A 1 32 THR 32 32  32  THR THR A . n 
A 1 33 SER 33 33  33  SER SER A . n 
A 1 34 ALA 34 34  34  ALA ALA A . n 
A 1 35 GLY 35 35  35  GLY GLY A . n 
B 2 1  GLN 1  55  55  GLN GLN B . n 
B 2 2  GLN 2  56  56  GLN GLN B . n 
B 2 3  ARG 3  57  57  ARG ARG B . n 
B 2 4  PRO 4  58  58  PRO PRO B . n 
B 2 5  PRO 5  59  59  PRO PRO B . n 
B 2 6  LEU 6  60  60  LEU LEU B . n 
B 2 7  LEU 7  61  61  LEU LEU B . n 
B 2 8  ARG 8  62  62  ARG ARG B . n 
B 2 9  LEU 9  63  63  LEU LEU B . n 
B 2 10 CYS 10 64  64  CYS CYS B . n 
B 2 11 CYS 11 65  65  CYS CYS B . n 
B 2 12 THR 12 66  66  THR THR B . n 
B 2 13 GLN 13 67  67  GLN GLN B . n 
B 2 14 LEU 14 68  68  LEU LEU B . n 
B 2 15 HIS 15 69  69  HIS HIS B . n 
B 2 16 LEU 16 70  70  LEU LEU B . n 
B 2 17 GLN 17 71  71  GLN GLN B . n 
B 2 18 ASN 18 72  72  ASN ASN B . n 
B 2 19 PRO 19 73  73  PRO PRO B . n 
B 2 20 GLN 20 74  74  GLN GLN B . n 
B 2 21 CYS 21 75  75  CYS CYS B . n 
B 2 22 THR 22 76  76  THR THR B . n 
B 2 23 CYS 23 77  77  CYS CYS B . n 
B 2 24 SER 24 78  78  SER SER B . n 
B 2 25 THR 25 79  79  THR THR B . n 
B 2 26 LEU 26 80  80  LEU LEU B . n 
B 2 27 ARG 27 81  81  ARG ARG B . n 
B 2 28 ARG 28 82  82  ARG ARG B . n 
B 2 29 ALA 29 83  83  ALA ALA B . n 
B 2 30 ALA 30 84  84  ALA ALA B . n 
B 2 31 MET 31 85  85  MET MET B . n 
B 2 32 ALA 32 86  86  ALA ALA B . n 
B 2 33 THR 33 87  87  THR THR B . n 
B 2 34 ARG 34 88  88  ARG ARG B . n 
B 2 35 THR 35 89  89  THR THR B . n 
B 2 36 ARG 36 90  90  ARG ARG B . n 
B 2 37 GLN 37 91  91  GLN GLN B . n 
B 2 38 GLY 38 92  92  GLY GLY B . n 
B 2 39 ILE 39 93  93  ILE ILE B . n 
B 2 40 GLN 40 94  94  GLN GLN B . n 
B 2 41 ALA 41 95  95  ALA ALA B . n 
B 2 42 ALA 42 96  96  ALA ALA B . n 
B 2 43 SER 43 97  97  SER SER B . n 
B 2 44 GLN 44 98  98  GLN GLN B . n 
B 2 45 VAL 45 99  99  VAL VAL B . n 
B 2 46 GLN 46 100 100 GLN GLN B . n 
B 2 47 ARG 47 101 101 ARG ARG B . n 
B 2 48 LEU 48 102 102 LEU LEU B . n 
B 2 49 PHE 49 103 103 PHE PHE B . n 
B 2 50 GLU 50 104 104 GLU GLU B . n 
B 2 51 THR 51 105 105 THR THR B . n 
B 2 52 ALA 52 106 106 ALA ALA B . n 
B 2 53 ARG 53 107 107 ARG ARG B . n 
B 2 54 HIS 54 108 108 HIS HIS B . n 
B 2 55 LEU 55 109 109 LEU LEU B . n 
B 2 56 PRO 56 110 110 PRO PRO B . n 
B 2 57 ALA 57 111 111 ALA ALA B . n 
B 2 58 THR 58 112 112 THR THR B . n 
B 2 59 CYS 59 113 113 CYS CYS B . n 
B 2 60 SER 60 114 114 SER SER B . n 
B 2 61 PHE 61 115 115 PHE PHE B . n 
B 2 62 SER 62 116 116 SER SER B . n 
B 2 63 GLN 63 117 117 GLN GLN B . n 
B 2 64 VAL 64 118 118 VAL VAL B . n 
B 2 65 GLY 65 119 119 GLY GLY B . n 
B 2 66 VAL 66 120 120 VAL VAL B . n 
B 2 67 CYS 67 121 121 CYS CYS B . n 
B 2 68 PRO 68 122 122 PRO PRO B . n 
B 2 69 PHE 69 123 123 PHE PHE B . n 
B 2 70 VAL 70 124 124 VAL VAL B . n 
B 2 71 ALA 71 125 125 ALA ALA B . n 
B 2 72 ILE 72 126 126 ILE ILE B . n 
B 2 73 PRO 73 127 127 PRO PRO B . n 
B 2 74 ALA 74 128 128 ALA ALA B . n 
# 
loop_
_pdbx_entity_instance_feature.ordinal 
_pdbx_entity_instance_feature.comp_id 
_pdbx_entity_instance_feature.asym_id 
_pdbx_entity_instance_feature.seq_num 
_pdbx_entity_instance_feature.auth_comp_id 
_pdbx_entity_instance_feature.auth_asym_id 
_pdbx_entity_instance_feature.auth_seq_num 
_pdbx_entity_instance_feature.feature_type 
_pdbx_entity_instance_feature.details 
1 ACT ? ? ACT ? ? 'SUBJECT OF INVESTIGATION' ? 
2 CL  ? ? CL  ? ? 'SUBJECT OF INVESTIGATION' ? 
3 NA  ? ? NA  ? ? 'SUBJECT OF INVESTIGATION' ? 
4 NO3 ? ? NO3 ? ? 'SUBJECT OF INVESTIGATION' ? 
5 SO4 ? ? SO4 ? ? 'SUBJECT OF INVESTIGATION' ? 
# 
loop_
_pdbx_nonpoly_scheme.asym_id 
_pdbx_nonpoly_scheme.entity_id 
_pdbx_nonpoly_scheme.mon_id 
_pdbx_nonpoly_scheme.ndb_seq_num 
_pdbx_nonpoly_scheme.pdb_seq_num 
_pdbx_nonpoly_scheme.auth_seq_num 
_pdbx_nonpoly_scheme.pdb_mon_id 
_pdbx_nonpoly_scheme.auth_mon_id 
_pdbx_nonpoly_scheme.pdb_strand_id 
_pdbx_nonpoly_scheme.pdb_ins_code 
C 3 SO4 1  101 1   SO4 SO4 A . 
D 4 ACT 1  102 3   ACT ACT A . 
E 4 ACT 1  103 4   ACT ACT A . 
F 4 ACT 1  104 8   ACT ACT A . 
G 4 ACT 1  105 11  ACT ACT A . 
H 5 NA  1  106 2   NA  NA  A . 
I 6 NO3 1  107 101 NO3 NO3 A . 
J 6 NO3 1  108 102 NO3 NO3 A . 
K 6 NO3 1  109 103 NO3 NO3 A . 
L 3 SO4 1  201 2   SO4 SO4 B . 
M 3 SO4 1  202 3   SO4 SO4 B . 
N 4 ACT 1  203 10  ACT ACT B . 
O 5 NA  1  204 1   NA  NA  B . 
P 5 NA  1  205 3   NA  NA  B . 
Q 6 NO3 1  206 202 NO3 NO3 B . 
R 6 NO3 1  207 203 NO3 NO3 B . 
S 7 CL  1  208 1   CL  CL  B . 
T 8 HOH 1  201 155 HOH HOH A . 
T 8 HOH 2  202 166 HOH HOH A . 
T 8 HOH 3  203 74  HOH HOH A . 
T 8 HOH 4  204 6   HOH HOH A . 
T 8 HOH 5  205 32  HOH HOH A . 
T 8 HOH 6  206 30  HOH HOH A . 
T 8 HOH 7  207 11  HOH HOH A . 
T 8 HOH 8  208 182 HOH HOH A . 
T 8 HOH 9  209 192 HOH HOH A . 
T 8 HOH 10 210 165 HOH HOH A . 
T 8 HOH 11 211 37  HOH HOH A . 
T 8 HOH 12 212 184 HOH HOH A . 
T 8 HOH 13 213 47  HOH HOH A . 
T 8 HOH 14 214 145 HOH HOH A . 
T 8 HOH 15 215 211 HOH HOH A . 
T 8 HOH 16 216 121 HOH HOH A . 
T 8 HOH 17 217 210 HOH HOH A . 
T 8 HOH 18 218 152 HOH HOH A . 
T 8 HOH 19 219 246 HOH HOH A . 
T 8 HOH 20 220 201 HOH HOH A . 
U 8 HOH 1  301 16  HOH HOH B . 
U 8 HOH 2  302 38  HOH HOH B . 
U 8 HOH 3  303 179 HOH HOH B . 
U 8 HOH 4  304 26  HOH HOH B . 
U 8 HOH 5  305 33  HOH HOH B . 
U 8 HOH 6  306 158 HOH HOH B . 
U 8 HOH 7  307 174 HOH HOH B . 
U 8 HOH 8  308 13  HOH HOH B . 
U 8 HOH 9  309 117 HOH HOH B . 
U 8 HOH 10 310 21  HOH HOH B . 
U 8 HOH 11 311 20  HOH HOH B . 
U 8 HOH 12 312 221 HOH HOH B . 
U 8 HOH 13 313 173 HOH HOH B . 
U 8 HOH 14 314 137 HOH HOH B . 
U 8 HOH 15 315 154 HOH HOH B . 
U 8 HOH 16 316 247 HOH HOH B . 
U 8 HOH 17 317 159 HOH HOH B . 
U 8 HOH 18 318 161 HOH HOH B . 
U 8 HOH 19 319 156 HOH HOH B . 
U 8 HOH 20 320 167 HOH HOH B . 
U 8 HOH 21 321 65  HOH HOH B . 
U 8 HOH 22 322 31  HOH HOH B . 
U 8 HOH 23 323 71  HOH HOH B . 
U 8 HOH 24 324 186 HOH HOH B . 
U 8 HOH 25 325 153 HOH HOH B . 
U 8 HOH 26 326 139 HOH HOH B . 
U 8 HOH 27 327 44  HOH HOH B . 
U 8 HOH 28 328 245 HOH HOH B . 
U 8 HOH 29 329 61  HOH HOH B . 
U 8 HOH 30 330 68  HOH HOH B . 
U 8 HOH 31 331 241 HOH HOH B . 
U 8 HOH 32 332 231 HOH HOH B . 
# 
loop_
_software.citation_id 
_software.classification 
_software.compiler_name 
_software.compiler_version 
_software.contact_author 
_software.contact_author_email 
_software.date 
_software.description 
_software.dependencies 
_software.hardware 
_software.language 
_software.location 
_software.mods 
_software.name 
_software.os 
_software.os_version 
_software.type 
_software.version 
_software.pdbx_reference_DOI 
_software.pdbx_ordinal 
? refinement        ? ? ? ? ? ? ? ? ? ? ? PHENIX    ? ? ? '(1.21.2_5419: ???)' ? 1 
? 'data processing' ? ? ? ? ? ? ? ? ? ? ? autoPROC  ? ? ? .                    ? 2 
? 'data scaling'    ? ? ? ? ? ? ? ? ? ? ? pointless ? ? ? .                    ? 3 
? phasing           ? ? ? ? ? ? ? ? ? ? ? PHENIX    ? ? ? .                    ? 4 
? 'data reduction'  ? ? ? ? ? ? ? ? ? ? ? XDS       ? ? ? .                    ? 5 
# 
_cell.angle_alpha                  90.00 
_cell.angle_alpha_esd              ? 
_cell.angle_beta                   90.00 
_cell.angle_beta_esd               ? 
_cell.angle_gamma                  90.00 
_cell.angle_gamma_esd              ? 
_cell.entry_id                     9GVH 
_cell.details                      ? 
_cell.formula_units_Z              ? 
_cell.length_a                     45.135 
_cell.length_a_esd                 ? 
_cell.length_b                     73.235 
_cell.length_b_esd                 ? 
_cell.length_c                     31.250 
_cell.length_c_esd                 ? 
_cell.volume                       ? 
_cell.volume_esd                   ? 
_cell.Z_PDB                        4 
_cell.reciprocal_angle_alpha       ? 
_cell.reciprocal_angle_beta        ? 
_cell.reciprocal_angle_gamma       ? 
_cell.reciprocal_angle_alpha_esd   ? 
_cell.reciprocal_angle_beta_esd    ? 
_cell.reciprocal_angle_gamma_esd   ? 
_cell.reciprocal_length_a          ? 
_cell.reciprocal_length_b          ? 
_cell.reciprocal_length_c          ? 
_cell.reciprocal_length_a_esd      ? 
_cell.reciprocal_length_b_esd      ? 
_cell.reciprocal_length_c_esd      ? 
_cell.pdbx_unique_axis             ? 
_cell.pdbx_esd_method              ? 
# 
_symmetry.entry_id                         9GVH 
_symmetry.cell_setting                     ? 
_symmetry.Int_Tables_number                18 
_symmetry.space_group_name_Hall            ? 
_symmetry.space_group_name_H-M             'P 21 21 2' 
_symmetry.pdbx_full_space_group_name_H-M   ? 
# 
_exptl.absorpt_coefficient_mu     ? 
_exptl.absorpt_correction_T_max   ? 
_exptl.absorpt_correction_T_min   ? 
_exptl.absorpt_correction_type    ? 
_exptl.absorpt_process_details    ? 
_exptl.entry_id                   9GVH 
_exptl.crystals_number            1 
_exptl.details                    ? 
_exptl.method                     'X-RAY DIFFRACTION' 
_exptl.method_details             ? 
# 
_exptl_crystal.colour                       ? 
_exptl_crystal.density_diffrn               ? 
_exptl_crystal.density_Matthews             2.32 
_exptl_crystal.density_method               ? 
_exptl_crystal.density_percent_sol          47 
_exptl_crystal.description                  ? 
_exptl_crystal.F_000                        ? 
_exptl_crystal.id                           1 
_exptl_crystal.preparation                  ? 
_exptl_crystal.size_max                     ? 
_exptl_crystal.size_mid                     ? 
_exptl_crystal.size_min                     ? 
_exptl_crystal.size_rad                     ? 
_exptl_crystal.colour_lustre                ? 
_exptl_crystal.colour_modifier              ? 
_exptl_crystal.colour_primary               ? 
_exptl_crystal.density_meas                 ? 
_exptl_crystal.density_meas_esd             ? 
_exptl_crystal.density_meas_gt              ? 
_exptl_crystal.density_meas_lt              ? 
_exptl_crystal.density_meas_temp            ? 
_exptl_crystal.density_meas_temp_esd        ? 
_exptl_crystal.density_meas_temp_gt         ? 
_exptl_crystal.density_meas_temp_lt         ? 
_exptl_crystal.pdbx_crystal_image_url       ? 
_exptl_crystal.pdbx_crystal_image_format    ? 
_exptl_crystal.pdbx_mosaicity               ? 
_exptl_crystal.pdbx_mosaicity_esd           ? 
_exptl_crystal.pdbx_mosaic_method           ? 
_exptl_crystal.pdbx_mosaic_block_size       ? 
_exptl_crystal.pdbx_mosaic_block_size_esd   ? 
# 
_exptl_crystal_grow.apparatus       ? 
_exptl_crystal_grow.atmosphere      ? 
_exptl_crystal_grow.crystal_id      1 
_exptl_crystal_grow.details         ? 
_exptl_crystal_grow.method          'VAPOR DIFFUSION, HANGING DROP' 
_exptl_crystal_grow.method_ref      ? 
_exptl_crystal_grow.pH              4.3 
_exptl_crystal_grow.pressure        ? 
_exptl_crystal_grow.pressure_esd    ? 
_exptl_crystal_grow.seeding         ? 
_exptl_crystal_grow.seeding_ref     ? 
_exptl_crystal_grow.temp_details    ? 
_exptl_crystal_grow.temp_esd        ? 
_exptl_crystal_grow.time            ? 
_exptl_crystal_grow.pdbx_details    
;2.2M  Ammonium sulfate, 0.2M Sodium Nitrate or Ammonium nitrate/Lithium nitrate/Potasium  nitrate

16-20mg Protein in 50mM Sodium  acetate, 150mM Sodium Chloride, pH 4.3
;
_exptl_crystal_grow.pdbx_pH_range   ? 
_exptl_crystal_grow.temp            293 
# 
_diffrn.ambient_environment              ? 
_diffrn.ambient_temp                     100 
_diffrn.ambient_temp_details             ? 
_diffrn.ambient_temp_esd                 ? 
_diffrn.crystal_id                       1 
_diffrn.crystal_support                  ? 
_diffrn.crystal_treatment                ? 
_diffrn.details                          ? 
_diffrn.id                               1 
_diffrn.ambient_pressure                 ? 
_diffrn.ambient_pressure_esd             ? 
_diffrn.ambient_pressure_gt              ? 
_diffrn.ambient_pressure_lt              ? 
_diffrn.ambient_temp_gt                  ? 
_diffrn.ambient_temp_lt                  ? 
_diffrn.pdbx_serial_crystal_experiment   N 
# 
_diffrn_detector.details                      ? 
_diffrn_detector.detector                     PIXEL 
_diffrn_detector.diffrn_id                    1 
_diffrn_detector.type                         'DECTRIS EIGER2 X CdTe 16M' 
_diffrn_detector.area_resol_mean              ? 
_diffrn_detector.dtime                        ? 
_diffrn_detector.pdbx_frames_total            ? 
_diffrn_detector.pdbx_collection_time_total   ? 
_diffrn_detector.pdbx_collection_date         2024-07-22 
_diffrn_detector.pdbx_frequency               ? 
_diffrn_detector.id                           ? 
_diffrn_detector.number_of_axes               ? 
# 
_diffrn_radiation.collimation                      ? 
_diffrn_radiation.diffrn_id                        1 
_diffrn_radiation.filter_edge                      ? 
_diffrn_radiation.inhomogeneity                    ? 
_diffrn_radiation.monochromator                    'Si(111)' 
_diffrn_radiation.polarisn_norm                    ? 
_diffrn_radiation.polarisn_ratio                   ? 
_diffrn_radiation.probe                            ? 
_diffrn_radiation.type                             ? 
_diffrn_radiation.xray_symbol                      ? 
_diffrn_radiation.wavelength_id                    1 
_diffrn_radiation.pdbx_monochromatic_or_laue_m_l   M 
_diffrn_radiation.pdbx_wavelength_list             ? 
_diffrn_radiation.pdbx_wavelength                  ? 
_diffrn_radiation.pdbx_diffrn_protocol             'SINGLE WAVELENGTH' 
_diffrn_radiation.pdbx_analyzer                    ? 
_diffrn_radiation.pdbx_scattering_type             x-ray 
# 
_diffrn_radiation_wavelength.id           1 
_diffrn_radiation_wavelength.wavelength   0.976210 
_diffrn_radiation_wavelength.wt           1.0 
# 
_diffrn_source.current                     ? 
_diffrn_source.details                     ? 
_diffrn_source.diffrn_id                   1 
_diffrn_source.power                       ? 
_diffrn_source.size                        ? 
_diffrn_source.source                      SYNCHROTRON 
_diffrn_source.target                      ? 
_diffrn_source.type                        'PETRA III, EMBL c/o DESY BEAMLINE P14 (MX2)' 
_diffrn_source.voltage                     ? 
_diffrn_source.take-off_angle              ? 
_diffrn_source.pdbx_wavelength_list        0.976210 
_diffrn_source.pdbx_wavelength             ? 
_diffrn_source.pdbx_synchrotron_beamline   'P14 (MX2)' 
_diffrn_source.pdbx_synchrotron_site       'PETRA III, EMBL c/o DESY' 
# 
_reflns.B_iso_Wilson_estimate                          12.97 
_reflns.entry_id                                       9GVH 
_reflns.data_reduction_details                         ? 
_reflns.data_reduction_method                          ? 
_reflns.d_resolution_high                              1.34 
_reflns.d_resolution_low                               28.74 
_reflns.details                                        ? 
_reflns.limit_h_max                                    ? 
_reflns.limit_h_min                                    ? 
_reflns.limit_k_max                                    ? 
_reflns.limit_k_min                                    ? 
_reflns.limit_l_max                                    ? 
_reflns.limit_l_min                                    ? 
_reflns.number_all                                     ? 
_reflns.number_obs                                     23901 
_reflns.observed_criterion                             ? 
_reflns.observed_criterion_F_max                       ? 
_reflns.observed_criterion_F_min                       ? 
_reflns.observed_criterion_I_max                       ? 
_reflns.observed_criterion_I_min                       ? 
_reflns.observed_criterion_sigma_F                     ? 
_reflns.observed_criterion_sigma_I                     ? 
_reflns.percent_possible_obs                           99.90 
_reflns.R_free_details                                 ? 
_reflns.Rmerge_F_all                                   ? 
_reflns.Rmerge_F_obs                                   ? 
_reflns.Friedel_coverage                               ? 
_reflns.number_gt                                      ? 
_reflns.threshold_expression                           ? 
_reflns.pdbx_redundancy                                6.0 
_reflns.pdbx_netI_over_av_sigmaI                       4.25 
_reflns.pdbx_netI_over_sigmaI                          4.25 
_reflns.pdbx_res_netI_over_av_sigmaI_2                 ? 
_reflns.pdbx_res_netI_over_sigmaI_2                    ? 
_reflns.pdbx_chi_squared                               ? 
_reflns.pdbx_scaling_rejects                           ? 
_reflns.pdbx_d_res_high_opt                            ? 
_reflns.pdbx_d_res_low_opt                             ? 
_reflns.pdbx_d_res_opt_method                          ? 
_reflns.phase_calculation_details                      ? 
_reflns.pdbx_Rrim_I_all                                0.15 
_reflns.pdbx_Rpim_I_all                                0.06 
_reflns.pdbx_d_opt                                     ? 
_reflns.pdbx_number_measured_all                       ? 
_reflns.pdbx_diffrn_id                                 1 
_reflns.pdbx_ordinal                                   1 
_reflns.pdbx_CC_half                                   1.00 
_reflns.pdbx_CC_star                                   1.00 
_reflns.pdbx_R_split                                   ? 
_reflns.pdbx_Rmerge_I_obs                              0.14 
_reflns.pdbx_Rmerge_I_all                              ? 
_reflns.pdbx_Rsym_value                                ? 
_reflns.pdbx_CC_split_method                           ? 
_reflns.pdbx_aniso_diffraction_limit_axis_1_ortho[1]   ? 
_reflns.pdbx_aniso_diffraction_limit_axis_1_ortho[2]   ? 
_reflns.pdbx_aniso_diffraction_limit_axis_1_ortho[3]   ? 
_reflns.pdbx_aniso_diffraction_limit_axis_2_ortho[1]   ? 
_reflns.pdbx_aniso_diffraction_limit_axis_2_ortho[2]   ? 
_reflns.pdbx_aniso_diffraction_limit_axis_2_ortho[3]   ? 
_reflns.pdbx_aniso_diffraction_limit_axis_3_ortho[1]   ? 
_reflns.pdbx_aniso_diffraction_limit_axis_3_ortho[2]   ? 
_reflns.pdbx_aniso_diffraction_limit_axis_3_ortho[3]   ? 
_reflns.pdbx_aniso_diffraction_limit_1                 ? 
_reflns.pdbx_aniso_diffraction_limit_2                 ? 
_reflns.pdbx_aniso_diffraction_limit_3                 ? 
_reflns.pdbx_aniso_B_tensor_eigenvector_1_ortho[1]     ? 
_reflns.pdbx_aniso_B_tensor_eigenvector_1_ortho[2]     ? 
_reflns.pdbx_aniso_B_tensor_eigenvector_1_ortho[3]     ? 
_reflns.pdbx_aniso_B_tensor_eigenvector_2_ortho[1]     ? 
_reflns.pdbx_aniso_B_tensor_eigenvector_2_ortho[2]     ? 
_reflns.pdbx_aniso_B_tensor_eigenvector_2_ortho[3]     ? 
_reflns.pdbx_aniso_B_tensor_eigenvector_3_ortho[1]     ? 
_reflns.pdbx_aniso_B_tensor_eigenvector_3_ortho[2]     ? 
_reflns.pdbx_aniso_B_tensor_eigenvector_3_ortho[3]     ? 
_reflns.pdbx_aniso_B_tensor_eigenvalue_1               ? 
_reflns.pdbx_aniso_B_tensor_eigenvalue_2               ? 
_reflns.pdbx_aniso_B_tensor_eigenvalue_3               ? 
_reflns.pdbx_orthogonalization_convention              ? 
_reflns.pdbx_percent_possible_ellipsoidal              ? 
_reflns.pdbx_percent_possible_spherical                ? 
_reflns.pdbx_percent_possible_ellipsoidal_anomalous    ? 
_reflns.pdbx_percent_possible_spherical_anomalous      ? 
_reflns.pdbx_redundancy_anomalous                      ? 
_reflns.pdbx_CC_half_anomalous                         ? 
_reflns.pdbx_absDiff_over_sigma_anomalous              ? 
_reflns.pdbx_percent_possible_anomalous                ? 
_reflns.pdbx_observed_signal_threshold                 ? 
_reflns.pdbx_signal_type                               ? 
_reflns.pdbx_signal_details                            ? 
_reflns.pdbx_signal_software_id                        ? 
# 
_reflns_shell.d_res_high                                    1.34 
_reflns_shell.d_res_low                                     1.4 
_reflns_shell.meanI_over_sigI_all                           ? 
_reflns_shell.meanI_over_sigI_obs                           4.25 
_reflns_shell.number_measured_all                           ? 
_reflns_shell.number_measured_obs                           ? 
_reflns_shell.number_possible                               ? 
_reflns_shell.number_unique_all                             ? 
_reflns_shell.number_unique_obs                             3379 
_reflns_shell.percent_possible_obs                          ? 
_reflns_shell.Rmerge_F_all                                  ? 
_reflns_shell.Rmerge_F_obs                                  ? 
_reflns_shell.meanI_over_sigI_gt                            ? 
_reflns_shell.meanI_over_uI_all                             ? 
_reflns_shell.meanI_over_uI_gt                              ? 
_reflns_shell.number_measured_gt                            ? 
_reflns_shell.number_unique_gt                              ? 
_reflns_shell.percent_possible_gt                           ? 
_reflns_shell.Rmerge_F_gt                                   ? 
_reflns_shell.Rmerge_I_gt                                   ? 
_reflns_shell.pdbx_redundancy                               2.1 
_reflns_shell.pdbx_chi_squared                              ? 
_reflns_shell.pdbx_netI_over_sigmaI_all                     ? 
_reflns_shell.pdbx_netI_over_sigmaI_obs                     ? 
_reflns_shell.pdbx_Rrim_I_all                               0.12 
_reflns_shell.pdbx_Rpim_I_all                               0.034 
_reflns_shell.pdbx_rejects                                  ? 
_reflns_shell.pdbx_ordinal                                  1 
_reflns_shell.pdbx_diffrn_id                                1 
_reflns_shell.pdbx_CC_half                                  0.03 
_reflns_shell.pdbx_CC_star                                  0.25 
_reflns_shell.pdbx_R_split                                  ? 
_reflns_shell.percent_possible_all                          99.9 
_reflns_shell.Rmerge_I_all                                  ? 
_reflns_shell.Rmerge_I_obs                                  0.12 
_reflns_shell.pdbx_Rsym_value                               ? 
_reflns_shell.pdbx_percent_possible_ellipsoidal             ? 
_reflns_shell.pdbx_percent_possible_spherical               ? 
_reflns_shell.pdbx_percent_possible_ellipsoidal_anomalous   ? 
_reflns_shell.pdbx_percent_possible_spherical_anomalous     ? 
_reflns_shell.pdbx_redundancy_anomalous                     ? 
_reflns_shell.pdbx_CC_half_anomalous                        ? 
_reflns_shell.pdbx_absDiff_over_sigma_anomalous             ? 
_reflns_shell.pdbx_percent_possible_anomalous               ? 
# 
_refine.aniso_B[1][1]                            ? 
_refine.aniso_B[1][2]                            ? 
_refine.aniso_B[1][3]                            ? 
_refine.aniso_B[2][2]                            ? 
_refine.aniso_B[2][3]                            ? 
_refine.aniso_B[3][3]                            ? 
_refine.B_iso_max                                ? 
_refine.B_iso_mean                               ? 
_refine.B_iso_min                                ? 
_refine.correlation_coeff_Fo_to_Fc               ? 
_refine.correlation_coeff_Fo_to_Fc_free          ? 
_refine.details                                  ? 
_refine.diff_density_max                         ? 
_refine.diff_density_max_esd                     ? 
_refine.diff_density_min                         ? 
_refine.diff_density_min_esd                     ? 
_refine.diff_density_rms                         ? 
_refine.diff_density_rms_esd                     ? 
_refine.entry_id                                 9GVH 
_refine.pdbx_refine_id                           'X-RAY DIFFRACTION' 
_refine.ls_abs_structure_details                 ? 
_refine.ls_abs_structure_Flack                   ? 
_refine.ls_abs_structure_Flack_esd               ? 
_refine.ls_abs_structure_Rogers                  ? 
_refine.ls_abs_structure_Rogers_esd              ? 
_refine.ls_d_res_high                            1.34 
_refine.ls_d_res_low                             28.74 
_refine.ls_extinction_coef                       ? 
_refine.ls_extinction_coef_esd                   ? 
_refine.ls_extinction_expression                 ? 
_refine.ls_extinction_method                     ? 
_refine.ls_goodness_of_fit_all                   ? 
_refine.ls_goodness_of_fit_all_esd               ? 
_refine.ls_goodness_of_fit_obs                   ? 
_refine.ls_goodness_of_fit_obs_esd               ? 
_refine.ls_hydrogen_treatment                    ? 
_refine.ls_matrix_type                           ? 
_refine.ls_number_constraints                    ? 
_refine.ls_number_parameters                     ? 
_refine.ls_number_reflns_all                     ? 
_refine.ls_number_reflns_obs                     23896 
_refine.ls_number_reflns_R_free                  1184 
_refine.ls_number_reflns_R_work                  ? 
_refine.ls_number_restraints                     ? 
_refine.ls_percent_reflns_obs                    99.90 
_refine.ls_percent_reflns_R_free                 4.95 
_refine.ls_R_factor_all                          ? 
_refine.ls_R_factor_obs                          0.1906 
_refine.ls_R_factor_R_free                       0.2118 
_refine.ls_R_factor_R_free_error                 ? 
_refine.ls_R_factor_R_free_error_details         ? 
_refine.ls_R_factor_R_work                       0.1895 
_refine.ls_R_Fsqd_factor_obs                     ? 
_refine.ls_R_I_factor_obs                        ? 
_refine.ls_redundancy_reflns_all                 ? 
_refine.ls_redundancy_reflns_obs                 ? 
_refine.ls_restrained_S_all                      ? 
_refine.ls_restrained_S_obs                      ? 
_refine.ls_shift_over_esd_max                    ? 
_refine.ls_shift_over_esd_mean                   ? 
_refine.ls_structure_factor_coef                 ? 
_refine.ls_weighting_details                     ? 
_refine.ls_weighting_scheme                      ? 
_refine.ls_wR_factor_all                         ? 
_refine.ls_wR_factor_obs                         ? 
_refine.ls_wR_factor_R_free                      ? 
_refine.ls_wR_factor_R_work                      ? 
_refine.occupancy_max                            ? 
_refine.occupancy_min                            ? 
_refine.solvent_model_details                    'FLAT BULK SOLVENT MODEL' 
_refine.solvent_model_param_bsol                 ? 
_refine.solvent_model_param_ksol                 ? 
_refine.correlation_coeff_I_to_Fcsqd_work        ? 
_refine.correlation_coeff_I_to_Fcsqd_free        ? 
_refine.pdbx_R_complete                          ? 
_refine.ls_R_factor_gt                           ? 
_refine.ls_goodness_of_fit_gt                    ? 
_refine.ls_goodness_of_fit_ref                   ? 
_refine.ls_shift_over_su_max                     ? 
_refine.ls_shift_over_su_max_lt                  ? 
_refine.ls_shift_over_su_mean                    ? 
_refine.ls_shift_over_su_mean_lt                 ? 
_refine.pdbx_ls_sigma_I                          ? 
_refine.pdbx_ls_sigma_F                          1.37 
_refine.pdbx_ls_sigma_Fsqd                       ? 
_refine.pdbx_data_cutoff_high_absF               ? 
_refine.pdbx_data_cutoff_high_rms_absF           ? 
_refine.pdbx_data_cutoff_low_absF                ? 
_refine.pdbx_isotropic_thermal_model             ? 
_refine.pdbx_ls_cross_valid_method               'FREE R-VALUE' 
_refine.pdbx_method_to_determine_struct          'MOLECULAR REPLACEMENT' 
_refine.pdbx_starting_model                      ? 
_refine.pdbx_stereochemistry_target_values       ML 
_refine.pdbx_R_Free_selection_details            ? 
_refine.pdbx_stereochem_target_val_spec_case     ? 
_refine.pdbx_overall_ESU_R                       ? 
_refine.pdbx_overall_ESU_R_Free                  ? 
_refine.pdbx_solvent_vdw_probe_radii             1.10 
_refine.pdbx_solvent_ion_probe_radii             ? 
_refine.pdbx_solvent_shrinkage_radii             0.90 
_refine.pdbx_real_space_R                        ? 
_refine.pdbx_density_correlation                 ? 
_refine.pdbx_pd_number_of_powder_patterns        ? 
_refine.pdbx_pd_number_of_points                 ? 
_refine.pdbx_pd_meas_number_of_points            ? 
_refine.pdbx_pd_proc_ls_prof_R_factor            ? 
_refine.pdbx_pd_proc_ls_prof_wR_factor           ? 
_refine.pdbx_pd_Marquardt_correlation_coeff      ? 
_refine.pdbx_pd_Fsqrd_R_factor                   ? 
_refine.pdbx_pd_ls_matrix_band_width             ? 
_refine.pdbx_overall_phase_error                 18.81 
_refine.pdbx_overall_SU_R_free_Cruickshank_DPI   ? 
_refine.pdbx_overall_SU_R_free_Blow_DPI          ? 
_refine.pdbx_overall_SU_R_Blow_DPI               ? 
_refine.pdbx_TLS_residual_ADP_flag               ? 
_refine.pdbx_diffrn_id                           1 
_refine.overall_SU_B                             ? 
_refine.overall_SU_ML                            0.12 
_refine.overall_SU_R_Cruickshank_DPI             ? 
_refine.overall_SU_R_free                        ? 
_refine.overall_FOM_free_R_set                   ? 
_refine.overall_FOM_work_R_set                   ? 
_refine.pdbx_average_fsc_overall                 ? 
_refine.pdbx_average_fsc_work                    ? 
_refine.pdbx_average_fsc_free                    ? 
# 
_refine_hist.pdbx_refine_id                   'X-RAY DIFFRACTION' 
_refine_hist.cycle_id                         LAST 
_refine_hist.details                          ? 
_refine_hist.d_res_high                       1.34 
_refine_hist.d_res_low                        28.74 
_refine_hist.number_atoms_solvent             52 
_refine_hist.number_atoms_total               935 
_refine_hist.number_reflns_all                ? 
_refine_hist.number_reflns_obs                ? 
_refine_hist.number_reflns_R_free             ? 
_refine_hist.number_reflns_R_work             ? 
_refine_hist.R_factor_all                     ? 
_refine_hist.R_factor_obs                     ? 
_refine_hist.R_factor_R_free                  ? 
_refine_hist.R_factor_R_work                  ? 
_refine_hist.pdbx_number_residues_total       ? 
_refine_hist.pdbx_B_iso_mean_ligand           ? 
_refine_hist.pdbx_B_iso_mean_solvent          ? 
_refine_hist.pdbx_number_atoms_protein        824 
_refine_hist.pdbx_number_atoms_nucleic_acid   0 
_refine_hist.pdbx_number_atoms_ligand         59 
_refine_hist.pdbx_number_atoms_lipid          ? 
_refine_hist.pdbx_number_atoms_carb           ? 
_refine_hist.pdbx_pseudo_atom_details         ? 
# 
loop_
_refine_ls_restr.pdbx_refine_id 
_refine_ls_restr.criterion 
_refine_ls_restr.dev_ideal 
_refine_ls_restr.dev_ideal_target 
_refine_ls_restr.number 
_refine_ls_restr.rejects 
_refine_ls_restr.type 
_refine_ls_restr.weight 
_refine_ls_restr.pdbx_Zscore 
_refine_ls_restr.pdbx_restraint_function 
'X-RAY DIFFRACTION' ? 0.007  ? 885  ? f_bond_d           ? ? ? 
'X-RAY DIFFRACTION' ? 0.842  ? 1194 ? f_angle_d          ? ? ? 
'X-RAY DIFFRACTION' ? 14.039 ? 311  ? f_dihedral_angle_d ? ? ? 
'X-RAY DIFFRACTION' ? 0.083  ? 130  ? f_chiral_restr     ? ? ? 
'X-RAY DIFFRACTION' ? 0.010  ? 162  ? f_plane_restr      ? ? ? 
# 
loop_
_refine_ls_shell.pdbx_refine_id 
_refine_ls_shell.d_res_high 
_refine_ls_shell.d_res_low 
_refine_ls_shell.number_reflns_all 
_refine_ls_shell.number_reflns_obs 
_refine_ls_shell.number_reflns_R_free 
_refine_ls_shell.number_reflns_R_work 
_refine_ls_shell.percent_reflns_obs 
_refine_ls_shell.percent_reflns_R_free 
_refine_ls_shell.R_factor_all 
_refine_ls_shell.R_factor_obs 
_refine_ls_shell.R_factor_R_free_error 
_refine_ls_shell.R_factor_R_work 
_refine_ls_shell.redundancy_reflns_all 
_refine_ls_shell.redundancy_reflns_obs 
_refine_ls_shell.wR_factor_all 
_refine_ls_shell.wR_factor_obs 
_refine_ls_shell.wR_factor_R_free 
_refine_ls_shell.wR_factor_R_work 
_refine_ls_shell.pdbx_R_complete 
_refine_ls_shell.correlation_coeff_Fo_to_Fc 
_refine_ls_shell.correlation_coeff_Fo_to_Fc_free 
_refine_ls_shell.correlation_coeff_I_to_Fcsqd_work 
_refine_ls_shell.correlation_coeff_I_to_Fcsqd_free 
_refine_ls_shell.pdbx_total_number_of_bins_used 
_refine_ls_shell.pdbx_phase_error 
_refine_ls_shell.pdbx_fsc_work 
_refine_ls_shell.pdbx_fsc_free 
_refine_ls_shell.R_factor_R_free 
'X-RAY DIFFRACTION' 1.34 1.40  . . 153 2780 100.00 . . . . 0.2309 . . . . . . . . . . . . . . . 0.2248 
'X-RAY DIFFRACTION' 1.40 1.48  . . 160 2783 100.00 . . . . 0.2015 . . . . . . . . . . . . . . . 0.2190 
'X-RAY DIFFRACTION' 1.48 1.57  . . 142 2805 100.00 . . . . 0.1760 . . . . . . . . . . . . . . . 0.2317 
'X-RAY DIFFRACTION' 1.57 1.69  . . 129 2811 100.00 . . . . 0.1782 . . . . . . . . . . . . . . . 0.2049 
'X-RAY DIFFRACTION' 1.69 1.86  . . 139 2815 100.00 . . . . 0.1843 . . . . . . . . . . . . . . . 0.2005 
'X-RAY DIFFRACTION' 1.86 2.13  . . 148 2841 100.00 . . . . 0.1815 . . . . . . . . . . . . . . . 0.2055 
'X-RAY DIFFRACTION' 2.13 2.68  . . 156 2863 100.00 . . . . 0.1884 . . . . . . . . . . . . . . . 0.2426 
'X-RAY DIFFRACTION' 2.68 28.74 . . 157 3014 100.00 . . . . 0.1929 . . . . . . . . . . . . . . . 0.1963 
# 
_struct.entry_id                     9GVH 
_struct.title                        'Crystal structure of Chitin Binding Protein from Iberis umbellata L.' 
_struct.pdbx_model_details           ? 
_struct.pdbx_formula_weight          ? 
_struct.pdbx_formula_weight_method   ? 
_struct.pdbx_model_type_details      ? 
_struct.pdbx_CASP_flag               N 
# 
_struct_keywords.entry_id        9GVH 
_struct_keywords.text            
'Chitin Binding Protein, 2S Albumin, Plant Lipid Transfer protein, Seed Storage Helical Domain-Containing protein., PLANT PROTEIN' 
_struct_keywords.pdbx_keywords   'PLANT PROTEIN' 
# 
loop_
_struct_asym.id 
_struct_asym.pdbx_blank_PDB_chainid_flag 
_struct_asym.pdbx_modified 
_struct_asym.entity_id 
_struct_asym.details 
A N N 1 ? 
B N N 2 ? 
C N N 3 ? 
D N N 4 ? 
E N N 4 ? 
F N N 4 ? 
G N N 4 ? 
H N N 5 ? 
I N N 6 ? 
J N N 6 ? 
K N N 6 ? 
L N N 3 ? 
M N N 3 ? 
N N N 4 ? 
O N N 5 ? 
P N N 5 ? 
Q N N 6 ? 
R N N 6 ? 
S N N 7 ? 
T N N 8 ? 
U N N 8 ? 
# 
loop_
_struct_ref.id 
_struct_ref.db_name 
_struct_ref.db_code 
_struct_ref.pdbx_db_accession 
_struct_ref.pdbx_db_isoform 
_struct_ref.entity_id 
_struct_ref.pdbx_seq_one_letter_code 
_struct_ref.pdbx_align_begin 
1 PDB 9GVH 9GVH ? 1 ? 1 
2 PDB 9GVH 9GVH ? 2 ? 1 
# 
loop_
_struct_ref_seq.align_id 
_struct_ref_seq.ref_id 
_struct_ref_seq.pdbx_PDB_id_code 
_struct_ref_seq.pdbx_strand_id 
_struct_ref_seq.seq_align_beg 
_struct_ref_seq.pdbx_seq_align_beg_ins_code 
_struct_ref_seq.seq_align_end 
_struct_ref_seq.pdbx_seq_align_end_ins_code 
_struct_ref_seq.pdbx_db_accession 
_struct_ref_seq.db_align_beg 
_struct_ref_seq.pdbx_db_align_beg_ins_code 
_struct_ref_seq.db_align_end 
_struct_ref_seq.pdbx_db_align_end_ins_code 
_struct_ref_seq.pdbx_auth_seq_align_beg 
_struct_ref_seq.pdbx_auth_seq_align_end 
1 1 9GVH A 1 ? 35 ? 9GVH 1  ? 35  ? 1  35  
2 2 9GVH B 1 ? 74 ? 9GVH 55 ? 128 ? 55 128 
# 
_pdbx_struct_assembly.id                   1 
_pdbx_struct_assembly.details              author_defined_assembly 
_pdbx_struct_assembly.method_details       ? 
_pdbx_struct_assembly.oligomeric_details   dimeric 
_pdbx_struct_assembly.oligomeric_count     2 
# 
_pdbx_struct_assembly_gen.assembly_id       1 
_pdbx_struct_assembly_gen.oper_expression   1 
_pdbx_struct_assembly_gen.asym_id_list      A,B,C,D,E,F,G,H,I,J,K,L,M,N,O,P,Q,R,S,T,U 
# 
_pdbx_struct_assembly_auth_evidence.id                     1 
_pdbx_struct_assembly_auth_evidence.assembly_id            1 
_pdbx_struct_assembly_auth_evidence.experimental_support   SAXS 
_pdbx_struct_assembly_auth_evidence.details                ? 
# 
_pdbx_struct_oper_list.id                   1 
_pdbx_struct_oper_list.type                 'identity operation' 
_pdbx_struct_oper_list.name                 1_555 
_pdbx_struct_oper_list.symmetry_operation   x,y,z 
_pdbx_struct_oper_list.matrix[1][1]         1.0000000000 
_pdbx_struct_oper_list.matrix[1][2]         0.0000000000 
_pdbx_struct_oper_list.matrix[1][3]         0.0000000000 
_pdbx_struct_oper_list.vector[1]            0.0000000000 
_pdbx_struct_oper_list.matrix[2][1]         0.0000000000 
_pdbx_struct_oper_list.matrix[2][2]         1.0000000000 
_pdbx_struct_oper_list.matrix[2][3]         0.0000000000 
_pdbx_struct_oper_list.vector[2]            0.0000000000 
_pdbx_struct_oper_list.matrix[3][1]         0.0000000000 
_pdbx_struct_oper_list.matrix[3][2]         0.0000000000 
_pdbx_struct_oper_list.matrix[3][3]         1.0000000000 
_pdbx_struct_oper_list.vector[3]            0.0000000000 
# 
loop_
_struct_conf.conf_type_id 
_struct_conf.id 
_struct_conf.pdbx_PDB_helix_id 
_struct_conf.beg_label_comp_id 
_struct_conf.beg_label_asym_id 
_struct_conf.beg_label_seq_id 
_struct_conf.pdbx_beg_PDB_ins_code 
_struct_conf.end_label_comp_id 
_struct_conf.end_label_asym_id 
_struct_conf.end_label_seq_id 
_struct_conf.pdbx_end_PDB_ins_code 
_struct_conf.beg_auth_comp_id 
_struct_conf.beg_auth_asym_id 
_struct_conf.beg_auth_seq_id 
_struct_conf.end_auth_comp_id 
_struct_conf.end_auth_asym_id 
_struct_conf.end_auth_seq_id 
_struct_conf.pdbx_PDB_helix_class 
_struct_conf.details 
_struct_conf.pdbx_PDB_helix_length 
HELX_P HELX_P1 AA1 SER A 9  ? ALA A 17 ? SER A 9  ALA A 17  1 ? 9  
HELX_P HELX_P2 AA2 LEU A 20 ? SER A 33 ? LEU A 20 SER A 33  1 ? 14 
HELX_P HELX_P3 AA3 PRO B 4  ? HIS B 15 ? PRO B 58 HIS B 69  1 ? 12 
HELX_P HELX_P4 AA4 LEU B 16 ? GLN B 17 ? LEU B 70 GLN B 71  5 ? 2  
HELX_P HELX_P5 AA5 ASN B 18 ? GLN B 20 ? ASN B 72 GLN B 74  5 ? 3  
HELX_P HELX_P6 AA6 CYS B 21 ? GLY B 38 ? CYS B 75 GLY B 92  1 ? 18 
HELX_P HELX_P7 AA7 ALA B 41 ? CYS B 59 ? ALA B 95 CYS B 113 1 ? 19 
# 
_struct_conf_type.id          HELX_P 
_struct_conf_type.criteria    ? 
_struct_conf_type.reference   ? 
# 
loop_
_struct_conn.id 
_struct_conn.conn_type_id 
_struct_conn.pdbx_leaving_atom_flag 
_struct_conn.pdbx_PDB_id 
_struct_conn.ptnr1_label_asym_id 
_struct_conn.ptnr1_label_comp_id 
_struct_conn.ptnr1_label_seq_id 
_struct_conn.ptnr1_label_atom_id 
_struct_conn.pdbx_ptnr1_label_alt_id 
_struct_conn.pdbx_ptnr1_PDB_ins_code 
_struct_conn.pdbx_ptnr1_standard_comp_id 
_struct_conn.ptnr1_symmetry 
_struct_conn.ptnr2_label_asym_id 
_struct_conn.ptnr2_label_comp_id 
_struct_conn.ptnr2_label_seq_id 
_struct_conn.ptnr2_label_atom_id 
_struct_conn.pdbx_ptnr2_label_alt_id 
_struct_conn.pdbx_ptnr2_PDB_ins_code 
_struct_conn.ptnr1_auth_asym_id 
_struct_conn.ptnr1_auth_comp_id 
_struct_conn.ptnr1_auth_seq_id 
_struct_conn.ptnr2_auth_asym_id 
_struct_conn.ptnr2_auth_comp_id 
_struct_conn.ptnr2_auth_seq_id 
_struct_conn.ptnr2_symmetry 
_struct_conn.pdbx_ptnr3_label_atom_id 
_struct_conn.pdbx_ptnr3_label_seq_id 
_struct_conn.pdbx_ptnr3_label_comp_id 
_struct_conn.pdbx_ptnr3_label_asym_id 
_struct_conn.pdbx_ptnr3_label_alt_id 
_struct_conn.pdbx_ptnr3_PDB_ins_code 
_struct_conn.details 
_struct_conn.pdbx_dist_value 
_struct_conn.pdbx_value_order 
_struct_conn.pdbx_role 
disulf1 disulf ? ? A CYS 10 SG ? ? ? 1_555 B CYS 21 SG ? ? A CYS 10  B CYS 75  1_555 ? ? ? ? ? ? ? 2.037 ? ? 
disulf2 disulf ? ? A CYS 23 SG ? ? ? 1_555 B CYS 10 SG ? ? A CYS 23  B CYS 64  1_555 ? ? ? ? ? ? ? 2.040 ? ? 
disulf3 disulf ? ? B CYS 11 SG ? ? ? 1_555 B CYS 59 SG ? ? B CYS 65  B CYS 113 1_555 ? ? ? ? ? ? ? 2.052 ? ? 
disulf4 disulf ? ? B CYS 23 SG ? ? ? 1_555 B CYS 67 SG ? ? B CYS 77  B CYS 121 1_555 ? ? ? ? ? ? ? 2.028 ? ? 
metalc1 metalc ? ? H NA  .  NA ? ? ? 1_555 T HOH .  O  ? ? A NA  106 A HOH 220 1_555 ? ? ? ? ? ? ? 2.946 ? ? 
metalc2 metalc ? ? H NA  .  NA ? ? ? 1_555 U HOH .  O  ? ? A NA  106 B HOH 305 1_555 ? ? ? ? ? ? ? 2.899 ? ? 
metalc3 metalc ? ? H NA  .  NA ? ? ? 1_555 U HOH .  O  ? ? A NA  106 B HOH 318 4_467 ? ? ? ? ? ? ? 2.876 ? ? 
metalc4 metalc ? ? B ARG 36 O  ? ? ? 1_555 P NA  .  NA ? ? B ARG 90  B NA  205 1_555 ? ? ? ? ? ? ? 2.790 ? ? 
metalc5 metalc ? ? O NA  .  NA ? ? ? 1_555 R NO3 .  O2 ? ? B NA  204 B NO3 207 1_555 ? ? ? ? ? ? ? 2.734 ? ? 
# 
loop_
_struct_conn_type.id 
_struct_conn_type.criteria 
_struct_conn_type.reference 
disulf ? ? 
metalc ? ? 
# 
loop_
_pdbx_struct_conn_angle.id 
_pdbx_struct_conn_angle.ptnr1_label_atom_id 
_pdbx_struct_conn_angle.ptnr1_label_alt_id 
_pdbx_struct_conn_angle.ptnr1_label_asym_id 
_pdbx_struct_conn_angle.ptnr1_label_comp_id 
_pdbx_struct_conn_angle.ptnr1_label_seq_id 
_pdbx_struct_conn_angle.ptnr1_auth_atom_id 
_pdbx_struct_conn_angle.ptnr1_auth_asym_id 
_pdbx_struct_conn_angle.ptnr1_auth_comp_id 
_pdbx_struct_conn_angle.ptnr1_auth_seq_id 
_pdbx_struct_conn_angle.ptnr1_PDB_ins_code 
_pdbx_struct_conn_angle.ptnr1_symmetry 
_pdbx_struct_conn_angle.ptnr2_label_atom_id 
_pdbx_struct_conn_angle.ptnr2_label_alt_id 
_pdbx_struct_conn_angle.ptnr2_label_asym_id 
_pdbx_struct_conn_angle.ptnr2_label_comp_id 
_pdbx_struct_conn_angle.ptnr2_label_seq_id 
_pdbx_struct_conn_angle.ptnr2_auth_atom_id 
_pdbx_struct_conn_angle.ptnr2_auth_asym_id 
_pdbx_struct_conn_angle.ptnr2_auth_comp_id 
_pdbx_struct_conn_angle.ptnr2_auth_seq_id 
_pdbx_struct_conn_angle.ptnr2_PDB_ins_code 
_pdbx_struct_conn_angle.ptnr2_symmetry 
_pdbx_struct_conn_angle.ptnr3_label_atom_id 
_pdbx_struct_conn_angle.ptnr3_label_alt_id 
_pdbx_struct_conn_angle.ptnr3_label_asym_id 
_pdbx_struct_conn_angle.ptnr3_label_comp_id 
_pdbx_struct_conn_angle.ptnr3_label_seq_id 
_pdbx_struct_conn_angle.ptnr3_auth_atom_id 
_pdbx_struct_conn_angle.ptnr3_auth_asym_id 
_pdbx_struct_conn_angle.ptnr3_auth_comp_id 
_pdbx_struct_conn_angle.ptnr3_auth_seq_id 
_pdbx_struct_conn_angle.ptnr3_PDB_ins_code 
_pdbx_struct_conn_angle.ptnr3_symmetry 
_pdbx_struct_conn_angle.value 
_pdbx_struct_conn_angle.value_esd 
1 O ? T HOH . ? A HOH 220 ? 1_555 NA ? H NA . ? A NA 106 ? 1_555 O ? U HOH . ? B HOH 305 ? 1_555 138.2 ? 
2 O ? T HOH . ? A HOH 220 ? 1_555 NA ? H NA . ? A NA 106 ? 1_555 O ? U HOH . ? B HOH 318 ? 4_467 111.0 ? 
3 O ? U HOH . ? B HOH 305 ? 1_555 NA ? H NA . ? A NA 106 ? 1_555 O ? U HOH . ? B HOH 318 ? 4_467 103.9 ? 
# 
loop_
_pdbx_modification_feature.ordinal 
_pdbx_modification_feature.label_comp_id 
_pdbx_modification_feature.label_asym_id 
_pdbx_modification_feature.label_seq_id 
_pdbx_modification_feature.label_alt_id 
_pdbx_modification_feature.modified_residue_label_comp_id 
_pdbx_modification_feature.modified_residue_label_asym_id 
_pdbx_modification_feature.modified_residue_label_seq_id 
_pdbx_modification_feature.modified_residue_label_alt_id 
_pdbx_modification_feature.auth_comp_id 
_pdbx_modification_feature.auth_asym_id 
_pdbx_modification_feature.auth_seq_id 
_pdbx_modification_feature.PDB_ins_code 
_pdbx_modification_feature.symmetry 
_pdbx_modification_feature.modified_residue_auth_comp_id 
_pdbx_modification_feature.modified_residue_auth_asym_id 
_pdbx_modification_feature.modified_residue_auth_seq_id 
_pdbx_modification_feature.modified_residue_PDB_ins_code 
_pdbx_modification_feature.modified_residue_symmetry 
_pdbx_modification_feature.comp_id_linking_atom 
_pdbx_modification_feature.modified_residue_id_linking_atom 
_pdbx_modification_feature.modified_residue_id 
_pdbx_modification_feature.ref_pcm_id 
_pdbx_modification_feature.ref_comp_id 
_pdbx_modification_feature.type 
_pdbx_modification_feature.category 
1 CYS A 10 ? CYS B 21 ? CYS A 10 ? 1_555 CYS B 75  ? 1_555 SG SG . . . None 'Disulfide bridge' 
2 CYS A 23 ? CYS B 10 ? CYS A 23 ? 1_555 CYS B 64  ? 1_555 SG SG . . . None 'Disulfide bridge' 
3 CYS B 11 ? CYS B 59 ? CYS B 65 ? 1_555 CYS B 113 ? 1_555 SG SG . . . None 'Disulfide bridge' 
4 CYS B 23 ? CYS B 67 ? CYS B 77 ? 1_555 CYS B 121 ? 1_555 SG SG . . . None 'Disulfide bridge' 
# 
_pdbx_entry_details.entry_id                   9GVH 
_pdbx_entry_details.nonpolymer_details         ? 
_pdbx_entry_details.sequence_details           ? 
_pdbx_entry_details.compound_details           ? 
_pdbx_entry_details.source_details             ? 
_pdbx_entry_details.has_ligand_of_interest     Y 
_pdbx_entry_details.has_protein_modification   Y 
# 
loop_
_space_group_symop.id 
_space_group_symop.operation_xyz 
1 x,y,z           
2 x+1/2,-y+1/2,-z 
3 -x+1/2,y+1/2,-z 
4 -x,-y,z         
# 
loop_
_chem_comp_atom.comp_id 
_chem_comp_atom.atom_id 
_chem_comp_atom.type_symbol 
_chem_comp_atom.pdbx_aromatic_flag 
_chem_comp_atom.pdbx_stereo_config 
_chem_comp_atom.pdbx_ordinal 
ACT C    C  N N 1   
ACT O    O  N N 2   
ACT OXT  O  N N 3   
ACT CH3  C  N N 4   
ACT H1   H  N N 5   
ACT H2   H  N N 6   
ACT H3   H  N N 7   
ALA N    N  N N 8   
ALA CA   C  N S 9   
ALA C    C  N N 10  
ALA O    O  N N 11  
ALA CB   C  N N 12  
ALA OXT  O  N N 13  
ALA H    H  N N 14  
ALA H2   H  N N 15  
ALA HA   H  N N 16  
ALA HB1  H  N N 17  
ALA HB2  H  N N 18  
ALA HB3  H  N N 19  
ALA HXT  H  N N 20  
ARG N    N  N N 21  
ARG CA   C  N S 22  
ARG C    C  N N 23  
ARG O    O  N N 24  
ARG CB   C  N N 25  
ARG CG   C  N N 26  
ARG CD   C  N N 27  
ARG NE   N  N N 28  
ARG CZ   C  N N 29  
ARG NH1  N  N N 30  
ARG NH2  N  N N 31  
ARG OXT  O  N N 32  
ARG H    H  N N 33  
ARG H2   H  N N 34  
ARG HA   H  N N 35  
ARG HB2  H  N N 36  
ARG HB3  H  N N 37  
ARG HG2  H  N N 38  
ARG HG3  H  N N 39  
ARG HD2  H  N N 40  
ARG HD3  H  N N 41  
ARG HE   H  N N 42  
ARG HH11 H  N N 43  
ARG HH12 H  N N 44  
ARG HH21 H  N N 45  
ARG HH22 H  N N 46  
ARG HXT  H  N N 47  
ASN N    N  N N 48  
ASN CA   C  N S 49  
ASN C    C  N N 50  
ASN O    O  N N 51  
ASN CB   C  N N 52  
ASN CG   C  N N 53  
ASN OD1  O  N N 54  
ASN ND2  N  N N 55  
ASN OXT  O  N N 56  
ASN H    H  N N 57  
ASN H2   H  N N 58  
ASN HA   H  N N 59  
ASN HB2  H  N N 60  
ASN HB3  H  N N 61  
ASN HD21 H  N N 62  
ASN HD22 H  N N 63  
ASN HXT  H  N N 64  
CL  CL   CL N N 65  
CYS N    N  N N 66  
CYS CA   C  N R 67  
CYS C    C  N N 68  
CYS O    O  N N 69  
CYS CB   C  N N 70  
CYS SG   S  N N 71  
CYS OXT  O  N N 72  
CYS H    H  N N 73  
CYS H2   H  N N 74  
CYS HA   H  N N 75  
CYS HB2  H  N N 76  
CYS HB3  H  N N 77  
CYS HG   H  N N 78  
CYS HXT  H  N N 79  
GLN N    N  N N 80  
GLN CA   C  N S 81  
GLN C    C  N N 82  
GLN O    O  N N 83  
GLN CB   C  N N 84  
GLN CG   C  N N 85  
GLN CD   C  N N 86  
GLN OE1  O  N N 87  
GLN NE2  N  N N 88  
GLN OXT  O  N N 89  
GLN H    H  N N 90  
GLN H2   H  N N 91  
GLN HA   H  N N 92  
GLN HB2  H  N N 93  
GLN HB3  H  N N 94  
GLN HG2  H  N N 95  
GLN HG3  H  N N 96  
GLN HE21 H  N N 97  
GLN HE22 H  N N 98  
GLN HXT  H  N N 99  
GLU N    N  N N 100 
GLU CA   C  N S 101 
GLU C    C  N N 102 
GLU O    O  N N 103 
GLU CB   C  N N 104 
GLU CG   C  N N 105 
GLU CD   C  N N 106 
GLU OE1  O  N N 107 
GLU OE2  O  N N 108 
GLU OXT  O  N N 109 
GLU H    H  N N 110 
GLU H2   H  N N 111 
GLU HA   H  N N 112 
GLU HB2  H  N N 113 
GLU HB3  H  N N 114 
GLU HG2  H  N N 115 
GLU HG3  H  N N 116 
GLU HE2  H  N N 117 
GLU HXT  H  N N 118 
GLY N    N  N N 119 
GLY CA   C  N N 120 
GLY C    C  N N 121 
GLY O    O  N N 122 
GLY OXT  O  N N 123 
GLY H    H  N N 124 
GLY H2   H  N N 125 
GLY HA2  H  N N 126 
GLY HA3  H  N N 127 
GLY HXT  H  N N 128 
HIS N    N  N N 129 
HIS CA   C  N S 130 
HIS C    C  N N 131 
HIS O    O  N N 132 
HIS CB   C  N N 133 
HIS CG   C  Y N 134 
HIS ND1  N  Y N 135 
HIS CD2  C  Y N 136 
HIS CE1  C  Y N 137 
HIS NE2  N  Y N 138 
HIS OXT  O  N N 139 
HIS H    H  N N 140 
HIS H2   H  N N 141 
HIS HA   H  N N 142 
HIS HB2  H  N N 143 
HIS HB3  H  N N 144 
HIS HD1  H  N N 145 
HIS HD2  H  N N 146 
HIS HE1  H  N N 147 
HIS HE2  H  N N 148 
HIS HXT  H  N N 149 
HOH O    O  N N 150 
HOH H1   H  N N 151 
HOH H2   H  N N 152 
ILE N    N  N N 153 
ILE CA   C  N S 154 
ILE C    C  N N 155 
ILE O    O  N N 156 
ILE CB   C  N S 157 
ILE CG1  C  N N 158 
ILE CG2  C  N N 159 
ILE CD1  C  N N 160 
ILE OXT  O  N N 161 
ILE H    H  N N 162 
ILE H2   H  N N 163 
ILE HA   H  N N 164 
ILE HB   H  N N 165 
ILE HG12 H  N N 166 
ILE HG13 H  N N 167 
ILE HG21 H  N N 168 
ILE HG22 H  N N 169 
ILE HG23 H  N N 170 
ILE HD11 H  N N 171 
ILE HD12 H  N N 172 
ILE HD13 H  N N 173 
ILE HXT  H  N N 174 
LEU N    N  N N 175 
LEU CA   C  N S 176 
LEU C    C  N N 177 
LEU O    O  N N 178 
LEU CB   C  N N 179 
LEU CG   C  N N 180 
LEU CD1  C  N N 181 
LEU CD2  C  N N 182 
LEU OXT  O  N N 183 
LEU H    H  N N 184 
LEU H2   H  N N 185 
LEU HA   H  N N 186 
LEU HB2  H  N N 187 
LEU HB3  H  N N 188 
LEU HG   H  N N 189 
LEU HD11 H  N N 190 
LEU HD12 H  N N 191 
LEU HD13 H  N N 192 
LEU HD21 H  N N 193 
LEU HD22 H  N N 194 
LEU HD23 H  N N 195 
LEU HXT  H  N N 196 
MET N    N  N N 197 
MET CA   C  N S 198 
MET C    C  N N 199 
MET O    O  N N 200 
MET CB   C  N N 201 
MET CG   C  N N 202 
MET SD   S  N N 203 
MET CE   C  N N 204 
MET OXT  O  N N 205 
MET H    H  N N 206 
MET H2   H  N N 207 
MET HA   H  N N 208 
MET HB2  H  N N 209 
MET HB3  H  N N 210 
MET HG2  H  N N 211 
MET HG3  H  N N 212 
MET HE1  H  N N 213 
MET HE2  H  N N 214 
MET HE3  H  N N 215 
MET HXT  H  N N 216 
NA  NA   NA N N 217 
NO3 N    N  N N 218 
NO3 O1   O  N N 219 
NO3 O2   O  N N 220 
NO3 O3   O  N N 221 
PHE N    N  N N 222 
PHE CA   C  N S 223 
PHE C    C  N N 224 
PHE O    O  N N 225 
PHE CB   C  N N 226 
PHE CG   C  Y N 227 
PHE CD1  C  Y N 228 
PHE CD2  C  Y N 229 
PHE CE1  C  Y N 230 
PHE CE2  C  Y N 231 
PHE CZ   C  Y N 232 
PHE OXT  O  N N 233 
PHE H    H  N N 234 
PHE H2   H  N N 235 
PHE HA   H  N N 236 
PHE HB2  H  N N 237 
PHE HB3  H  N N 238 
PHE HD1  H  N N 239 
PHE HD2  H  N N 240 
PHE HE1  H  N N 241 
PHE HE2  H  N N 242 
PHE HZ   H  N N 243 
PHE HXT  H  N N 244 
PRO N    N  N N 245 
PRO CA   C  N S 246 
PRO C    C  N N 247 
PRO O    O  N N 248 
PRO CB   C  N N 249 
PRO CG   C  N N 250 
PRO CD   C  N N 251 
PRO OXT  O  N N 252 
PRO H    H  N N 253 
PRO HA   H  N N 254 
PRO HB2  H  N N 255 
PRO HB3  H  N N 256 
PRO HG2  H  N N 257 
PRO HG3  H  N N 258 
PRO HD2  H  N N 259 
PRO HD3  H  N N 260 
PRO HXT  H  N N 261 
SER N    N  N N 262 
SER CA   C  N S 263 
SER C    C  N N 264 
SER O    O  N N 265 
SER CB   C  N N 266 
SER OG   O  N N 267 
SER OXT  O  N N 268 
SER H    H  N N 269 
SER H2   H  N N 270 
SER HA   H  N N 271 
SER HB2  H  N N 272 
SER HB3  H  N N 273 
SER HG   H  N N 274 
SER HXT  H  N N 275 
SO4 S    S  N N 276 
SO4 O1   O  N N 277 
SO4 O2   O  N N 278 
SO4 O3   O  N N 279 
SO4 O4   O  N N 280 
THR N    N  N N 281 
THR CA   C  N S 282 
THR C    C  N N 283 
THR O    O  N N 284 
THR CB   C  N R 285 
THR OG1  O  N N 286 
THR CG2  C  N N 287 
THR OXT  O  N N 288 
THR H    H  N N 289 
THR H2   H  N N 290 
THR HA   H  N N 291 
THR HB   H  N N 292 
THR HG1  H  N N 293 
THR HG21 H  N N 294 
THR HG22 H  N N 295 
THR HG23 H  N N 296 
THR HXT  H  N N 297 
TRP N    N  N N 298 
TRP CA   C  N S 299 
TRP C    C  N N 300 
TRP O    O  N N 301 
TRP CB   C  N N 302 
TRP CG   C  Y N 303 
TRP CD1  C  Y N 304 
TRP CD2  C  Y N 305 
TRP NE1  N  Y N 306 
TRP CE2  C  Y N 307 
TRP CE3  C  Y N 308 
TRP CZ2  C  Y N 309 
TRP CZ3  C  Y N 310 
TRP CH2  C  Y N 311 
TRP OXT  O  N N 312 
TRP H    H  N N 313 
TRP H2   H  N N 314 
TRP HA   H  N N 315 
TRP HB2  H  N N 316 
TRP HB3  H  N N 317 
TRP HD1  H  N N 318 
TRP HE1  H  N N 319 
TRP HE3  H  N N 320 
TRP HZ2  H  N N 321 
TRP HZ3  H  N N 322 
TRP HH2  H  N N 323 
TRP HXT  H  N N 324 
VAL N    N  N N 325 
VAL CA   C  N S 326 
VAL C    C  N N 327 
VAL O    O  N N 328 
VAL CB   C  N N 329 
VAL CG1  C  N N 330 
VAL CG2  C  N N 331 
VAL OXT  O  N N 332 
VAL H    H  N N 333 
VAL H2   H  N N 334 
VAL HA   H  N N 335 
VAL HB   H  N N 336 
VAL HG11 H  N N 337 
VAL HG12 H  N N 338 
VAL HG13 H  N N 339 
VAL HG21 H  N N 340 
VAL HG22 H  N N 341 
VAL HG23 H  N N 342 
VAL HXT  H  N N 343 
# 
loop_
_chem_comp_bond.comp_id 
_chem_comp_bond.atom_id_1 
_chem_comp_bond.atom_id_2 
_chem_comp_bond.value_order 
_chem_comp_bond.pdbx_aromatic_flag 
_chem_comp_bond.pdbx_stereo_config 
_chem_comp_bond.pdbx_ordinal 
ACT C   O    doub N N 1   
ACT C   OXT  sing N N 2   
ACT C   CH3  sing N N 3   
ACT CH3 H1   sing N N 4   
ACT CH3 H2   sing N N 5   
ACT CH3 H3   sing N N 6   
ALA N   CA   sing N N 7   
ALA N   H    sing N N 8   
ALA N   H2   sing N N 9   
ALA CA  C    sing N N 10  
ALA CA  CB   sing N N 11  
ALA CA  HA   sing N N 12  
ALA C   O    doub N N 13  
ALA C   OXT  sing N N 14  
ALA CB  HB1  sing N N 15  
ALA CB  HB2  sing N N 16  
ALA CB  HB3  sing N N 17  
ALA OXT HXT  sing N N 18  
ARG N   CA   sing N N 19  
ARG N   H    sing N N 20  
ARG N   H2   sing N N 21  
ARG CA  C    sing N N 22  
ARG CA  CB   sing N N 23  
ARG CA  HA   sing N N 24  
ARG C   O    doub N N 25  
ARG C   OXT  sing N N 26  
ARG CB  CG   sing N N 27  
ARG CB  HB2  sing N N 28  
ARG CB  HB3  sing N N 29  
ARG CG  CD   sing N N 30  
ARG CG  HG2  sing N N 31  
ARG CG  HG3  sing N N 32  
ARG CD  NE   sing N N 33  
ARG CD  HD2  sing N N 34  
ARG CD  HD3  sing N N 35  
ARG NE  CZ   sing N N 36  
ARG NE  HE   sing N N 37  
ARG CZ  NH1  sing N N 38  
ARG CZ  NH2  doub N N 39  
ARG NH1 HH11 sing N N 40  
ARG NH1 HH12 sing N N 41  
ARG NH2 HH21 sing N N 42  
ARG NH2 HH22 sing N N 43  
ARG OXT HXT  sing N N 44  
ASN N   CA   sing N N 45  
ASN N   H    sing N N 46  
ASN N   H2   sing N N 47  
ASN CA  C    sing N N 48  
ASN CA  CB   sing N N 49  
ASN CA  HA   sing N N 50  
ASN C   O    doub N N 51  
ASN C   OXT  sing N N 52  
ASN CB  CG   sing N N 53  
ASN CB  HB2  sing N N 54  
ASN CB  HB3  sing N N 55  
ASN CG  OD1  doub N N 56  
ASN CG  ND2  sing N N 57  
ASN ND2 HD21 sing N N 58  
ASN ND2 HD22 sing N N 59  
ASN OXT HXT  sing N N 60  
CYS N   CA   sing N N 61  
CYS N   H    sing N N 62  
CYS N   H2   sing N N 63  
CYS CA  C    sing N N 64  
CYS CA  CB   sing N N 65  
CYS CA  HA   sing N N 66  
CYS C   O    doub N N 67  
CYS C   OXT  sing N N 68  
CYS CB  SG   sing N N 69  
CYS CB  HB2  sing N N 70  
CYS CB  HB3  sing N N 71  
CYS SG  HG   sing N N 72  
CYS OXT HXT  sing N N 73  
GLN N   CA   sing N N 74  
GLN N   H    sing N N 75  
GLN N   H2   sing N N 76  
GLN CA  C    sing N N 77  
GLN CA  CB   sing N N 78  
GLN CA  HA   sing N N 79  
GLN C   O    doub N N 80  
GLN C   OXT  sing N N 81  
GLN CB  CG   sing N N 82  
GLN CB  HB2  sing N N 83  
GLN CB  HB3  sing N N 84  
GLN CG  CD   sing N N 85  
GLN CG  HG2  sing N N 86  
GLN CG  HG3  sing N N 87  
GLN CD  OE1  doub N N 88  
GLN CD  NE2  sing N N 89  
GLN NE2 HE21 sing N N 90  
GLN NE2 HE22 sing N N 91  
GLN OXT HXT  sing N N 92  
GLU N   CA   sing N N 93  
GLU N   H    sing N N 94  
GLU N   H2   sing N N 95  
GLU CA  C    sing N N 96  
GLU CA  CB   sing N N 97  
GLU CA  HA   sing N N 98  
GLU C   O    doub N N 99  
GLU C   OXT  sing N N 100 
GLU CB  CG   sing N N 101 
GLU CB  HB2  sing N N 102 
GLU CB  HB3  sing N N 103 
GLU CG  CD   sing N N 104 
GLU CG  HG2  sing N N 105 
GLU CG  HG3  sing N N 106 
GLU CD  OE1  doub N N 107 
GLU CD  OE2  sing N N 108 
GLU OE2 HE2  sing N N 109 
GLU OXT HXT  sing N N 110 
GLY N   CA   sing N N 111 
GLY N   H    sing N N 112 
GLY N   H2   sing N N 113 
GLY CA  C    sing N N 114 
GLY CA  HA2  sing N N 115 
GLY CA  HA3  sing N N 116 
GLY C   O    doub N N 117 
GLY C   OXT  sing N N 118 
GLY OXT HXT  sing N N 119 
HIS N   CA   sing N N 120 
HIS N   H    sing N N 121 
HIS N   H2   sing N N 122 
HIS CA  C    sing N N 123 
HIS CA  CB   sing N N 124 
HIS CA  HA   sing N N 125 
HIS C   O    doub N N 126 
HIS C   OXT  sing N N 127 
HIS CB  CG   sing N N 128 
HIS CB  HB2  sing N N 129 
HIS CB  HB3  sing N N 130 
HIS CG  ND1  sing Y N 131 
HIS CG  CD2  doub Y N 132 
HIS ND1 CE1  doub Y N 133 
HIS ND1 HD1  sing N N 134 
HIS CD2 NE2  sing Y N 135 
HIS CD2 HD2  sing N N 136 
HIS CE1 NE2  sing Y N 137 
HIS CE1 HE1  sing N N 138 
HIS NE2 HE2  sing N N 139 
HIS OXT HXT  sing N N 140 
HOH O   H1   sing N N 141 
HOH O   H2   sing N N 142 
ILE N   CA   sing N N 143 
ILE N   H    sing N N 144 
ILE N   H2   sing N N 145 
ILE CA  C    sing N N 146 
ILE CA  CB   sing N N 147 
ILE CA  HA   sing N N 148 
ILE C   O    doub N N 149 
ILE C   OXT  sing N N 150 
ILE CB  CG1  sing N N 151 
ILE CB  CG2  sing N N 152 
ILE CB  HB   sing N N 153 
ILE CG1 CD1  sing N N 154 
ILE CG1 HG12 sing N N 155 
ILE CG1 HG13 sing N N 156 
ILE CG2 HG21 sing N N 157 
ILE CG2 HG22 sing N N 158 
ILE CG2 HG23 sing N N 159 
ILE CD1 HD11 sing N N 160 
ILE CD1 HD12 sing N N 161 
ILE CD1 HD13 sing N N 162 
ILE OXT HXT  sing N N 163 
LEU N   CA   sing N N 164 
LEU N   H    sing N N 165 
LEU N   H2   sing N N 166 
LEU CA  C    sing N N 167 
LEU CA  CB   sing N N 168 
LEU CA  HA   sing N N 169 
LEU C   O    doub N N 170 
LEU C   OXT  sing N N 171 
LEU CB  CG   sing N N 172 
LEU CB  HB2  sing N N 173 
LEU CB  HB3  sing N N 174 
LEU CG  CD1  sing N N 175 
LEU CG  CD2  sing N N 176 
LEU CG  HG   sing N N 177 
LEU CD1 HD11 sing N N 178 
LEU CD1 HD12 sing N N 179 
LEU CD1 HD13 sing N N 180 
LEU CD2 HD21 sing N N 181 
LEU CD2 HD22 sing N N 182 
LEU CD2 HD23 sing N N 183 
LEU OXT HXT  sing N N 184 
MET N   CA   sing N N 185 
MET N   H    sing N N 186 
MET N   H2   sing N N 187 
MET CA  C    sing N N 188 
MET CA  CB   sing N N 189 
MET CA  HA   sing N N 190 
MET C   O    doub N N 191 
MET C   OXT  sing N N 192 
MET CB  CG   sing N N 193 
MET CB  HB2  sing N N 194 
MET CB  HB3  sing N N 195 
MET CG  SD   sing N N 196 
MET CG  HG2  sing N N 197 
MET CG  HG3  sing N N 198 
MET SD  CE   sing N N 199 
MET CE  HE1  sing N N 200 
MET CE  HE2  sing N N 201 
MET CE  HE3  sing N N 202 
MET OXT HXT  sing N N 203 
NO3 N   O1   doub N N 204 
NO3 N   O2   sing N N 205 
NO3 N   O3   sing N N 206 
PHE N   CA   sing N N 207 
PHE N   H    sing N N 208 
PHE N   H2   sing N N 209 
PHE CA  C    sing N N 210 
PHE CA  CB   sing N N 211 
PHE CA  HA   sing N N 212 
PHE C   O    doub N N 213 
PHE C   OXT  sing N N 214 
PHE CB  CG   sing N N 215 
PHE CB  HB2  sing N N 216 
PHE CB  HB3  sing N N 217 
PHE CG  CD1  doub Y N 218 
PHE CG  CD2  sing Y N 219 
PHE CD1 CE1  sing Y N 220 
PHE CD1 HD1  sing N N 221 
PHE CD2 CE2  doub Y N 222 
PHE CD2 HD2  sing N N 223 
PHE CE1 CZ   doub Y N 224 
PHE CE1 HE1  sing N N 225 
PHE CE2 CZ   sing Y N 226 
PHE CE2 HE2  sing N N 227 
PHE CZ  HZ   sing N N 228 
PHE OXT HXT  sing N N 229 
PRO N   CA   sing N N 230 
PRO N   CD   sing N N 231 
PRO N   H    sing N N 232 
PRO CA  C    sing N N 233 
PRO CA  CB   sing N N 234 
PRO CA  HA   sing N N 235 
PRO C   O    doub N N 236 
PRO C   OXT  sing N N 237 
PRO CB  CG   sing N N 238 
PRO CB  HB2  sing N N 239 
PRO CB  HB3  sing N N 240 
PRO CG  CD   sing N N 241 
PRO CG  HG2  sing N N 242 
PRO CG  HG3  sing N N 243 
PRO CD  HD2  sing N N 244 
PRO CD  HD3  sing N N 245 
PRO OXT HXT  sing N N 246 
SER N   CA   sing N N 247 
SER N   H    sing N N 248 
SER N   H2   sing N N 249 
SER CA  C    sing N N 250 
SER CA  CB   sing N N 251 
SER CA  HA   sing N N 252 
SER C   O    doub N N 253 
SER C   OXT  sing N N 254 
SER CB  OG   sing N N 255 
SER CB  HB2  sing N N 256 
SER CB  HB3  sing N N 257 
SER OG  HG   sing N N 258 
SER OXT HXT  sing N N 259 
SO4 S   O1   doub N N 260 
SO4 S   O2   doub N N 261 
SO4 S   O3   sing N N 262 
SO4 S   O4   sing N N 263 
THR N   CA   sing N N 264 
THR N   H    sing N N 265 
THR N   H2   sing N N 266 
THR CA  C    sing N N 267 
THR CA  CB   sing N N 268 
THR CA  HA   sing N N 269 
THR C   O    doub N N 270 
THR C   OXT  sing N N 271 
THR CB  OG1  sing N N 272 
THR CB  CG2  sing N N 273 
THR CB  HB   sing N N 274 
THR OG1 HG1  sing N N 275 
THR CG2 HG21 sing N N 276 
THR CG2 HG22 sing N N 277 
THR CG2 HG23 sing N N 278 
THR OXT HXT  sing N N 279 
TRP N   CA   sing N N 280 
TRP N   H    sing N N 281 
TRP N   H2   sing N N 282 
TRP CA  C    sing N N 283 
TRP CA  CB   sing N N 284 
TRP CA  HA   sing N N 285 
TRP C   O    doub N N 286 
TRP C   OXT  sing N N 287 
TRP CB  CG   sing N N 288 
TRP CB  HB2  sing N N 289 
TRP CB  HB3  sing N N 290 
TRP CG  CD1  doub Y N 291 
TRP CG  CD2  sing Y N 292 
TRP CD1 NE1  sing Y N 293 
TRP CD1 HD1  sing N N 294 
TRP CD2 CE2  doub Y N 295 
TRP CD2 CE3  sing Y N 296 
TRP NE1 CE2  sing Y N 297 
TRP NE1 HE1  sing N N 298 
TRP CE2 CZ2  sing Y N 299 
TRP CE3 CZ3  doub Y N 300 
TRP CE3 HE3  sing N N 301 
TRP CZ2 CH2  doub Y N 302 
TRP CZ2 HZ2  sing N N 303 
TRP CZ3 CH2  sing Y N 304 
TRP CZ3 HZ3  sing N N 305 
TRP CH2 HH2  sing N N 306 
TRP OXT HXT  sing N N 307 
VAL N   CA   sing N N 308 
VAL N   H    sing N N 309 
VAL N   H2   sing N N 310 
VAL CA  C    sing N N 311 
VAL CA  CB   sing N N 312 
VAL CA  HA   sing N N 313 
VAL C   O    doub N N 314 
VAL C   OXT  sing N N 315 
VAL CB  CG1  sing N N 316 
VAL CB  CG2  sing N N 317 
VAL CB  HB   sing N N 318 
VAL CG1 HG11 sing N N 319 
VAL CG1 HG12 sing N N 320 
VAL CG1 HG13 sing N N 321 
VAL CG2 HG21 sing N N 322 
VAL CG2 HG22 sing N N 323 
VAL CG2 HG23 sing N N 324 
VAL OXT HXT  sing N N 325 
# 
_pdbx_audit_support.funding_organization   'Other government' 
_pdbx_audit_support.country                Pakistan 
_pdbx_audit_support.grant_number           'IRSIP 51 BMS 32' 
_pdbx_audit_support.ordinal                1 
# 
_pdbx_initial_refinement_model.id               1 
_pdbx_initial_refinement_model.entity_id_list   ? 
_pdbx_initial_refinement_model.type             'experimental model' 
_pdbx_initial_refinement_model.source_name      PDB 
_pdbx_initial_refinement_model.accession_code   6VJ0 
_pdbx_initial_refinement_model.details          ? 
# 
_pdbx_related_exp_data_set.ordinal              1 
_pdbx_related_exp_data_set.data_reference       10.51093/xrd-00317 
_pdbx_related_exp_data_set.metadata_reference   ? 
_pdbx_related_exp_data_set.data_set_type        'diffraction image data' 
_pdbx_related_exp_data_set.details              ? 
# 
_space_group.name_H-M_alt     'P 21 21 2' 
_space_group.name_Hall        'P 2 2ab' 
_space_group.IT_number        18 
_space_group.crystal_system   orthorhombic 
_space_group.id               1 
# 
_atom_sites.entry_id                    9GVH 
_atom_sites.Cartn_transf_matrix[1][1]   ? 
_atom_sites.Cartn_transf_matrix[1][2]   ? 
_atom_sites.Cartn_transf_matrix[1][3]   ? 
_atom_sites.Cartn_transf_matrix[2][1]   ? 
_atom_sites.Cartn_transf_matrix[2][2]   ? 
_atom_sites.Cartn_transf_matrix[2][3]   ? 
_atom_sites.Cartn_transf_matrix[3][1]   ? 
_atom_sites.Cartn_transf_matrix[3][2]   ? 
_atom_sites.Cartn_transf_matrix[3][3]   ? 
_atom_sites.Cartn_transf_vector[1]      ? 
_atom_sites.Cartn_transf_vector[2]      ? 
_atom_sites.Cartn_transf_vector[3]      ? 
_atom_sites.Cartn_transform_axes        ? 
_atom_sites.fract_transf_matrix[1][1]   -0.00040716 
_atom_sites.fract_transf_matrix[1][2]   0.01992278 
_atom_sites.fract_transf_matrix[1][3]   0.00968531 
_atom_sites.fract_transf_matrix[2][1]   -0.01362198 
_atom_sites.fract_transf_matrix[2][2]   -0.00062540 
_atom_sites.fract_transf_matrix[2][3]   0.00071381 
_atom_sites.fract_transf_matrix[3][1]   0.00214486 
_atom_sites.fract_transf_matrix[3][2]   -0.01392397 
_atom_sites.fract_transf_matrix[3][3]   0.02873191 
_atom_sites.fract_transf_vector[1]      0.058078 
_atom_sites.fract_transf_vector[2]      0.664520 
_atom_sites.fract_transf_vector[3]      0.858958 
_atom_sites.solution_primary            ? 
_atom_sites.solution_secondary          ? 
_atom_sites.solution_hydrogens          ? 
_atom_sites.special_details             ? 
# 
loop_
_atom_type.symbol 
_atom_type.scat_dispersion_real 
_atom_type.scat_dispersion_imag 
_atom_type.scat_Cromer_Mann_a1 
_atom_type.scat_Cromer_Mann_a2 
_atom_type.scat_Cromer_Mann_a3 
_atom_type.scat_Cromer_Mann_a4 
_atom_type.scat_Cromer_Mann_b1 
_atom_type.scat_Cromer_Mann_b2 
_atom_type.scat_Cromer_Mann_b3 
_atom_type.scat_Cromer_Mann_b4 
_atom_type.scat_Cromer_Mann_c 
_atom_type.scat_source 
_atom_type.scat_dispersion_source 
C    ? ? 3.54356 2.42580 ? ? 25.62398 1.50364  ? ? 0.0 
;2-Gaussian fit: Grosse-Kunstleve RW, Sauter NK, Adams PD: Newsletter of the IUCr Commission on Crystallographic Computing 2004, 3, 22-31.
;
? 
CL   ? ? ?       ?       ? ? ?        ?        ? ? ?   ? ? 
LI   ? ? ?       ?       ? ? ?        ?        ? ? ?   ? ? 
LI1+ ? ? 1.98889 ?       ? ? 2.88828  ?        ? ? 0.0 
;1-Gaussian fit: Grosse-Kunstleve RW, Sauter NK, Adams PD: Newsletter of the IUCr Commission on Crystallographic Computing 2004, 3, 22-31.
;
? 
N    ? ? 4.01032 2.96436 ? ? 19.97189 1.75589  ? ? 0.0 
;2-Gaussian fit: Grosse-Kunstleve RW, Sauter NK, Adams PD: Newsletter of the IUCr Commission on Crystallographic Computing 2004, 3, 22-31.
;
? 
NA   ? ? 9.38062 1.54875 ? ? 3.38349  72.32734 ? ? 0.0 
;2-Gaussian fit: Grosse-Kunstleve RW, Sauter NK, Adams PD: Newsletter of the IUCr Commission on Crystallographic Computing 2004, 3, 22-31.
;
? 
O    ? ? 4.49882 3.47563 ? ? 15.80542 1.70748  ? ? 0.0 
;2-Gaussian fit: Grosse-Kunstleve RW, Sauter NK, Adams PD: Newsletter of the IUCr Commission on Crystallographic Computing 2004, 3, 22-31.
;
? 
O1-  ? ? 5.12366 3.84317 ? ? 3.49406  27.47979 ? ? 0.0 
;2-Gaussian fit: Grosse-Kunstleve RW, Sauter NK, Adams PD: Newsletter of the IUCr Commission on Crystallographic Computing 2004, 3, 22-31.
;
? 
S    ? ? 9.55732 6.39887 ? ? 1.23737  29.19336 ? ? 0.0 
;2-Gaussian fit: Grosse-Kunstleve RW, Sauter NK, Adams PD: Newsletter of the IUCr Commission on Crystallographic Computing 2004, 3, 22-31.
;
? 
# 
loop_
_atom_site.group_PDB 
_atom_site.id 
_atom_site.type_symbol 
_atom_site.label_atom_id 
_atom_site.label_alt_id 
_atom_site.label_comp_id 
_atom_site.label_asym_id 
_atom_site.label_entity_id 
_atom_site.label_seq_id 
_atom_site.pdbx_PDB_ins_code 
_atom_site.Cartn_x 
_atom_site.Cartn_y 
_atom_site.Cartn_z 
_atom_site.occupancy 
_atom_site.B_iso_or_equiv 
_atom_site.pdbx_formal_charge 
_atom_site.auth_seq_id 
_atom_site.auth_comp_id 
_atom_site.auth_asym_id 
_atom_site.auth_atom_id 
_atom_site.pdbx_PDB_model_num 
ATOM   1   N  N   . ALA A 1 1  ? -7.767  -20.127 16.529  1.00 20.56 ?  1   ALA A N   1 
ATOM   2   C  CA  . ALA A 1 1  ? -6.454  -20.226 15.917  1.00 17.63 ?  1   ALA A CA  1 
ATOM   3   C  C   . ALA A 1 1  ? -5.888  -21.593 16.258  1.00 18.42 ?  1   ALA A C   1 
ATOM   4   O  O   . ALA A 1 1  ? -6.240  -22.179 17.280  1.00 20.57 ?  1   ALA A O   1 
ATOM   5   C  CB  . ALA A 1 1  ? -5.545  -19.132 16.436  1.00 19.11 ?  1   ALA A CB  1 
ATOM   6   N  N   . GLY A 1 2  ? -5.010  -22.110 15.417  1.00 17.21 ?  2   GLY A N   1 
ATOM   7   C  CA  . GLY A 1 2  ? -4.412  -23.399 15.675  1.00 17.00 ?  2   GLY A CA  1 
ATOM   8   C  C   . GLY A 1 2  ? -3.249  -23.669 14.755  1.00 16.69 ?  2   GLY A C   1 
ATOM   9   O  O   . GLY A 1 2  ? -2.993  -22.914 13.810  1.00 16.03 ?  2   GLY A O   1 
ATOM   10  N  N   . PRO A 1 3  ? -2.513  -24.756 15.009  1.00 16.76 ?  3   PRO A N   1 
ATOM   11  C  CA  . PRO A 1 3  ? -1.329  -25.042 14.188  1.00 17.58 ?  3   PRO A CA  1 
ATOM   12  C  C   . PRO A 1 3  ? -1.652  -25.273 12.726  1.00 14.73 ?  3   PRO A C   1 
ATOM   13  O  O   . PRO A 1 3  ? -0.766  -25.125 11.877  1.00 16.99 ?  3   PRO A O   1 
ATOM   14  C  CB  . PRO A 1 3  ? -0.732  -26.300 14.840  1.00 19.21 ?  3   PRO A CB  1 
ATOM   15  C  CG  . PRO A 1 3  ? -1.868  -26.909 15.580  1.00 21.09 ?  3   PRO A CG  1 
ATOM   16  C  CD  . PRO A 1 3  ? -2.710  -25.765 16.063  1.00 19.06 ?  3   PRO A CD  1 
ATOM   17  N  N   . PHE A 1 4  ? -2.895  -25.628 12.403  1.00 14.87 ?  4   PHE A N   1 
ATOM   18  C  CA  . PHE A 1 4  ? -3.288  -25.894 11.029  1.00 15.31 ?  4   PHE A CA  1 
ATOM   19  C  C   . PHE A 1 4  ? -4.243  -24.848 10.479  1.00 16.00 ?  4   PHE A C   1 
ATOM   20  O  O   . PHE A 1 4  ? -4.893  -25.089 9.457   1.00 15.06 ?  4   PHE A O   1 
ATOM   21  C  CB  . PHE A 1 4  ? -3.867  -27.304 10.925  1.00 16.52 ?  4   PHE A CB  1 
ATOM   22  C  CG  . PHE A 1 4  ? -2.932  -28.349 11.437  1.00 16.93 ?  4   PHE A CG  1 
ATOM   23  C  CD1 . PHE A 1 4  ? -1.859  -28.728 10.675  1.00 16.34 ?  4   PHE A CD1 1 
ATOM   24  C  CD2 . PHE A 1 4  ? -3.089  -28.896 12.701  1.00 17.26 ?  4   PHE A CD2 1 
ATOM   25  C  CE1 . PHE A 1 4  ? -0.959  -29.669 11.140  1.00 16.34 ?  4   PHE A CE1 1 
ATOM   26  C  CE2 . PHE A 1 4  ? -2.186  -29.843 13.169  1.00 20.55 ?  4   PHE A CE2 1 
ATOM   27  C  CZ  . PHE A 1 4  ? -1.130  -30.218 12.380  1.00 18.41 ?  4   PHE A CZ  1 
ATOM   28  N  N   . GLY A 1 5  ? -4.338  -23.683 11.131  1.00 13.03 ?  5   GLY A N   1 
ATOM   29  C  CA  . GLY A 1 5  ? -5.118  -22.597 10.612  1.00 12.88 ?  5   GLY A CA  1 
ATOM   30  C  C   . GLY A 1 5  ? -4.475  -21.977 9.382   1.00 13.86 ?  5   GLY A C   1 
ATOM   31  O  O   . GLY A 1 5  ? -3.366  -22.347 8.967   1.00 13.69 ?  5   GLY A O   1 
ATOM   32  N  N   . PRO A 1 6  ? -5.172  -21.015 8.782   1.00 11.81 ?  6   PRO A N   1 
ATOM   33  C  CA  . PRO A 1 6  ? -4.609  -20.369 7.584   1.00 12.84 ?  6   PRO A CA  1 
ATOM   34  C  C   . PRO A 1 6  ? -3.270  -19.691 7.832   1.00 13.60 ?  6   PRO A C   1 
ATOM   35  O  O   . PRO A 1 6  ? -2.414  -19.702 6.942   1.00 15.02 ?  6   PRO A O   1 
ATOM   36  C  CB  . PRO A 1 6  ? -5.712  -19.398 7.138   1.00 13.50 ?  6   PRO A CB  1 
ATOM   37  C  CG  . PRO A 1 6  ? -6.614  -19.245 8.317   1.00 15.20 ?  6   PRO A CG  1 
ATOM   38  C  CD  . PRO A 1 6  ? -6.526  -20.538 9.096   1.00 12.51 ?  6   PRO A CD  1 
ATOM   39  N  N   . ARG A 1 7  ? -3.053  -19.129 9.026   1.00 12.57 ?  7   ARG A N   1 
ATOM   40  C  CA  . ARG A 1 7  ? -1.768  -18.598 9.466   1.00 12.84 ?  7   ARG A CA  1 
ATOM   41  C  C   . ARG A 1 7  ? -1.100  -17.694 8.432   1.00 12.17 ?  7   ARG A C   1 
ATOM   42  O  O   . ARG A 1 7  ? -0.017  -18.021 7.927   1.00 14.51 ?  7   ARG A O   1 
ATOM   43  C  CB  . ARG A 1 7  ? -0.846  -19.748 9.885   1.00 14.43 ?  7   ARG A CB  1 
ATOM   44  C  CG  . ARG A 1 7  ? -1.327  -20.455 11.161  1.00 14.05 ?  7   ARG A CG  1 
ATOM   45  C  CD  . ARG A 1 7  ? -0.640  -21.797 11.372  1.00 15.49 ?  7   ARG A CD  1 
ATOM   46  N  NE  . ARG A 1 7  ? 0.786   -21.684 11.649  1.00 24.23 ?  7   ARG A NE  1 
ATOM   47  C  CZ  . ARG A 1 7  ? 1.329   -21.726 12.859  1.00 27.16 ?  7   ARG A CZ  1 
ATOM   48  N  NH1 . ARG A 1 7  ? 0.582   -21.790 13.957  1.00 25.17 ?  7   ARG A NH1 1 
ATOM   49  N  NH2 . ARG A 1 7  ? 2.656   -21.708 12.971  1.00 26.57 ?  7   ARG A NH2 1 
ATOM   50  N  N   . PRO A 1 8  ? -1.692  -16.547 8.120   1.00 12.17 ?  8   PRO A N   1 
ATOM   51  C  CA  . PRO A 1 8  ? -1.069  -15.618 7.165   1.00 12.71 ?  8   PRO A CA  1 
ATOM   52  C  C   . PRO A 1 8  ? 0.319   -15.187 7.615   1.00 12.65 ?  8   PRO A C   1 
ATOM   53  O  O   . PRO A 1 8  ? 0.548   -14.896 8.791   1.00 13.08 ?  8   PRO A O   1 
ATOM   54  C  CB  . PRO A 1 8  ? -2.026  -14.420 7.161   1.00 14.76 ?  8   PRO A CB  1 
ATOM   55  C  CG  . PRO A 1 8  ? -3.348  -14.948 7.694   1.00 13.11 ?  8   PRO A CG  1 
ATOM   56  C  CD  . PRO A 1 8  ? -2.966  -16.043 8.654   1.00 13.17 ?  8   PRO A CD  1 
ATOM   57  N  N   . SER A 1 9  ? 1.235   -15.099 6.660   1.00 12.25 ?  9   SER A N   1 
ATOM   58  C  CA  . SER A 1 9  ? 2.584   -14.599 6.895   1.00 14.53 ?  9   SER A CA  1 
ATOM   59  C  C   . SER A 1 9  ? 2.718   -13.354 6.029   1.00 12.93 ?  9   SER A C   1 
ATOM   60  O  O   . SER A 1 9  ? 3.015   -13.447 4.841   1.00 14.10 ?  9   SER A O   1 
ATOM   61  C  CB  . SER A 1 9  ? 3.618   -15.660 6.550   1.00 14.93 ?  9   SER A CB  1 
ATOM   62  O  OG  . SER A 1 9  ? 3.426   -16.827 7.358   1.00 25.11 ?  9   SER A OG  1 
ATOM   63  N  N   . CYS A 1 10 ? 2.457   -12.195 6.624   1.00 13.47 ?  10  CYS A N   1 
ATOM   64  C  CA  . CYS A 1 10 ? 2.429   -10.964 5.837   1.00 13.19 ?  10  CYS A CA  1 
ATOM   65  C  C   . CYS A 1 10 ? 3.721   -10.663 5.079   1.00 14.25 ?  10  CYS A C   1 
ATOM   66  O  O   . CYS A 1 10 ? 3.630   -10.277 3.899   1.00 13.89 ?  10  CYS A O   1 
ATOM   67  C  CB  . CYS A 1 10 ? 1.980   -9.786  6.710   1.00 15.03 ?  10  CYS A CB  1 
ATOM   68  S  SG  . CYS A 1 10 ? 0.360   -9.998  7.504   1.00 14.38 ?  10  CYS A SG  1 
ATOM   69  N  N   . PRO A 1 11 ? 4.919   -10.798 5.657   1.00 14.27 ?  11  PRO A N   1 
ATOM   70  C  CA  . PRO A 1 11 ? 6.127   -10.493 4.868   1.00 16.00 ?  11  PRO A CA  1 
ATOM   71  C  C   . PRO A 1 11 ? 6.292   -11.409 3.670   1.00 14.77 ?  11  PRO A C   1 
ATOM   72  O  O   . PRO A 1 11 ? 6.750   -10.969 2.603   1.00 15.47 ?  11  PRO A O   1 
ATOM   73  C  CB  . PRO A 1 11 ? 7.263   -10.662 5.887   1.00 16.71 ?  11  PRO A CB  1 
ATOM   74  C  CG  . PRO A 1 11 ? 6.603   -10.450 7.219   1.00 17.81 ?  11  PRO A CG  1 
ATOM   75  C  CD  . PRO A 1 11 ? 5.242   -11.054 7.074   1.00 15.35 ?  11  PRO A CD  1 
ATOM   76  N  N   . SER A 1 12 ? 5.922   -12.680 3.813   1.00 15.57 ?  12  SER A N   1 
ATOM   77  C  CA  . SER A 1 12 ? 6.000   -13.595 2.684   1.00 15.42 ?  12  SER A CA  1 
ATOM   78  C  C   . SER A 1 12 ? 4.986   -13.220 1.615   1.00 14.31 ?  12  SER A C   1 
ATOM   79  O  O   . SER A 1 12 ? 5.293   -13.259 0.422   1.00 15.69 ?  12  SER A O   1 
ATOM   80  C  CB  . SER A 1 12 ? 5.787   -15.031 3.170   1.00 17.61 ?  12  SER A CB  1 
ATOM   81  O  OG  . SER A 1 12 ? 5.998   -15.966 2.127   1.00 24.82 ?  12  SER A OG  1 
ATOM   82  N  N   . GLN A 1 13 ? 3.771   -12.837 2.023   1.00 13.28 ?  13  GLN A N   1 
ATOM   83  C  CA  . GLN A 1 13 ? 2.777   -12.431 1.036   1.00 13.49 ?  13  GLN A CA  1 
ATOM   84  C  C   . GLN A 1 13 ? 3.226   -11.178 0.300   1.00 13.27 ?  13  GLN A C   1 
ATOM   85  O  O   . GLN A 1 13 ? 3.009   -11.054 -0.910  1.00 12.90 ?  13  GLN A O   1 
ATOM   86  C  CB  . GLN A 1 13 ? 1.428   -12.198 1.710   1.00 13.72 ?  13  GLN A CB  1 
ATOM   87  C  CG  . GLN A 1 13 ? 0.844   -13.466 2.282   1.00 13.60 ?  13  GLN A CG  1 
ATOM   88  C  CD  . GLN A 1 13 ? -0.469  -13.239 2.976   1.00 14.05 ?  13  GLN A CD  1 
ATOM   89  O  OE1 . GLN A 1 13 ? -1.068  -12.172 2.908   1.00 12.83 ?  13  GLN A OE1 1 
ATOM   90  N  NE2 . GLN A 1 13 ? -0.934  -14.264 3.651   1.00 13.23 ?  13  GLN A NE2 1 
ATOM   91  N  N   . PHE A 1 14 ? 3.870   -10.255 1.018   1.00 12.79 ?  14  PHE A N   1 
ATOM   92  C  CA  . PHE A 1 14 ? 4.371   -9.028  0.408   1.00 13.49 ?  14  PHE A CA  1 
ATOM   93  C  C   . PHE A 1 14 ? 5.376   -9.337  -0.695  1.00 13.72 ?  14  PHE A C   1 
ATOM   94  O  O   . PHE A 1 14 ? 5.276   -8.799  -1.804  1.00 13.28 ?  14  PHE A O   1 
ATOM   95  C  CB  . PHE A 1 14 ? 4.999   -8.157  1.498   1.00 13.00 ?  14  PHE A CB  1 
ATOM   96  C  CG  . PHE A 1 14 ? 5.520   -6.819  1.012   1.00 12.77 ?  14  PHE A CG  1 
ATOM   97  C  CD1 . PHE A 1 14 ? 4.647   -5.857  0.530   1.00 12.62 ?  14  PHE A CD1 1 
ATOM   98  C  CD2 . PHE A 1 14 ? 6.873   -6.513  1.075   1.00 13.94 ?  14  PHE A CD2 1 
ATOM   99  C  CE1 . PHE A 1 14 ? 5.107   -4.623  0.109   1.00 13.11 ?  14  PHE A CE1 1 
ATOM   100 C  CE2 . PHE A 1 14 ? 7.345   -5.279  0.647   1.00 14.68 ?  14  PHE A CE2 1 
ATOM   101 C  CZ  . PHE A 1 14 ? 6.456   -4.329  0.174   1.00 13.93 ?  14  PHE A CZ  1 
ATOM   102 N  N   . VAL A 1 15 ? 6.358   -10.199 -0.418  1.00 13.66 ?  15  VAL A N   1 
ATOM   103 C  CA  . VAL A 1 15 ? 7.335   -10.496 -1.463  1.00 15.65 ?  15  VAL A CA  1 
ATOM   104 C  C   . VAL A 1 15 ? 6.708   -11.314 -2.588  1.00 15.30 ?  15  VAL A C   1 
ATOM   105 O  O   . VAL A 1 15 ? 7.036   -11.118 -3.765  1.00 17.06 ?  15  VAL A O   1 
ATOM   106 C  CB  . VAL A 1 15 ? 8.612   -11.130 -0.880  1.00 20.98 ?  15  VAL A CB  1 
ATOM   107 C  CG1 . VAL A 1 15 ? 9.245   -10.205 0.130   1.00 23.10 ?  15  VAL A CG1 1 
ATOM   108 C  CG2 . VAL A 1 15 ? 8.306   -12.456 -0.266  1.00 20.86 ?  15  VAL A CG2 1 
ATOM   109 N  N   . SER A 1 16 ? 5.778   -12.208 -2.268  1.00 14.64 ?  16  SER A N   1 
ATOM   110 C  CA  . SER A 1 16 ? 5.074   -12.952 -3.307  1.00 16.37 ?  16  SER A CA  1 
ATOM   111 C  C   . SER A 1 16 ? 4.249   -12.030 -4.201  1.00 16.41 ?  16  SER A C   1 
ATOM   112 O  O   . SER A 1 16 ? 4.061   -12.319 -5.389  1.00 18.97 ?  16  SER A O   1 
ATOM   113 C  CB  . SER A 1 16 ? 4.206   -14.034 -2.658  1.00 18.74 ?  16  SER A CB  1 
ATOM   114 O  OG  . SER A 1 16 ? 5.008   -15.059 -2.086  1.00 28.29 ?  16  SER A OG  1 
ATOM   115 N  N   . ALA A 1 17 ? 3.765   -10.910 -3.655  1.00 14.25 ?  17  ALA A N   1 
ATOM   116 C  CA  . ALA A 1 17 ? 3.001   -9.910  -4.390  1.00 14.22 ?  17  ALA A CA  1 
ATOM   117 C  C   . ALA A 1 17 ? 3.888   -8.854  -5.034  1.00 14.03 ?  17  ALA A C   1 
ATOM   118 O  O   . ALA A 1 17 ? 3.438   -7.726  -5.257  1.00 12.76 ?  17  ALA A O   1 
ATOM   119 C  CB  . ALA A 1 17 ? 1.966   -9.251  -3.473  1.00 14.62 ?  17  ALA A CB  1 
ATOM   120 N  N   . HIS A 1 18 ? 5.150   -9.194  -5.299  1.00 13.57 ?  18  HIS A N   1 
ATOM   121 C  CA  . HIS A 1 18 ? 6.094   -8.301  -5.969  1.00 13.02 ?  18  HIS A CA  1 
ATOM   122 C  C   . HIS A 1 18 ? 6.319   -7.016  -5.193  1.00 11.52 ?  18  HIS A C   1 
ATOM   123 O  O   . HIS A 1 18 ? 6.597   -5.968  -5.772  1.00 11.89 ?  18  HIS A O   1 
ATOM   124 C  CB  . HIS A 1 18 ? 5.700   -8.056  -7.424  1.00 14.96 ?  18  HIS A CB  1 
ATOM   125 C  CG  . HIS A 1 18 ? 5.654   -9.315  -8.226  1.00 16.68 ?  18  HIS A CG  1 
ATOM   126 N  ND1 . HIS A 1 18 ? 4.492   -10.025 -8.443  1.00 23.53 ?  18  HIS A ND1 1 
ATOM   127 C  CD2 . HIS A 1 18 ? 6.644   -10.028 -8.811  1.00 22.87 ?  18  HIS A CD2 1 
ATOM   128 C  CE1 . HIS A 1 18 ? 4.764   -11.104 -9.155  1.00 23.22 ?  18  HIS A CE1 1 
ATOM   129 N  NE2 . HIS A 1 18 ? 6.062   -11.131 -9.392  1.00 25.64 ?  18  HIS A NE2 1 
ATOM   130 N  N   . ARG A 1 19 ? 6.238   -7.126  -3.870  1.00 12.06 ?  19  ARG A N   1 
ATOM   131 C  CA  . ARG A 1 19 ? 6.374   -5.990  -2.967  1.00 11.71 ?  19  ARG A CA  1 
ATOM   132 C  C   . ARG A 1 19 ? 5.421   -4.861  -3.334  1.00 11.17 ?  19  ARG A C   1 
ATOM   133 O  O   . ARG A 1 19 ? 5.729   -3.690  -3.146  1.00 12.08 ?  19  ARG A O   1 
ATOM   134 C  CB  . ARG A 1 19 ? 7.824   -5.522  -2.842  1.00 13.52 ?  19  ARG A CB  1 
ATOM   135 C  CG  . ARG A 1 19 ? 8.687   -6.645  -2.301  1.00 15.61 ?  19  ARG A CG  1 
ATOM   136 C  CD  . ARG A 1 19 ? 10.081  -6.210  -2.040  1.00 16.30 ?  19  ARG A CD  1 
ATOM   137 N  NE  . ARG A 1 19 ? 10.869  -7.348  -1.583  1.00 15.83 ?  19  ARG A NE  1 
ATOM   138 C  CZ  . ARG A 1 19 ? 11.885  -7.246  -0.743  1.00 15.50 ?  19  ARG A CZ  1 
ATOM   139 N  NH1 . ARG A 1 19 ? 12.222  -6.081  -0.212  1.00 17.78 ?  19  ARG A NH1 1 
ATOM   140 N  NH2 . ARG A 1 19 ? 12.581  -8.340  -0.431  1.00 17.14 ?  19  ARG A NH2 1 
ATOM   141 N  N   . LEU A 1 20 ? 4.261   -5.232  -3.874  1.00 11.17 ?  20  LEU A N   1 
ATOM   142 C  CA  . LEU A 1 20 ? 3.256   -4.257  -4.293  1.00 11.59 ?  20  LEU A CA  1 
ATOM   143 C  C   . LEU A 1 20 ? 3.878   -3.189  -5.190  1.00 10.96 ?  20  LEU A C   1 
ATOM   144 O  O   . LEU A 1 20 ? 3.591   -1.997  -5.068  1.00 10.27 ?  20  LEU A O   1 
ATOM   145 C  CB  . LEU A 1 20 ? 2.548   -3.627  -3.090  1.00 12.00 ?  20  LEU A CB  1 
ATOM   146 C  CG  . LEU A 1 20 ? 1.927   -4.594  -2.087  1.00 10.98 ?  20  LEU A CG  1 
ATOM   147 C  CD1 . LEU A 1 20 ? 1.338   -3.822  -0.936  1.00 11.59 ?  20  LEU A CD1 1 
ATOM   148 C  CD2 . LEU A 1 20 ? 0.863   -5.470  -2.756  1.00 12.31 ?  20  LEU A CD2 1 
ATOM   149 N  N   . SER A 1 21 ? 4.745   -3.626  -6.108  1.00 11.58 ?  21  SER A N   1 
ATOM   150 C  CA  . SER A 1 21 ? 5.528   -2.679  -6.898  1.00 11.28 ?  21  SER A CA  1 
ATOM   151 C  C   . SER A 1 21 ? 4.657   -1.725  -7.712  1.00 10.25 ?  21  SER A C   1 
ATOM   152 O  O   . SER A 1 21 ? 5.032   -0.558  -7.880  1.00 10.31 ?  21  SER A O   1 
ATOM   153 C  CB  . SER A 1 21 ? 6.502   -3.427  -7.800  1.00 14.67 ?  21  SER A CB  1 
ATOM   154 O  OG  . SER A 1 21 ? 5.806   -4.254  -8.672  1.00 17.67 ?  21  SER A OG  1 
ATOM   155 N  N   . ALA A 1 22 ? 3.497   -2.174  -8.201  1.00 10.05 ?  22  ALA A N   1 
ATOM   156 C  CA  . ALA A 1 22 ? 2.616   -1.266  -8.928  1.00 10.99 ?  22  ALA A CA  1 
ATOM   157 C  C   . ALA A 1 22 ? 1.977   -0.263  -7.978  1.00 10.69 ?  22  ALA A C   1 
ATOM   158 O  O   . ALA A 1 22 ? 1.790   0.909   -8.335  1.00 10.43 ?  22  ALA A O   1 
ATOM   159 C  CB  . ALA A 1 22 ? 1.551   -2.045  -9.706  1.00 12.42 ?  22  ALA A CB  1 
ATOM   160 N  N   . CYS A 1 23 ? 1.641   -0.701  -6.760  1.00 10.17 ?  23  CYS A N   1 
ATOM   161 C  CA  . CYS A 1 23 ? 1.174   0.236   -5.744  1.00 10.02 ?  23  CYS A CA  1 
ATOM   162 C  C   . CYS A 1 23 ? 2.254   1.254   -5.403  1.00 10.36 ?  23  CYS A C   1 
ATOM   163 O  O   . CYS A 1 23 ? 1.957   2.441   -5.215  1.00 9.49  ?  23  CYS A O   1 
ATOM   164 C  CB  . CYS A 1 23 ? 0.742   -0.505  -4.484  1.00 10.37 ?  23  CYS A CB  1 
ATOM   165 S  SG  . CYS A 1 23 ? -0.542  -1.719  -4.746  1.00 10.02 ?  23  CYS A SG  1 
ATOM   166 N  N   . GLN A 1 24 ? 3.520   0.810   -5.308  1.00 10.05 ?  24  GLN A N   1 
ATOM   167 C  CA  . GLN A 1 24 ? 4.603   1.752   -5.043  1.00 10.08 ?  24  GLN A CA  1 
ATOM   168 C  C   . GLN A 1 24 ? 4.691   2.815   -6.129  1.00 10.48 ?  24  GLN A C   1 
ATOM   169 O  O   . GLN A 1 24 ? 4.828   4.002   -5.821  1.00 10.19 ?  24  GLN A O   1 
ATOM   170 C  CB  . GLN A 1 24 ? 5.931   1.012   -4.889  1.00 10.59 ?  24  GLN A CB  1 
ATOM   171 C  CG  . GLN A 1 24 ? 5.976   0.142   -3.633  1.00 11.83 ?  24  GLN A CG  1 
ATOM   172 C  CD  . GLN A 1 24 ? 7.393   -0.281  -3.264  1.00 11.68 ?  24  GLN A CD  1 
ATOM   173 O  OE1 . GLN A 1 24 ? 8.339   0.501   -3.372  1.00 12.20 ?  24  GLN A OE1 1 
ATOM   174 N  NE2 . GLN A 1 24 ? 7.541   -1.507  -2.802  1.00 10.97 ?  24  GLN A NE2 1 
ATOM   175 N  N   . ILE A 1 25 ? 4.593   2.416   -7.404  1.00 10.43 ?  25  ILE A N   1 
ATOM   176 C  CA  . ILE A 1 25 ? 4.648   3.405   -8.476  1.00 11.56 ?  25  ILE A CA  1 
ATOM   177 C  C   . ILE A 1 25 ? 3.465   4.357   -8.378  1.00 11.06 ?  25  ILE A C   1 
ATOM   178 O  O   . ILE A 1 25 ? 3.599   5.564   -8.603  1.00 11.31 ?  25  ILE A O   1 
ATOM   179 C  CB  . ILE A 1 25 ? 4.722   2.729   -9.861  1.00 12.86 ?  25  ILE A CB  1 
ATOM   180 C  CG1 . ILE A 1 25 ? 5.964   1.874   -10.018 1.00 18.58 ?  25  ILE A CG1 1 
ATOM   181 C  CG2 . ILE A 1 25 ? 4.874   3.777   -10.940 1.00 21.95 ?  25  ILE A CG2 1 
ATOM   182 C  CD1 . ILE A 1 25 ? 6.180   1.405   -11.459 1.00 24.61 ?  25  ILE A CD1 1 
ATOM   183 N  N   . TRP A 1 26 ? 2.285   3.826   -8.042  1.00 11.06 ?  26  TRP A N   1 
ATOM   184 C  CA  . TRP A 1 26 ? 1.082   4.648   -7.922  1.00 10.82 ?  26  TRP A CA  1 
ATOM   185 C  C   . TRP A 1 26 ? 1.214   5.642   -6.769  1.00 11.13 ?  26  TRP A C   1 
ATOM   186 O  O   . TRP A 1 26 ? 0.905   6.834   -6.913  1.00 11.62 ?  26  TRP A O   1 
ATOM   187 C  CB  . TRP A 1 26 ? -0.146  3.748   -7.732  1.00 10.15 ?  26  TRP A CB  1 
ATOM   188 C  CG  . TRP A 1 26 ? -1.405  4.542   -7.589  1.00 9.66  ?  26  TRP A CG  1 
ATOM   189 C  CD1 . TRP A 1 26 ? -2.054  4.852   -6.428  1.00 11.06 ?  26  TRP A CD1 1 
ATOM   190 C  CD2 . TRP A 1 26 ? -2.129  5.195   -8.640  1.00 10.59 ?  26  TRP A CD2 1 
ATOM   191 N  NE1 . TRP A 1 26 ? -3.152  5.635   -6.693  1.00 12.43 ?  26  TRP A NE1 1 
ATOM   192 C  CE2 . TRP A 1 26 ? -3.223  5.852   -8.043  1.00 10.84 ?  26  TRP A CE2 1 
ATOM   193 C  CE3 . TRP A 1 26 ? -1.979  5.260   -10.032 1.00 11.15 ?  26  TRP A CE3 1 
ATOM   194 C  CZ2 . TRP A 1 26 ? -4.150  6.584   -8.785  1.00 12.24 ?  26  TRP A CZ2 1 
ATOM   195 C  CZ3 . TRP A 1 26 ? -2.894  5.996   -10.765 1.00 11.79 ?  26  TRP A CZ3 1 
ATOM   196 C  CH2 . TRP A 1 26 ? -3.976  6.636   -10.140 1.00 12.76 ?  26  TRP A CH2 1 
ATOM   197 N  N   . ILE A 1 27 ? 1.676   5.156   -5.616  1.00 11.19 ?  27  ILE A N   1 
ATOM   198 C  CA  . ILE A 1 27 ? 1.925   6.005   -4.455  1.00 12.97 ?  27  ILE A CA  1 
ATOM   199 C  C   . ILE A 1 27 ? 2.918   7.107   -4.802  1.00 11.73 ?  27  ILE A C   1 
ATOM   200 O  O   . ILE A 1 27 ? 2.728   8.275   -4.430  1.00 11.89 ?  27  ILE A O   1 
ATOM   201 C  CB  . ILE A 1 27 ? 2.415   5.109   -3.294  1.00 14.18 ?  27  ILE A CB  1 
ATOM   202 C  CG1 . ILE A 1 27 ? 1.255   4.255   -2.757  1.00 14.54 ?  27  ILE A CG1 1 
ATOM   203 C  CG2 . ILE A 1 27 ? 3.108   5.913   -2.211  1.00 16.91 ?  27  ILE A CG2 1 
ATOM   204 C  CD1 . ILE A 1 27 ? 1.732   3.040   -1.982  1.00 14.74 ?  27  ILE A CD1 1 
ATOM   205 N  N   . HIS A 1 28 ? 3.991   6.754   -5.514  1.00 12.05 ?  28  HIS A N   1 
ATOM   206 C  CA  . HIS A 1 28 ? 4.973   7.750   -5.928  1.00 11.89 ?  28  HIS A CA  1 
ATOM   207 C  C   . HIS A 1 28 ? 4.335   8.808   -6.830  1.00 12.17 ?  28  HIS A C   1 
ATOM   208 O  O   . HIS A 1 28 ? 4.509   10.014  -6.611  1.00 12.74 ?  28  HIS A O   1 
ATOM   209 C  CB  . HIS A 1 28 ? 6.110   7.011   -6.634  1.00 12.22 ?  28  HIS A CB  1 
ATOM   210 C  CG  . HIS A 1 28 ? 7.211   7.892   -7.132  1.00 15.02 ?  28  HIS A CG  1 
ATOM   211 N  ND1 . HIS A 1 28 ? 8.148   7.437   -8.036  1.00 19.41 ?  28  HIS A ND1 1 
ATOM   212 C  CD2 . HIS A 1 28 ? 7.554   9.167   -6.841  1.00 18.72 ?  28  HIS A CD2 1 
ATOM   213 C  CE1 . HIS A 1 28 ? 9.006   8.407   -8.298  1.00 21.32 ?  28  HIS A CE1 1 
ATOM   214 N  NE2 . HIS A 1 28 ? 8.662   9.469   -7.591  1.00 17.80 ?  28  HIS A NE2 1 
ATOM   215 N  N   . SER A 1 29 ? 3.575   8.371   -7.836  1.00 12.15 ?  29  SER A N   1 
ATOM   216 C  CA  . SER A 1 29 ? 2.899   9.286   -8.755  1.00 13.18 ?  29  SER A CA  1 
ATOM   217 C  C   . SER A 1 29 ? 1.985   10.243  -8.006  1.00 11.38 ?  29  SER A C   1 
ATOM   218 O  O   . SER A 1 29 ? 1.988   11.455  -8.265  1.00 14.14 ?  29  SER A O   1 
ATOM   219 C  CB  . SER A 1 29 ? 2.104   8.472   -9.782  1.00 14.99 ?  29  SER A CB  1 
ATOM   220 O  OG  . SER A 1 29 ? 1.282   9.277   -10.610 1.00 25.32 ?  29  SER A OG  1 
ATOM   221 N  N   . GLU A 1 30 ? 1.211   9.733   -7.047  1.00 11.99 ?  30  GLU A N   1 
ATOM   222 C  CA  . GLU A 1 30 ? 0.309   10.614  -6.313  1.00 12.12 ?  30  GLU A CA  1 
ATOM   223 C  C   . GLU A 1 30 ? 1.071   11.567  -5.407  1.00 12.57 ?  30  GLU A C   1 
ATOM   224 O  O   . GLU A 1 30 ? 0.689   12.738  -5.277  1.00 13.91 ?  30  GLU A O   1 
ATOM   225 C  CB  . GLU A 1 30 ? -0.689  9.797   -5.496  1.00 12.30 ?  30  GLU A CB  1 
ATOM   226 C  CG  . GLU A 1 30 ? -1.754  9.095   -6.329  1.00 14.72 ?  30  GLU A CG  1 
ATOM   227 C  CD  . GLU A 1 30 ? -2.666  10.052  -7.052  1.00 13.72 ?  30  GLU A CD  1 
ATOM   228 O  OE1 . GLU A 1 30 ? -2.825  11.202  -6.579  1.00 16.59 ?  30  GLU A OE1 1 
ATOM   229 O  OE2 . GLU A 1 30 ? -3.221  9.679   -8.102  1.00 20.11 ?  30  GLU A OE2 1 
ATOM   230 N  N   . ALA A 1 31 ? 2.144   11.089  -4.770  1.00 12.94 ?  31  ALA A N   1 
ATOM   231 C  CA  . ALA A 1 31 ? 2.906   11.929  -3.852  1.00 12.65 ?  31  ALA A CA  1 
ATOM   232 C  C   . ALA A 1 31 ? 3.445   13.163  -4.553  1.00 14.10 ?  31  ALA A C   1 
ATOM   233 O  O   . ALA A 1 31 ? 3.341   14.282  -4.031  1.00 14.69 ?  31  ALA A O   1 
ATOM   234 C  CB  . ALA A 1 31 ? 4.056   11.133  -3.234  1.00 14.24 ?  31  ALA A CB  1 
ATOM   235 N  N   . THR A 1 32 ? 4.029   12.987  -5.738  1.00 14.89 ?  32  THR A N   1 
ATOM   236 C  CA  . THR A 1 32 ? 4.645   14.142  -6.383  1.00 17.52 ?  32  THR A CA  1 
ATOM   237 C  C   . THR A 1 32 ? 3.624   15.087  -6.998  1.00 20.72 ?  32  THR A C   1 
ATOM   238 O  O   . THR A 1 32 ? 4.001   16.174  -7.445  1.00 20.28 ?  32  THR A O   1 
ATOM   239 C  CB  . THR A 1 32 ? 5.719   13.707  -7.384  1.00 20.67 ?  32  THR A CB  1 
ATOM   240 O  OG1 . THR A 1 32 ? 5.119   12.944  -8.433  1.00 25.43 ?  32  THR A OG1 1 
ATOM   241 C  CG2 . THR A 1 32 ? 6.773   12.863  -6.691  1.00 21.98 ?  32  THR A CG2 1 
ATOM   242 N  N   . SER A 1 33 ? 2.345   14.729  -6.992  1.00 19.03 ?  33  SER A N   1 
ATOM   243 C  CA  . SER A 1 33 ? 1.287   15.652  -7.378  1.00 21.54 ?  33  SER A CA  1 
ATOM   244 C  C   . SER A 1 33 ? 0.853   16.574  -6.245  1.00 20.01 ?  33  SER A C   1 
ATOM   245 O  O   . SER A 1 33 ? 0.007   17.443  -6.478  1.00 21.94 ?  33  SER A O   1 
ATOM   246 C  CB  . SER A 1 33 ? 0.065   14.889  -7.904  1.00 24.27 ?  33  SER A CB  1 
ATOM   247 O  OG  . SER A 1 33 ? 0.363   14.228  -9.119  1.00 30.57 ?  33  SER A OG  1 
ATOM   248 N  N   . ALA A 1 34 ? 1.397   16.414  -5.035  1.00 17.81 ?  34  ALA A N   1 
ATOM   249 C  CA  . ALA A 1 34 ? 0.955   17.230  -3.906  1.00 18.14 ?  34  ALA A CA  1 
ATOM   250 C  C   . ALA A 1 34 ? 1.149   18.708  -4.213  1.00 20.80 ?  34  ALA A C   1 
ATOM   251 O  O   . ALA A 1 34 ? 2.198   19.123  -4.718  1.00 21.85 ?  34  ALA A O   1 
ATOM   252 C  CB  . ALA A 1 34 ? 1.717   16.858  -2.633  1.00 18.43 ?  34  ALA A CB  1 
ATOM   253 N  N   . GLY A 1 35 ? 0.125   19.499  -3.915  1.00 21.08 ?  35  GLY A N   1 
ATOM   254 C  CA  . GLY A 1 35 ? 0.146   20.921  -4.197  1.00 24.04 ?  35  GLY A CA  1 
ATOM   255 C  C   . GLY A 1 35 ? 0.128   21.217  -5.682  1.00 28.25 ?  35  GLY A C   1 
ATOM   256 O  O   . GLY A 1 35 ? -0.074  22.361  -6.087  1.00 32.40 ?  35  GLY A O   1 
ATOM   257 N  N   . GLN B 2 1  ? -15.301 6.130   -15.873 1.00 28.45 ?  55  GLN B N   1 
ATOM   258 C  CA  . GLN B 2 1  ? -14.241 5.491   -16.632 1.00 22.02 ?  55  GLN B CA  1 
ATOM   259 C  C   . GLN B 2 1  ? -13.629 4.300   -15.879 1.00 21.95 ?  55  GLN B C   1 
ATOM   260 O  O   . GLN B 2 1  ? -13.727 4.170   -14.649 1.00 23.85 ?  55  GLN B O   1 
ATOM   261 C  CB  . GLN B 2 1  ? -13.151 6.516   -17.008 1.00 23.07 ?  55  GLN B CB  1 
ATOM   262 C  CG  . GLN B 2 1  ? -13.256 7.050   -18.443 1.00 28.15 ?  55  GLN B CG  1 
ATOM   263 C  CD  . GLN B 2 1  ? -12.104 7.977   -18.828 1.00 31.28 ?  55  GLN B CD  1 
ATOM   264 O  OE1 . GLN B 2 1  ? -12.170 9.197   -18.618 1.00 32.63 ?  55  GLN B OE1 1 
ATOM   265 N  NE2 . GLN B 2 1  ? -11.044 7.401   -19.404 1.00 31.19 ?  55  GLN B NE2 1 
ATOM   266 N  N   . GLN B 2 2  ? -13.015 3.406   -16.640 1.00 18.86 ?  56  GLN B N   1 
ATOM   267 C  CA  . GLN B 2 2  ? -12.102 2.453   -16.035 1.00 15.52 ?  56  GLN B CA  1 
ATOM   268 C  C   . GLN B 2 2  ? -10.943 3.210   -15.395 1.00 14.22 ?  56  GLN B C   1 
ATOM   269 O  O   . GLN B 2 2  ? -10.603 4.336   -15.780 1.00 15.17 ?  56  GLN B O   1 
ATOM   270 C  CB  . GLN B 2 2  ? -11.562 1.497   -17.092 1.00 13.85 ?  56  GLN B CB  1 
ATOM   271 C  CG  . GLN B 2 2  ? -12.586 0.507   -17.623 1.00 13.21 ?  56  GLN B CG  1 
ATOM   272 C  CD  . GLN B 2 2  ? -11.955 -0.459  -18.585 1.00 12.32 ?  56  GLN B CD  1 
ATOM   273 O  OE1 . GLN B 2 2  ? -12.113 -0.328  -19.796 1.00 13.34 ?  56  GLN B OE1 1 
ATOM   274 N  NE2 . GLN B 2 2  ? -11.213 -1.423  -18.062 1.00 12.64 ?  56  GLN B NE2 1 
ATOM   275 N  N   . ARG B 2 3  ? -10.334 2.582   -14.412 1.00 12.85 ?  57  ARG B N   1 
ATOM   276 C  CA  . ARG B 2 3  ? -9.246  3.190   -13.670 1.00 12.37 ?  57  ARG B CA  1 
ATOM   277 C  C   . ARG B 2 3  ? -7.957  3.209   -14.486 1.00 12.19 ?  57  ARG B C   1 
ATOM   278 O  O   . ARG B 2 3  ? -7.805  2.469   -15.459 1.00 11.98 ?  57  ARG B O   1 
ATOM   279 C  CB  . ARG B 2 3  ? -9.031  2.400   -12.388 1.00 13.22 ?  57  ARG B CB  1 
ATOM   280 C  CG  . ARG B 2 3  ? -10.131 2.643   -11.366 1.00 14.39 ?  57  ARG B CG  1 
ATOM   281 C  CD  . ARG B 2 3  ? -10.040 1.663   -10.211 1.00 15.26 ?  57  ARG B CD  1 
ATOM   282 N  NE  . ARG B 2 3  ? -10.372 0.316   -10.653 1.00 16.22 ?  57  ARG B NE  1 
ATOM   283 C  CZ  . ARG B 2 3  ? -10.389 -0.751  -9.870  1.00 16.74 ?  57  ARG B CZ  1 
ATOM   284 N  NH1 . ARG B 2 3  ? -10.147 -0.661  -8.572  1.00 18.63 ?  57  ARG B NH1 1 
ATOM   285 N  NH2 . ARG B 2 3  ? -10.661 -1.937  -10.399 1.00 18.26 ?  57  ARG B NH2 1 
ATOM   286 N  N   . PRO B 2 4  ? -6.991  4.035   -14.094 1.00 11.93 ?  58  PRO B N   1 
ATOM   287 C  CA  . PRO B 2 4  ? -5.679  3.986   -14.733 1.00 12.04 ?  58  PRO B CA  1 
ATOM   288 C  C   . PRO B 2 4  ? -5.095  2.587   -14.641 1.00 12.13 ?  58  PRO B C   1 
ATOM   289 O  O   . PRO B 2 4  ? -5.224  1.908   -13.615 1.00 11.41 ?  58  PRO B O   1 
ATOM   290 C  CB  . PRO B 2 4  ? -4.854  4.991   -13.910 1.00 12.71 ?  58  PRO B CB  1 
ATOM   291 C  CG  . PRO B 2 4  ? -5.864  5.965   -13.429 1.00 13.59 ?  58  PRO B CG  1 
ATOM   292 C  CD  . PRO B 2 4  ? -7.079  5.130   -13.109 1.00 13.60 ?  58  PRO B CD  1 
ATOM   293 N  N   . PRO B 2 5  ? -4.444  2.117   -15.701 1.00 11.44 ?  59  PRO B N   1 
ATOM   294 C  CA  . PRO B 2 5  ? -3.940  0.733   -15.686 1.00 12.16 ?  59  PRO B CA  1 
ATOM   295 C  C   . PRO B 2 5  ? -3.022  0.439   -14.515 1.00 10.64 ?  59  PRO B C   1 
ATOM   296 O  O   . PRO B 2 5  ? -3.086  -0.652  -13.941 1.00 11.51 ?  59  PRO B O   1 
ATOM   297 C  CB  . PRO B 2 5  ? -3.226  0.609   -17.041 1.00 12.66 ?  59  PRO B CB  1 
ATOM   298 C  CG  . PRO B 2 5  ? -3.973  1.569   -17.919 1.00 15.66 ?  59  PRO B CG  1 
ATOM   299 C  CD  . PRO B 2 5  ? -4.361  2.735   -17.037 1.00 13.23 ?  59  PRO B CD  1 
ATOM   300 N  N   . LEU B 2 6  ? -2.182  1.397   -14.117 1.00 12.25 ?  60  LEU B N   1 
ATOM   301 C  CA  . LEU B 2 6  ? -1.259  1.135   -13.022 1.00 12.07 ?  60  LEU B CA  1 
ATOM   302 C  C   . LEU B 2 6  ? -1.998  0.908   -11.708 1.00 10.83 ?  60  LEU B C   1 
ATOM   303 O  O   . LEU B 2 6  ? -1.588  0.070   -10.892 1.00 12.03 ?  60  LEU B O   1 
ATOM   304 C  CB  . LEU B 2 6  ? -0.317  2.319   -12.886 1.00 13.06 ?  60  LEU B CB  1 
ATOM   305 C  CG  . LEU B 2 6  ? 0.744   2.223   -11.799 1.00 11.50 ?  60  LEU B CG  1 
ATOM   306 C  CD1 . LEU B 2 6  ? 1.680   1.068   -12.052 1.00 13.86 ?  60  LEU B CD1 1 
ATOM   307 C  CD2 . LEU B 2 6  ? 1.500   3.528   -11.736 1.00 12.78 ?  60  LEU B CD2 1 
ATOM   308 N  N   . LEU B 2 7  ? -3.083  1.648   -11.481 1.00 10.11 ?  61  LEU B N   1 
ATOM   309 C  CA  . LEU B 2 7  ? -3.880  1.454   -10.273 1.00 10.21 ?  61  LEU B CA  1 
ATOM   310 C  C   . LEU B 2 7  ? -4.505  0.064   -10.259 1.00 10.44 ?  61  LEU B C   1 
ATOM   311 O  O   . LEU B 2 7  ? -4.511  -0.613  -9.225  1.00 10.33 ?  61  LEU B O   1 
ATOM   312 C  CB  . LEU B 2 7  ? -4.959  2.536   -10.198 1.00 11.19 ?  61  LEU B CB  1 
ATOM   313 C  CG  . LEU B 2 7  ? -5.873  2.456   -8.974  1.00 10.30 ?  61  LEU B CG  1 
ATOM   314 C  CD1 . LEU B 2 7  ? -5.084  2.401   -7.654  1.00 11.74 ?  61  LEU B CD1 1 
ATOM   315 C  CD2 . LEU B 2 7  ? -6.856  3.609   -8.953  1.00 11.68 ?  61  LEU B CD2 1 
ATOM   316 N  N   . ARG B 2 8  ? -5.019  -0.385  -11.412 1.00 10.38 ?  62  ARG B N   1 
ATOM   317 C  CA  . ARG B 2 8  ? -5.570  -1.733  -11.513 1.00 10.44 ?  62  ARG B CA  1 
ATOM   318 C  C   . ARG B 2 8  ? -4.513  -2.792  -11.226 1.00 10.64 ?  62  ARG B C   1 
ATOM   319 O  O   . ARG B 2 8  ? -4.785  -3.763  -10.508 1.00 10.77 ?  62  ARG B O   1 
ATOM   320 C  CB  . ARG B 2 8  ? -6.212  -1.939  -12.885 1.00 11.22 ?  62  ARG B CB  1 
ATOM   321 C  CG  . ARG B 2 8  ? -7.542  -1.229  -12.981 1.00 11.12 ?  62  ARG B CG  1 
ATOM   322 C  CD  . ARG B 2 8  ? -7.711  -0.574  -14.314 1.00 11.83 ?  62  ARG B CD  1 
ATOM   323 N  NE  . ARG B 2 8  ? -7.648  -1.564  -15.387 1.00 10.81 ?  62  ARG B NE  1 
ATOM   324 C  CZ  . ARG B 2 8  ? -7.847  -1.260  -16.659 1.00 11.36 ?  62  ARG B CZ  1 
ATOM   325 N  NH1 . ARG B 2 8  ? -8.065  -0.010  -17.035 1.00 12.11 ?  62  ARG B NH1 1 
ATOM   326 N  NH2 . ARG B 2 8  ? -7.855  -2.236  -17.568 1.00 11.25 ?  62  ARG B NH2 1 
ATOM   327 N  N   . LEU B 2 9  ? -3.293  -2.611  -11.734 1.00 10.39 ?  63  LEU B N   1 
ATOM   328 C  CA  . LEU B 2 9  ? -2.225  -3.560  -11.423 1.00 11.14 ?  63  LEU B CA  1 
ATOM   329 C  C   . LEU B 2 9  ? -1.951  -3.595  -9.928  1.00 10.81 ?  63  LEU B C   1 
ATOM   330 O  O   . LEU B 2 9  ? -1.697  -4.663  -9.354  1.00 10.75 ?  63  LEU B O   1 
ATOM   331 C  CB  . LEU B 2 9  ? -0.945  -3.188  -12.165 1.00 14.39 ?  63  LEU B CB  1 
ATOM   332 C  CG  . LEU B 2 9  ? -0.836  -3.372  -13.673 1.00 19.44 ?  63  LEU B CG  1 
ATOM   333 C  CD1 . LEU B 2 9  ? 0.558   -2.986  -14.133 1.00 20.87 ?  63  LEU B CD1 1 
ATOM   334 C  CD2 . LEU B 2 9  ? -1.116  -4.818  -14.035 1.00 19.98 ?  63  LEU B CD2 1 
ATOM   335 N  N   . CYS B 2 10 ? -1.927  -2.425  -9.296  1.00 10.12 ?  64  CYS B N   1 
ATOM   336 C  CA  . CYS B 2 10 ? -1.760  -2.368  -7.850  1.00 9.96  ?  64  CYS B CA  1 
ATOM   337 C  C   . CYS B 2 10 ? -2.828  -3.192  -7.139  1.00 10.78 ?  64  CYS B C   1 
ATOM   338 O  O   . CYS B 2 10 ? -2.524  -3.959  -6.221  1.00 10.85 ?  64  CYS B O   1 
ATOM   339 C  CB  . CYS B 2 10 ? -1.819  -0.912  -7.411  1.00 8.86  ?  64  CYS B CB  1 
ATOM   340 S  SG  . CYS B 2 10 ? -2.060  -0.694  -5.644  1.00 10.27 ?  64  CYS B SG  1 
ATOM   341 N  N   . CYS B 2 11 ? -4.079  -3.095  -7.581  1.00 10.54 ?  65  CYS B N   1 
ATOM   342 C  CA  . CYS B 2 11 ? -5.129  -3.871  -6.925  1.00 10.14 ?  65  CYS B CA  1 
ATOM   343 C  C   . CYS B 2 11 ? -4.934  -5.364  -7.136  1.00 11.65 ?  65  CYS B C   1 
ATOM   344 O  O   . CYS B 2 11 ? -5.186  -6.160  -6.222  1.00 12.13 ?  65  CYS B O   1 
ATOM   345 C  CB  . CYS B 2 11 ? -6.495  -3.428  -7.431  1.00 11.41 ?  65  CYS B CB  1 
ATOM   346 S  SG  . CYS B 2 11 ? -6.961  -1.804  -6.828  1.00 14.52 ?  65  CYS B SG  1 
ATOM   347 N  N   . THR B 2 12 ? -4.499  -5.769  -8.324  1.00 11.02 ?  66  THR B N   1 
ATOM   348 C  CA  . THR B 2 12 ? -4.203  -7.178  -8.553  1.00 11.66 ?  66  THR B CA  1 
ATOM   349 C  C   . THR B 2 12 ? -3.143  -7.676  -7.579  1.00 12.19 ?  66  THR B C   1 
ATOM   350 O  O   . THR B 2 12 ? -3.283  -8.755  -6.985  1.00 13.45 ?  66  THR B O   1 
ATOM   351 C  CB  . THR B 2 12 ? -3.774  -7.385  -10.004 1.00 12.47 ?  66  THR B CB  1 
ATOM   352 O  OG1 . THR B 2 12 ? -4.893  -7.097  -10.852 1.00 14.23 ?  66  THR B OG1 1 
ATOM   353 C  CG2 . THR B 2 12 ? -3.344  -8.822  -10.222 1.00 13.49 ?  66  THR B CG2 1 
ATOM   354 N  N   . GLN B 2 13 ? -2.092  -6.891  -7.371  1.00 11.01 ?  67  GLN B N   1 
ATOM   355 C  CA  . GLN B 2 13 ? -1.060  -7.288  -6.420  1.00 12.04 ?  67  GLN B CA  1 
ATOM   356 C  C   . GLN B 2 13 ? -1.598  -7.312  -4.992  1.00 10.81 ?  67  GLN B C   1 
ATOM   357 O  O   . GLN B 2 13 ? -1.303  -8.248  -4.230  1.00 11.81 ?  67  GLN B O   1 
ATOM   358 C  CB  . GLN B 2 13 ? 0.131   -6.347  -6.546  1.00 11.16 ?  67  GLN B CB  1 
ATOM   359 C  CG  . GLN B 2 13 ? 0.839   -6.443  -7.893  1.00 11.13 ?  67  GLN B CG  1 
ATOM   360 C  CD  . GLN B 2 13 ? 2.001   -5.481  -8.018  1.00 12.24 ?  67  GLN B CD  1 
ATOM   361 O  OE1 . GLN B 2 13 ? 2.003   -4.420  -7.415  1.00 12.80 ?  67  GLN B OE1 1 
ATOM   362 N  NE2 . GLN B 2 13 ? 2.994   -5.848  -8.812  1.00 16.47 ?  67  GLN B NE2 1 
ATOM   363 N  N   . LEU B 2 14 ? -2.374  -6.298  -4.598  1.00 11.11 ?  68  LEU B N   1 
ATOM   364 C  CA  . LEU B 2 14 ? -2.912  -6.275  -3.240  1.00 10.83 ?  68  LEU B CA  1 
ATOM   365 C  C   . LEU B 2 14 ? -3.812  -7.473  -2.981  1.00 11.84 ?  68  LEU B C   1 
ATOM   366 O  O   . LEU B 2 14 ? -3.850  -7.994  -1.860  1.00 12.63 ?  68  LEU B O   1 
ATOM   367 C  CB  . LEU B 2 14 ? -3.700  -4.988  -3.013  1.00 13.43 ?  68  LEU B CB  1 
ATOM   368 C  CG  . LEU B 2 14 ? -3.758  -4.454  -1.590  1.00 15.06 ?  68  LEU B CG  1 
ATOM   369 C  CD1 . LEU B 2 14 ? -2.345  -4.177  -1.078  1.00 13.51 ?  68  LEU B CD1 1 
ATOM   370 C  CD2 . LEU B 2 14 ? -4.580  -3.186  -1.599  1.00 16.96 ?  68  LEU B CD2 1 
ATOM   371 N  N   . HIS B 2 15 ? -4.534  -7.935  -4.009  1.00 11.24 ?  69  HIS B N   1 
ATOM   372 C  CA  . HIS B 2 15 ? -5.400  -9.102  -3.866  1.00 11.87 ?  69  HIS B CA  1 
ATOM   373 C  C   . HIS B 2 15 ? -4.627  -10.376 -3.605  1.00 15.35 ?  69  HIS B C   1 
ATOM   374 O  O   . HIS B 2 15 ? -5.236  -11.383 -3.220  1.00 13.96 ?  69  HIS B O   1 
ATOM   375 C  CB  . HIS B 2 15 ? -6.212  -9.309  -5.130  1.00 14.61 ?  69  HIS B CB  1 
ATOM   376 C  CG  . HIS B 2 15 ? -7.253  -8.275  -5.332  1.00 13.77 ?  69  HIS B CG  1 
ATOM   377 N  ND1 . HIS B 2 15 ? -7.875  -8.078  -6.543  1.00 16.16 ?  69  HIS B ND1 1 
ATOM   378 C  CD2 . HIS B 2 15 ? -7.774  -7.362  -4.482  1.00 14.81 ?  69  HIS B CD2 1 
ATOM   379 C  CE1 . HIS B 2 15 ? -8.744  -7.091  -6.427  1.00 16.30 ?  69  HIS B CE1 1 
ATOM   380 N  NE2 . HIS B 2 15 ? -8.695  -6.631  -5.191  1.00 17.52 ?  69  HIS B NE2 1 
ATOM   381 N  N   . LEU B 2 16 ? -3.325  -10.382 -3.838  1.00 12.35 ?  70  LEU B N   1 
ATOM   382 C  CA  . LEU B 2 16 ? -2.521  -11.534 -3.463  1.00 13.41 ?  70  LEU B CA  1 
ATOM   383 C  C   . LEU B 2 16 ? -2.230  -11.590 -1.968  1.00 14.95 ?  70  LEU B C   1 
ATOM   384 O  O   . LEU B 2 16 ? -1.477  -12.466 -1.531  1.00 17.94 ?  70  LEU B O   1 
ATOM   385 C  CB  . LEU B 2 16 ? -1.211  -11.542 -4.252  1.00 15.23 ?  70  LEU B CB  1 
ATOM   386 C  CG  . LEU B 2 16 ? -1.378  -11.631 -5.769  1.00 18.06 ?  70  LEU B CG  1 
ATOM   387 C  CD1 . LEU B 2 16 ? -0.021  -11.612 -6.446  1.00 23.73 ?  70  LEU B CD1 1 
ATOM   388 C  CD2 . LEU B 2 16 ? -2.141  -12.890 -6.164  1.00 24.82 ?  70  LEU B CD2 1 
ATOM   389 N  N   . GLN B 2 17 ? -2.796  -10.682 -1.172  1.00 11.65 ?  71  GLN B N   1 
ATOM   390 C  CA  . GLN B 2 17 ? -2.545  -10.647 0.260   1.00 12.33 ?  71  GLN B CA  1 
ATOM   391 C  C   . GLN B 2 17 ? -3.858  -10.804 1.010   1.00 12.78 ?  71  GLN B C   1 
ATOM   392 O  O   . GLN B 2 17 ? -4.932  -10.455 0.507   1.00 13.19 ?  71  GLN B O   1 
ATOM   393 C  CB  . GLN B 2 17 ? -1.878  -9.331  0.673   1.00 12.00 ?  71  GLN B CB  1 
ATOM   394 C  CG  . GLN B 2 17 ? -0.632  -9.020  -0.135  1.00 11.53 ?  71  GLN B CG  1 
ATOM   395 C  CD  . GLN B 2 17 ? 0.096   -7.835  0.403   1.00 12.33 ?  71  GLN B CD  1 
ATOM   396 O  OE1 . GLN B 2 17 ? 1.313   -7.782  0.395   1.00 14.40 ?  71  GLN B OE1 1 
ATOM   397 N  NE2 . GLN B 2 17 ? -0.651  -6.869  0.875   1.00 10.47 ?  71  GLN B NE2 1 
ATOM   398 N  N   . ASN B 2 18 ? -3.763  -11.331 2.229   1.00 11.99 ?  72  ASN B N   1 
ATOM   399 C  CA  . ASN B 2 18 ? -4.928  -11.400 3.097   1.00 11.23 ?  72  ASN B CA  1 
ATOM   400 C  C   . ASN B 2 18 ? -5.308  -10.002 3.594   1.00 10.80 ?  72  ASN B C   1 
ATOM   401 O  O   . ASN B 2 18 ? -4.436  -9.152  3.793   1.00 12.51 ?  72  ASN B O   1 
ATOM   402 C  CB  . ASN B 2 18 ? -4.641  -12.286 4.309   1.00 12.50 ?  72  ASN B CB  1 
ATOM   403 C  CG  . ASN B 2 18 ? -4.409  -13.725 3.937   1.00 13.55 ?  72  ASN B CG  1 
ATOM   404 O  OD1 . ASN B 2 18 ? -3.418  -14.308 4.304   1.00 13.33 ?  72  ASN B OD1 1 
ATOM   405 N  ND2 . ASN B 2 18 ? -5.327  -14.298 3.228   1.00 12.23 ?  72  ASN B ND2 1 
ATOM   406 N  N   . PRO B 2 19 ? -6.599  -9.747  3.803   1.00 11.11 ?  73  PRO B N   1 
ATOM   407 C  CA  . PRO B 2 19 ? -7.029  -8.442  4.333   1.00 12.03 ?  73  PRO B CA  1 
ATOM   408 C  C   . PRO B 2 19 ? -6.229  -7.949  5.528   1.00 13.06 ?  73  PRO B C   1 
ATOM   409 O  O   . PRO B 2 19 ? -5.841  -6.771  5.568   1.00 13.19 ?  73  PRO B O   1 
ATOM   410 C  CB  . PRO B 2 19 ? -8.496  -8.701  4.701   1.00 12.65 ?  73  PRO B CB  1 
ATOM   411 C  CG  . PRO B 2 19 ? -8.946  -9.755  3.710   1.00 13.65 ?  73  PRO B CG  1 
ATOM   412 C  CD  . PRO B 2 19 ? -7.736  -10.637 3.499   1.00 13.77 ?  73  PRO B CD  1 
ATOM   413 N  N   . GLN B 2 20 ? -5.948  -8.819  6.495   1.00 12.08 ?  74  GLN B N   1 
ATOM   414 C  CA  . GLN B 2 20 ? -5.270  -8.390  7.711   1.00 13.78 ?  74  GLN B CA  1 
ATOM   415 C  C   . GLN B 2 20 ? -3.782  -8.138  7.513   1.00 12.89 ?  74  GLN B C   1 
ATOM   416 O  O   . GLN B 2 20 ? -3.106  -7.737  8.464   1.00 15.76 ?  74  GLN B O   1 
ATOM   417 C  CB  . GLN B 2 20 ? -5.556  -9.351  8.871   1.00 19.92 ?  74  GLN B CB  1 
ATOM   418 C  CG  . GLN B 2 20 ? -5.202  -10.784 8.608   1.00 18.79 ?  74  GLN B CG  1 
ATOM   419 C  CD  . GLN B 2 20 ? -6.329  -11.609 7.973   1.00 13.86 ?  74  GLN B CD  1 
ATOM   420 O  OE1 . GLN B 2 20 ? -6.992  -11.204 7.013   1.00 12.81 ?  74  GLN B OE1 1 
ATOM   421 N  NE2 . GLN B 2 20 ? -6.489  -12.806 8.476   1.00 12.84 ?  74  GLN B NE2 1 
ATOM   422 N  N   . CYS B 2 21 ? -3.262  -8.347  6.308   1.00 11.26 ?  75  CYS B N   1 
ATOM   423 C  CA  . CYS B 2 21 ? -1.904  -7.965  5.963   1.00 11.77 ?  75  CYS B CA  1 
ATOM   424 C  C   . CYS B 2 21 ? -1.844  -6.672  5.162   1.00 10.61 ?  75  CYS B C   1 
ATOM   425 O  O   . CYS B 2 21 ? -0.760  -6.095  5.028   1.00 11.77 ?  75  CYS B O   1 
ATOM   426 C  CB  . CYS B 2 21 ? -1.247  -9.068  5.124   1.00 11.54 ?  75  CYS B CB  1 
ATOM   427 S  SG  . CYS B 2 21 ? -0.901  -10.592 6.018   1.00 13.77 ?  75  CYS B SG  1 
ATOM   428 N  N   . THR B 2 22 ? -2.972  -6.212  4.622   1.00 10.60 ?  76  THR B N   1 
ATOM   429 C  CA  . THR B 2 22 ? -2.932  -5.138  3.633   1.00 11.69 ?  76  THR B CA  1 
ATOM   430 C  C   . THR B 2 22 ? -2.350  -3.849  4.205   1.00 10.98 ?  76  THR B C   1 
ATOM   431 O  O   . THR B 2 22 ? -1.473  -3.236  3.591   1.00 11.47 ?  76  THR B O   1 
ATOM   432 C  CB  . THR B 2 22 ? -4.321  -4.954  3.012   1.00 14.66 ?  76  THR B CB  1 
ATOM   433 O  OG1 . THR B 2 22 ? -4.600  -6.051  2.113   1.00 17.87 ?  76  THR B OG1 1 
ATOM   434 C  CG2 . THR B 2 22 ? -4.402  -3.651  2.269   1.00 17.94 ?  76  THR B CG2 1 
ATOM   435 N  N   . CYS B 2 23 ? -2.806  -3.417  5.382   1.00 11.39 ?  77  CYS B N   1 
ATOM   436 C  CA  . CYS B 2 23 ? -2.342  -2.123  5.870   1.00 11.04 ?  77  CYS B CA  1 
ATOM   437 C  C   . CYS B 2 23 ? -0.874  -2.150  6.269   1.00 11.66 ?  77  CYS B C   1 
ATOM   438 O  O   . CYS B 2 23 ? -0.140  -1.190  6.000   1.00 11.55 ?  77  CYS B O   1 
ATOM   439 C  CB  . CYS B 2 23 ? -3.238  -1.638  7.007   1.00 12.29 ?  77  CYS B CB  1 
ATOM   440 S  SG  . CYS B 2 23 ? -4.910  -1.234  6.427   1.00 12.74 ?  77  CYS B SG  1 
ATOM   441 N  N   . SER B 2 24 ? -0.434  -3.226  6.926   1.00 11.94 ?  78  SER B N   1 
ATOM   442 C  CA  . SER B 2 24 ? 0.974   -3.366  7.289   1.00 14.09 ?  78  SER B CA  1 
ATOM   443 C  C   . SER B 2 24 ? 1.868   -3.345  6.051   1.00 12.28 ?  78  SER B C   1 
ATOM   444 O  O   . SER B 2 24 ? 2.910   -2.678  6.032   1.00 12.57 ?  78  SER B O   1 
ATOM   445 C  CB  . SER B 2 24 ? 1.154   -4.672  8.072   1.00 15.68 ?  78  SER B CB  1 
ATOM   446 O  OG  . SER B 2 24 ? 2.514   -4.925  8.389   1.00 25.83 ?  78  SER B OG  1 
ATOM   447 N  N   . THR B 2 25 ? 1.475   -4.068  5.001   1.00 11.12 ?  79  THR B N   1 
ATOM   448 C  CA  . THR B 2 25 ? 2.309   -4.110  3.800   1.00 11.61 ?  79  THR B CA  1 
ATOM   449 C  C   . THR B 2 25 ? 2.253   -2.803  3.024   1.00 11.19 ?  79  THR B C   1 
ATOM   450 O  O   . THR B 2 25 ? 3.242   -2.417  2.388   1.00 11.74 ?  79  THR B O   1 
ATOM   451 C  CB  . THR B 2 25 ? 1.922   -5.284  2.902   1.00 12.59 ?  79  THR B CB  1 
ATOM   452 O  OG1 . THR B 2 25 ? 0.562   -5.132  2.478   1.00 11.34 ?  79  THR B OG1 1 
ATOM   453 C  CG2 . THR B 2 25 ? 2.119   -6.620  3.624   1.00 13.71 ?  79  THR B CG2 1 
ATOM   454 N  N   . LEU B 2 26 ? 1.122   -2.098  3.069   1.00 11.25 ?  80  LEU B N   1 
ATOM   455 C  CA  . LEU B 2 26 ? 1.067   -0.789  2.423   1.00 11.68 ?  80  LEU B CA  1 
ATOM   456 C  C   . LEU B 2 26 ? 1.915   0.240   3.163   1.00 12.15 ?  80  LEU B C   1 
ATOM   457 O  O   . LEU B 2 26 ? 2.500   1.114   2.521   1.00 12.99 ?  80  LEU B O   1 
ATOM   458 C  CB  . LEU B 2 26 ? -0.377  -0.311  2.282   1.00 12.09 ?  80  LEU B CB  1 
ATOM   459 C  CG  . LEU B 2 26 ? -1.131  -0.984  1.138   1.00 12.27 ?  80  LEU B CG  1 
ATOM   460 C  CD1 . LEU B 2 26 ? -2.620  -0.758  1.281   1.00 12.14 ?  80  LEU B CD1 1 
ATOM   461 C  CD2 . LEU B 2 26 ? -0.635  -0.498  -0.238  1.00 13.24 ?  80  LEU B CD2 1 
ATOM   462 N  N   . ARG B 2 27 ? 1.993   0.152   4.493   1.00 11.03 ?  81  ARG B N   1 
ATOM   463 C  CA  . ARG B 2 27 ? 2.915   1.000   5.248   1.00 11.88 ?  81  ARG B CA  1 
ATOM   464 C  C   . ARG B 2 27 ? 4.354   0.719   4.832   1.00 11.98 ?  81  ARG B C   1 
ATOM   465 O  O   . ARG B 2 27 ? 5.152   1.644   4.596   1.00 12.69 ?  81  ARG B O   1 
ATOM   466 C  CB  . ARG B 2 27 ? 2.718   0.724   6.742   1.00 14.47 ?  81  ARG B CB  1 
ATOM   467 C  CG  . ARG B 2 27 ? 3.759   1.347   7.660   1.00 18.66 ?  81  ARG B CG  1 
ATOM   468 C  CD  . ARG B 2 27 ? 3.467   2.787   7.962   1.00 20.83 ?  81  ARG B CD  1 
ATOM   469 N  NE  . ARG B 2 27 ? 4.309   3.276   9.050   1.00 20.64 ?  81  ARG B NE  1 
ATOM   470 C  CZ  . ARG B 2 27 ? 4.221   4.490   9.573   1.00 20.87 ?  81  ARG B CZ  1 
ATOM   471 N  NH1 . ARG B 2 27 ? 3.365   5.385   9.104   1.00 21.28 ?  81  ARG B NH1 1 
ATOM   472 N  NH2 . ARG B 2 27 ? 5.020   4.819   10.585  1.00 21.81 ?  81  ARG B NH2 1 
ATOM   473 N  N   . ARG B 2 28 ? 4.702   -0.563  4.715   1.00 11.84 ?  82  ARG B N   1 
ATOM   474 C  CA  . ARG B 2 28 ? 6.034   -0.930  4.254   1.00 12.92 ?  82  ARG B CA  1 
ATOM   475 C  C   . ARG B 2 28 ? 6.300   -0.385  2.857   1.00 12.67 ?  82  ARG B C   1 
ATOM   476 O  O   . ARG B 2 28 ? 7.387   0.144   2.591   1.00 12.81 ?  82  ARG B O   1 
ATOM   477 C  CB  . ARG B 2 28 ? 6.175   -2.447  4.291   1.00 13.89 ?  82  ARG B CB  1 
ATOM   478 C  CG  . ARG B 2 28 ? 7.502   -2.944  3.834   1.00 15.64 ?  82  ARG B CG  1 
ATOM   479 C  CD  . ARG B 2 28 ? 7.621   -4.421  4.064   1.00 19.07 ?  82  ARG B CD  1 
ATOM   480 N  NE  . ARG B 2 28 ? 8.843   -4.906  3.445   1.00 20.28 ?  82  ARG B NE  1 
ATOM   481 C  CZ  . ARG B 2 28 ? 9.239   -6.169  3.461   1.00 20.49 ?  82  ARG B CZ  1 
ATOM   482 N  NH1 . ARG B 2 28 ? 8.530   -7.106  4.077   1.00 18.87 ?  82  ARG B NH1 1 
ATOM   483 N  NH2 . ARG B 2 28 ? 10.368  -6.501  2.841   1.00 22.50 ?  82  ARG B NH2 1 
ATOM   484 N  N   . ALA B 2 29 ? 5.327   -0.516  1.947   1.00 13.01 ?  83  ALA B N   1 
ATOM   485 C  CA  . ALA B 2 29 ? 5.488   -0.017  0.585   1.00 11.64 ?  83  ALA B CA  1 
ATOM   486 C  C   . ALA B 2 29 ? 5.679   1.494   0.568   1.00 12.06 ?  83  ALA B C   1 
ATOM   487 O  O   . ALA B 2 29 ? 6.489   2.020   -0.214  1.00 12.56 ?  83  ALA B O   1 
ATOM   488 C  CB  . ALA B 2 29 ? 4.254   -0.393  -0.245  1.00 13.25 ?  83  ALA B CB  1 
ATOM   489 N  N   . ALA B 2 30 ? 4.915   2.211   1.398   1.00 11.63 ?  84  ALA B N   1 
ATOM   490 C  CA  . ALA B 2 30 ? 5.044   3.661   1.470   1.00 11.84 ?  84  ALA B CA  1 
ATOM   491 C  C   . ALA B 2 30 ? 6.434   4.067   1.963   1.00 11.86 ?  84  ALA B C   1 
ATOM   492 O  O   . ALA B 2 30 ? 7.061   4.986   1.416   1.00 10.96 ?  84  ALA B O   1 
ATOM   493 C  CB  . ALA B 2 30 ? 3.939   4.221   2.370   1.00 13.34 ?  84  ALA B CB  1 
ATOM   494 N  N   . MET B 2 31 ? 6.933   3.396   3.003   1.00 11.58 ?  85  MET B N   1 
ATOM   495 C  CA  . MET B 2 31 ? 8.277   3.709   3.489   1.00 12.29 ?  85  MET B CA  1 
ATOM   496 C  C   . MET B 2 31 ? 9.329   3.418   2.432   1.00 13.62 ?  85  MET B C   1 
ATOM   497 O  O   . MET B 2 31 ? 10.303  4.171   2.283   1.00 13.14 ?  85  MET B O   1 
ATOM   498 C  CB  . MET B 2 31 ? 8.574   2.909   4.752   1.00 12.27 ?  85  MET B CB  1 
ATOM   499 C  CG  . MET B 2 31 ? 7.683   3.282   5.916   1.00 13.25 ?  85  MET B CG  1 
ATOM   500 S  SD  . MET B 2 31 ? 8.122   2.351   7.379   1.00 33.30 ?  85  MET B SD  1 
ATOM   501 C  CE  . MET B 2 31 ? 8.569   0.766   6.673   1.00 27.87 ?  85  MET B CE  1 
ATOM   502 N  N   . ALA B 2 32 ? 9.142   2.338   1.671   1.00 11.73 ?  86  ALA B N   1 
ATOM   503 C  CA  . ALA B 2 32 ? 10.091  1.995   0.620   1.00 12.97 ?  86  ALA B CA  1 
ATOM   504 C  C   . ALA B 2 32 ? 10.152  3.089   -0.441  1.00 12.31 ?  86  ALA B C   1 
ATOM   505 O  O   . ALA B 2 32 ? 11.239  3.537   -0.820  1.00 12.73 ?  86  ALA B O   1 
ATOM   506 C  CB  . ALA B 2 32 ? 9.730   0.639   0.020   1.00 12.83 ?  86  ALA B CB  1 
ATOM   507 N  N   . THR B 2 33 ? 8.989   3.574   -0.891  1.00 13.01 ?  87  THR B N   1 
ATOM   508 C  CA  . THR B 2 33 ? 8.948   4.654   -1.880  1.00 14.29 ?  87  THR B CA  1 
ATOM   509 C  C   . THR B 2 33 ? 9.554   5.927   -1.317  1.00 13.73 ?  87  THR B C   1 
ATOM   510 O  O   . THR B 2 33 ? 10.372  6.592   -1.970  1.00 14.16 ?  87  THR B O   1 
ATOM   511 C  CB  . THR B 2 33 ? 7.495   4.935   -2.300  1.00 13.96 ?  87  THR B CB  1 
ATOM   512 O  OG1 . THR B 2 33 ? 6.984   3.818   -3.040  1.00 22.44 ?  87  THR B OG1 1 
ATOM   513 C  CG2 . THR B 2 33 ? 7.414   6.208   -3.171  1.00 16.19 ?  87  THR B CG2 1 
ATOM   514 N  N   . ARG B 2 34 ? 9.146   6.297   -0.104  1.00 12.17 ?  88  ARG B N   1 
ATOM   515 C  CA  . ARG B 2 34 ? 9.620   7.544   0.475   1.00 13.12 ?  88  ARG B CA  1 
ATOM   516 C  C   . ARG B 2 34 ? 11.143  7.559   0.545   1.00 14.16 ?  88  ARG B C   1 
ATOM   517 O  O   . ARG B 2 34 ? 11.787  8.547   0.162   1.00 13.62 ?  88  ARG B O   1 
ATOM   518 C  CB  . ARG B 2 34 ? 8.992   7.708   1.857   1.00 13.91 ?  88  ARG B CB  1 
ATOM   519 C  CG  . ARG B 2 34 ? 9.097   9.103   2.458   1.00 17.15 ?  88  ARG B CG  1 
ATOM   520 C  CD  . ARG B 2 34 ? 10.417  9.349   3.163   1.00 18.67 ?  88  ARG B CD  1 
ATOM   521 N  NE  . ARG B 2 34 ? 10.407  10.597  3.921   1.00 18.59 ?  88  ARG B NE  1 
ATOM   522 C  CZ  . ARG B 2 34 ? 10.032  10.683  5.190   1.00 21.40 ?  88  ARG B CZ  1 
ATOM   523 N  NH1 . ARG B 2 34 ? 9.659   9.616   5.869   1.00 20.60 ?  88  ARG B NH1 1 
ATOM   524 N  NH2 . ARG B 2 34 ? 10.028  11.873  5.789   1.00 23.53 ?  88  ARG B NH2 1 
ATOM   525 N  N   . THR B 2 35 ? 11.736  6.450   0.983   1.00 13.75 ?  89  THR B N   1 
ATOM   526 C  CA  . THR B 2 35 ? 13.183  6.377   1.145   1.00 15.15 ?  89  THR B CA  1 
ATOM   527 C  C   . THR B 2 35 ? 13.897  6.245   -0.190  1.00 15.05 ?  89  THR B C   1 
ATOM   528 O  O   . THR B 2 35 ? 14.864  6.965   -0.453  1.00 15.16 ?  89  THR B O   1 
ATOM   529 C  CB  . THR B 2 35 ? 13.518  5.186   2.028   1.00 17.49 ?  89  THR B CB  1 
ATOM   530 O  OG1 . THR B 2 35 ? 13.053  5.443   3.355   1.00 26.99 ?  89  THR B OG1 1 
ATOM   531 C  CG2 . THR B 2 35 ? 14.993  4.967   2.028   1.00 18.53 ?  89  THR B CG2 1 
ATOM   532 N  N   . ARG B 2 36 ? 13.446  5.325   -1.046  1.00 13.88 ?  90  ARG B N   1 
ATOM   533 C  CA  . ARG B 2 36 ? 14.114  5.130   -2.331  1.00 15.00 ?  90  ARG B CA  1 
ATOM   534 C  C   . ARG B 2 36 ? 14.102  6.403   -3.157  1.00 14.90 ?  90  ARG B C   1 
ATOM   535 O  O   . ARG B 2 36 ? 15.086  6.727   -3.831  1.00 16.52 ?  90  ARG B O   1 
ATOM   536 C  CB  . ARG B 2 36 ? 13.432  4.031   -3.139  1.00 17.22 ?  90  ARG B CB  1 
ATOM   537 C  CG  . ARG B 2 36 ? 13.951  2.642   -2.931  1.00 15.94 ?  90  ARG B CG  1 
ATOM   538 C  CD  . ARG B 2 36 ? 13.750  1.775   -4.190  1.00 13.01 ?  90  ARG B CD  1 
ATOM   539 N  NE  . ARG B 2 36 ? 12.451  2.017   -4.814  1.00 13.10 ?  90  ARG B NE  1 
ATOM   540 C  CZ  . ARG B 2 36 ? 11.296  1.519   -4.388  1.00 12.43 ?  90  ARG B CZ  1 
ATOM   541 N  NH1 . ARG B 2 36 ? 11.235  0.689   -3.359  1.00 11.75 ?  90  ARG B NH1 1 
ATOM   542 N  NH2 . ARG B 2 36 ? 10.172  1.883   -5.002  1.00 13.39 ?  90  ARG B NH2 1 
ATOM   543 N  N   . GLN B 2 37 ? 12.983  7.123   -3.150  1.00 15.58 ?  91  GLN B N   1 
ATOM   544 C  CA  . GLN B 2 37 ? 12.830  8.306   -3.983  1.00 16.86 ?  91  GLN B CA  1 
ATOM   545 C  C   . GLN B 2 37 ? 13.278  9.584   -3.300  1.00 16.56 ?  91  GLN B C   1 
ATOM   546 O  O   . GLN B 2 37 ? 13.267  10.648  -3.938  1.00 20.03 ?  91  GLN B O   1 
ATOM   547 C  CB  . GLN B 2 37 ? 11.373  8.432   -4.446  1.00 17.50 ?  91  GLN B CB  1 
ATOM   548 C  CG  . GLN B 2 37 ? 10.928  7.272   -5.312  1.00 18.44 ?  91  GLN B CG  1 
ATOM   549 C  CD  . GLN B 2 37 ? 11.547  7.309   -6.705  1.00 22.63 ?  91  GLN B CD  1 
ATOM   550 O  OE1 . GLN B 2 37 ? 12.200  8.282   -7.087  1.00 24.64 ?  91  GLN B OE1 1 
ATOM   551 N  NE2 . GLN B 2 37 ? 11.331  6.247   -7.475  1.00 22.06 ?  91  GLN B NE2 1 
ATOM   552 N  N   . GLY B 2 38 ? 13.673  9.514   -2.037  1.00 16.22 ?  92  GLY B N   1 
ATOM   553 C  CA  . GLY B 2 38 ? 14.104  10.704  -1.329  1.00 17.76 ?  92  GLY B CA  1 
ATOM   554 C  C   . GLY B 2 38 ? 13.026  11.759  -1.237  1.00 19.46 ?  92  GLY B C   1 
ATOM   555 O  O   . GLY B 2 38 ? 13.311  12.950  -1.414  1.00 19.83 ?  92  GLY B O   1 
ATOM   556 N  N   . ILE B 2 39 ? 11.787  11.352  -0.988  1.00 16.89 ?  93  ILE B N   1 
ATOM   557 C  CA  . ILE B 2 39 ? 10.689  12.308  -0.896  1.00 18.07 ?  93  ILE B CA  1 
ATOM   558 C  C   . ILE B 2 39 ? 10.719  12.952  0.485   1.00 16.87 ?  93  ILE B C   1 
ATOM   559 O  O   . ILE B 2 39 ? 10.625  12.266  1.508   1.00 17.92 ?  93  ILE B O   1 
ATOM   560 C  CB  . ILE B 2 39 ? 9.347   11.628  -1.194  1.00 18.02 ?  93  ILE B CB  1 
ATOM   561 C  CG1 . ILE B 2 39 ? 9.342   11.126  -2.645  1.00 21.07 ?  93  ILE B CG1 1 
ATOM   562 C  CG2 . ILE B 2 39 ? 8.182   12.597  -0.953  1.00 17.64 ?  93  ILE B CG2 1 
ATOM   563 C  CD1 . ILE B 2 39 ? 8.213   10.213  -2.993  1.00 25.35 ?  93  ILE B CD1 1 
ATOM   564 N  N   . GLN B 2 40 ? 10.909  14.272  0.518   1.00 18.85 ?  94  GLN B N   1 
ATOM   565 C  CA  . GLN B 2 40 ? 11.032  14.990  1.779   1.00 19.58 ?  94  GLN B CA  1 
ATOM   566 C  C   . GLN B 2 40 ? 10.095  16.170  1.939   1.00 17.52 ?  94  GLN B C   1 
ATOM   567 O  O   . GLN B 2 40 ? 9.824   16.551  3.083   1.00 21.73 ?  94  GLN B O   1 
ATOM   568 C  CB  . GLN B 2 40 ? 12.473  15.473  2.009   1.00 23.38 ?  94  GLN B CB  1 
ATOM   569 C  CG  . GLN B 2 40 ? 13.499  14.369  2.205   1.00 25.01 ?  94  GLN B CG  1 
ATOM   570 C  CD  . GLN B 2 40 ? 13.095  13.339  3.253   1.00 28.63 ?  94  GLN B CD  1 
ATOM   571 O  OE1 . GLN B 2 40 ? 12.392  13.645  4.226   1.00 30.40 ?  94  GLN B OE1 1 
ATOM   572 N  NE2 . GLN B 2 40 ? 13.543  12.103  3.057   1.00 29.45 ?  94  GLN B NE2 1 
ATOM   573 N  N   . ALA B 2 41 ? 9.597   16.760  0.856   1.00 17.39 ?  95  ALA B N   1 
ATOM   574 C  CA  . ALA B 2 41 ? 8.666   17.872  0.991   1.00 17.28 ?  95  ALA B CA  1 
ATOM   575 C  C   . ALA B 2 41 ? 7.455   17.415  1.795   1.00 17.49 ?  95  ALA B C   1 
ATOM   576 O  O   . ALA B 2 41 ? 6.885   16.356  1.523   1.00 16.09 ?  95  ALA B O   1 
ATOM   577 C  CB  . ALA B 2 41 ? 8.237   18.356  -0.391  1.00 18.52 ?  95  ALA B CB  1 
ATOM   578 N  N   . ALA B 2 42 ? 7.066   18.208  2.792   1.00 17.92 ?  96  ALA B N   1 
ATOM   579 C  CA  . ALA B 2 42 ? 6.089   17.746  3.777   1.00 18.01 ?  96  ALA B CA  1 
ATOM   580 C  C   . ALA B 2 42 ? 4.789   17.298  3.121   1.00 15.06 ?  96  ALA B C   1 
ATOM   581 O  O   . ALA B 2 42 ? 4.248   16.235  3.457   1.00 15.13 ?  96  ALA B O   1 
ATOM   582 C  CB  . ALA B 2 42 ? 5.824   18.832  4.824   1.00 19.23 ?  96  ALA B CB  1 
ATOM   583 N  N   . SER B 2 43 ? 4.261   18.094  2.191   1.00 15.22 ?  97  SER B N   1 
ATOM   584 C  CA  . SER B 2 43 ? 2.977   17.736  1.600   1.00 15.42 ?  97  SER B CA  1 
ATOM   585 C  C   . SER B 2 43 ? 3.096   16.489  0.738   1.00 13.52 ?  97  SER B C   1 
ATOM   586 O  O   . SER B 2 43 ? 2.144   15.704  0.663   1.00 13.12 ?  97  SER B O   1 
ATOM   587 C  CB  . SER B 2 43 ? 2.385   18.911  0.816   1.00 19.34 ?  97  SER B CB  1 
ATOM   588 O  OG  . SER B 2 43 ? 3.215   19.251  -0.271  1.00 21.98 ?  97  SER B OG  1 
ATOM   589 N  N   . GLN B 2 44 ? 4.251   16.283  0.099   1.00 11.94 ?  98  GLN B N   1 
ATOM   590 C  CA  . GLN B 2 44 ? 4.448   15.082  -0.706  1.00 13.14 ?  98  GLN B CA  1 
ATOM   591 C  C   . GLN B 2 44 ? 4.532   13.849  0.174   1.00 11.20 ?  98  GLN B C   1 
ATOM   592 O  O   . GLN B 2 44 ? 3.952   12.809  -0.154  1.00 11.85 ?  98  GLN B O   1 
ATOM   593 C  CB  . GLN B 2 44 ? 5.724   15.213  -1.532  1.00 14.04 ?  98  GLN B CB  1 
ATOM   594 C  CG  . GLN B 2 44 ? 5.627   16.251  -2.640  1.00 14.75 ?  98  GLN B CG  1 
ATOM   595 C  CD  . GLN B 2 44 ? 6.818   16.205  -3.570  1.00 18.33 ?  98  GLN B CD  1 
ATOM   596 O  OE1 . GLN B 2 44 ? 7.783   15.509  -3.304  1.00 21.00 ?  98  GLN B OE1 1 
ATOM   597 N  NE2 . GLN B 2 44 ? 6.744   16.933  -4.674  1.00 22.34 ?  98  GLN B NE2 1 
ATOM   598 N  N   . VAL B 2 45 ? 5.223   13.951  1.314   1.00 11.89 ?  99  VAL B N   1 
ATOM   599 C  CA  . VAL B 2 45 ? 5.315   12.822  2.234   1.00 12.50 ?  99  VAL B CA  1 
ATOM   600 C  C   . VAL B 2 45 ? 3.940   12.477  2.781   1.00 12.66 ?  99  VAL B C   1 
ATOM   601 O  O   . VAL B 2 45 ? 3.553   11.300  2.845   1.00 11.63 ?  99  VAL B O   1 
ATOM   602 C  CB  . VAL B 2 45 ? 6.329   13.126  3.352   1.00 13.13 ?  99  VAL B CB  1 
ATOM   603 C  CG1 . VAL B 2 45 ? 6.338   12.006  4.369   1.00 15.33 ?  99  VAL B CG1 1 
ATOM   604 C  CG2 . VAL B 2 45 ? 7.729   13.326  2.768   1.00 15.52 ?  99  VAL B CG2 1 
ATOM   605 N  N   . GLN B 2 46 ? 3.178   13.495  3.179   1.00 12.09 ?  100 GLN B N   1 
ATOM   606 C  CA  . GLN B 2 46 ? 1.839   13.248  3.693   1.00 11.83 ?  100 GLN B CA  1 
ATOM   607 C  C   . GLN B 2 46 ? 0.961   12.588  2.643   1.00 11.44 ?  100 GLN B C   1 
ATOM   608 O  O   . GLN B 2 46 ? 0.260   11.613  2.930   1.00 11.98 ?  100 GLN B O   1 
ATOM   609 C  CB  . GLN B 2 46 ? 1.230   14.567  4.151   1.00 13.40 ?  100 GLN B CB  1 
ATOM   610 C  CG  . GLN B 2 46 ? 1.928   15.160  5.368   1.00 13.68 ?  100 GLN B CG  1 
ATOM   611 C  CD  . GLN B 2 46 ? 1.600   16.616  5.572   1.00 15.71 ?  100 GLN B CD  1 
ATOM   612 O  OE1 . GLN B 2 46 ? 0.842   17.209  4.807   1.00 20.32 ?  100 GLN B OE1 1 
ATOM   613 N  NE2 . GLN B 2 46 ? 2.178   17.207  6.604   1.00 18.51 ?  100 GLN B NE2 1 
ATOM   614 N  N   . ARG B 2 47 ? 1.002   13.100  1.415   1.00 10.22 ?  101 ARG B N   1 
ATOM   615 C  CA  . ARG B 2 47 ? 0.145   12.557  0.371   1.00 10.76 ?  101 ARG B CA  1 
ATOM   616 C  C   . ARG B 2 47 ? 0.562   11.142  0.003   1.00 10.80 ?  101 ARG B C   1 
ATOM   617 O  O   . ARG B 2 47 ? -0.297  10.321  -0.335  1.00 10.68 ?  101 ARG B O   1 
ATOM   618 C  CB  . ARG B 2 47 ? 0.161   13.490  -0.838  1.00 11.10 ?  101 ARG B CB  1 
ATOM   619 C  CG  . ARG B 2 47 ? -0.822  13.110  -1.911  1.00 11.41 ?  101 ARG B CG  1 
ATOM   620 C  CD  . ARG B 2 47 ? -0.874  14.174  -3.013  1.00 13.13 ?  101 ARG B CD  1 
ATOM   621 N  NE  . ARG B 2 47 ? -1.770  13.778  -4.088  1.00 11.77 ?  101 ARG B NE  1 
ATOM   622 C  CZ  . ARG B 2 47 ? -3.069  14.033  -4.117  1.00 11.96 ?  101 ARG B CZ  1 
ATOM   623 N  NH1 . ARG B 2 47 ? -3.633  14.841  -3.232  1.00 12.74 ?  101 ARG B NH1 1 
ATOM   624 N  NH2 . ARG B 2 47 ? -3.826  13.457  -5.053  1.00 12.28 ?  101 ARG B NH2 1 
ATOM   625 N  N   . LEU B 2 48 ? 1.870   10.848  0.075   1.00 11.17 ?  102 LEU B N   1 
ATOM   626 C  CA  . LEU B 2 48 ? 2.388   9.505   -0.152  1.00 11.27 ?  102 LEU B CA  1 
ATOM   627 C  C   . LEU B 2 48 ? 1.741   8.510   0.801   1.00 10.51 ?  102 LEU B C   1 
ATOM   628 O  O   . LEU B 2 48 ? 1.158   7.499   0.381   1.00 11.01 ?  102 LEU B O   1 
ATOM   629 C  CB  . LEU B 2 48 ? 3.901   9.560   0.072   1.00 11.45 ?  102 LEU B CB  1 
ATOM   630 C  CG  . LEU B 2 48 ? 4.758   8.380   -0.366  1.00 13.22 ?  102 LEU B CG  1 
ATOM   631 C  CD1 . LEU B 2 48 ? 6.192   8.862   -0.469  1.00 16.94 ?  102 LEU B CD1 1 
ATOM   632 C  CD2 . LEU B 2 48 ? 4.694   7.240   0.593   1.00 15.56 ?  102 LEU B CD2 1 
ATOM   633 N  N   . PHE B 2 49 ? 1.844   8.784   2.104   1.00 10.71 ?  103 PHE B N   1 
ATOM   634 C  CA  . PHE B 2 49 ? 1.302   7.852   3.084   1.00 11.59 ?  103 PHE B CA  1 
ATOM   635 C  C   . PHE B 2 49 ? -0.217  7.808   3.026   1.00 11.06 ?  103 PHE B C   1 
ATOM   636 O  O   . PHE B 2 49 ? -0.814  6.736   3.183   1.00 10.69 ?  103 PHE B O   1 
ATOM   637 C  CB  . PHE B 2 49 ? 1.829   8.161   4.487   1.00 12.66 ?  103 PHE B CB  1 
ATOM   638 C  CG  . PHE B 2 49 ? 3.233   7.667   4.709   1.00 11.04 ?  103 PHE B CG  1 
ATOM   639 C  CD1 . PHE B 2 49 ? 4.316   8.405   4.262   1.00 13.37 ?  103 PHE B CD1 1 
ATOM   640 C  CD2 . PHE B 2 49 ? 3.467   6.453   5.333   1.00 14.02 ?  103 PHE B CD2 1 
ATOM   641 C  CE1 . PHE B 2 49 ? 5.617   7.943   4.439   1.00 14.00 ?  103 PHE B CE1 1 
ATOM   642 C  CE2 . PHE B 2 49 ? 4.758   5.987   5.514   1.00 13.46 ?  103 PHE B CE2 1 
ATOM   643 C  CZ  . PHE B 2 49 ? 5.831   6.733   5.060   1.00 13.45 ?  103 PHE B CZ  1 
ATOM   644 N  N   . GLU B 2 50 ? -0.861  8.955   2.790   1.00 10.53 ?  104 GLU B N   1 
ATOM   645 C  CA  . GLU B 2 50 ? -2.315  8.960   2.663   1.00 10.51 ?  104 GLU B CA  1 
ATOM   646 C  C   . GLU B 2 50 ? -2.767  8.105   1.486   1.00 11.09 ?  104 GLU B C   1 
ATOM   647 O  O   . GLU B 2 50 ? -3.727  7.336   1.599   1.00 10.86 ?  104 GLU B O   1 
ATOM   648 C  CB  . GLU B 2 50 ? -2.816  10.383  2.490   1.00 11.46 ?  104 GLU B CB  1 
ATOM   649 C  CG  . GLU B 2 50 ? -4.319  10.443  2.343   1.00 11.95 ?  104 GLU B CG  1 
ATOM   650 C  CD  . GLU B 2 50 ? -4.798  11.852  2.326   1.00 12.22 ?  104 GLU B CD  1 
ATOM   651 O  OE1 . GLU B 2 50 ? -4.939  12.403  3.431   1.00 12.46 ?  104 GLU B OE1 1 
ATOM   652 O  OE2 . GLU B 2 50 ? -4.987  12.423  1.229   1.00 11.95 ?  104 GLU B OE2 1 
ATOM   653 N  N   . THR B 2 51 ? -2.118  8.256   0.329   1.00 10.39 ?  105 THR B N   1 
ATOM   654 C  CA  . THR B 2 51 ? -2.496  7.463   -0.832  1.00 10.07 ?  105 THR B CA  1 
ATOM   655 C  C   . THR B 2 51 ? -2.396  5.976   -0.524  1.00 10.01 ?  105 THR B C   1 
ATOM   656 O  O   . THR B 2 51 ? -3.310  5.201   -0.839  1.00 11.09 ?  105 THR B O   1 
ATOM   657 C  CB  . THR B 2 51 ? -1.611  7.834   -2.020  1.00 11.38 ?  105 THR B CB  1 
ATOM   658 O  OG1 . THR B 2 51 ? -1.830  9.203   -2.388  1.00 12.52 ?  105 THR B OG1 1 
ATOM   659 C  CG2 . THR B 2 51 ? -1.938  6.967   -3.210  1.00 13.01 ?  105 THR B CG2 1 
ATOM   660 N  N   . ALA B 2 52 ? -1.302  5.560   0.117   1.00 10.75 ?  106 ALA B N   1 
ATOM   661 C  CA  . ALA B 2 52 ? -1.154  4.160   0.502   1.00 10.68 ?  106 ALA B CA  1 
ATOM   662 C  C   . ALA B 2 52 ? -2.298  3.707   1.394   1.00 12.33 ?  106 ALA B C   1 
ATOM   663 O  O   . ALA B 2 52 ? -2.873  2.636   1.173   1.00 12.21 ?  106 ALA B O   1 
ATOM   664 C  CB  . ALA B 2 52 ? 0.203   3.928   1.179   1.00 11.28 ?  106 ALA B CB  1 
ATOM   665 N  N   . ARG B 2 53 ? -2.679  4.529   2.381   1.00 11.15 ?  107 ARG B N   1 
ATOM   666 C  CA  . ARG B 2 53 ? -3.697  4.094   3.331   1.00 11.90 ?  107 ARG B CA  1 
ATOM   667 C  C   . ARG B 2 53 ? -5.066  3.947   2.688   1.00 11.15 ?  107 ARG B C   1 
ATOM   668 O  O   . ARG B 2 53 ? -5.902  3.197   3.195   1.00 12.85 ?  107 ARG B O   1 
ATOM   669 C  CB  . ARG B 2 53 ? -3.777  5.048   4.518   1.00 13.27 ?  107 ARG B CB  1 
ATOM   670 C  CG  . ARG B 2 53 ? -2.581  4.976   5.436   1.00 11.93 ?  107 ARG B CG  1 
ATOM   671 C  CD  . ARG B 2 53 ? -2.851  5.729   6.729   1.00 18.92 ?  107 ARG B CD  1 
ATOM   672 N  NE  . ARG B 2 53 ? -3.035  7.147   6.484   1.00 18.91 ?  107 ARG B NE  1 
ATOM   673 C  CZ  . ARG B 2 53 ? -4.192  7.796   6.485   1.00 16.95 ?  107 ARG B CZ  1 
ATOM   674 N  NH1 . ARG B 2 53 ? -5.341  7.193   6.757   1.00 16.56 ?  107 ARG B NH1 1 
ATOM   675 N  NH2 . ARG B 2 53 ? -4.193  9.090   6.209   1.00 18.41 ?  107 ARG B NH2 1 
ATOM   676 N  N   . HIS B 2 54 ? -5.323  4.658   1.593   1.00 10.71 ?  108 HIS B N   1 
ATOM   677 C  CA  . HIS B 2 54 ? -6.625  4.622   0.943   1.00 12.05 ?  108 HIS B CA  1 
ATOM   678 C  C   . HIS B 2 54 ? -6.756  3.515   -0.101  1.00 12.53 ?  108 HIS B C   1 
ATOM   679 O  O   . HIS B 2 54 ? -7.874  3.231   -0.541  1.00 14.06 ?  108 HIS B O   1 
ATOM   680 C  CB  . HIS B 2 54 ? -6.960  5.991   0.329   1.00 12.74 ?  108 HIS B CB  1 
ATOM   681 C  CG  . HIS B 2 54 ? -7.456  6.993   1.328   1.00 13.07 ?  108 HIS B CG  1 
ATOM   682 N  ND1 . HIS B 2 54 ? -8.772  7.395   1.380   1.00 15.01 ?  108 HIS B ND1 1 
ATOM   683 C  CD2 . HIS B 2 54 ? -6.822  7.656   2.322   1.00 12.03 ?  108 HIS B CD2 1 
ATOM   684 C  CE1 . HIS B 2 54 ? -8.922  8.274   2.355   1.00 15.45 ?  108 HIS B CE1 1 
ATOM   685 N  NE2 . HIS B 2 54 ? -7.757  8.441   2.951   1.00 14.40 ?  108 HIS B NE2 1 
ATOM   686 N  N   . LEU B 2 55 ? -5.657  2.860   -0.487  1.00 12.08 ?  109 LEU B N   1 
ATOM   687 C  CA  . LEU B 2 55 ? -5.732  1.832   -1.527  1.00 12.45 ?  109 LEU B CA  1 
ATOM   688 C  C   . LEU B 2 55 ? -6.672  0.666   -1.239  1.00 13.12 ?  109 LEU B C   1 
ATOM   689 O  O   . LEU B 2 55 ? -7.275  0.155   -2.202  1.00 14.06 ?  109 LEU B O   1 
ATOM   690 C  CB  . LEU B 2 55 ? -4.330  1.335   -1.896  1.00 12.63 ?  109 LEU B CB  1 
ATOM   691 C  CG  . LEU B 2 55 ? -3.536  2.282   -2.796  1.00 10.59 ?  109 LEU B CG  1 
ATOM   692 C  CD1 . LEU B 2 55 ? -2.081  1.867   -2.888  1.00 12.15 ?  109 LEU B CD1 1 
ATOM   693 C  CD2 . LEU B 2 55 ? -4.159  2.370   -4.197  1.00 15.20 ?  109 LEU B CD2 1 
ATOM   694 N  N   . PRO B 2 56 ? -6.823  0.169   -0.012  1.00 14.16 ?  110 PRO B N   1 
ATOM   695 C  CA  . PRO B 2 56 ? -7.706  -0.996  0.183   1.00 14.37 ?  110 PRO B CA  1 
ATOM   696 C  C   . PRO B 2 56 ? -9.133  -0.749  -0.262  1.00 17.28 ?  110 PRO B C   1 
ATOM   697 O  O   . PRO B 2 56 ? -9.802  -1.681  -0.736  1.00 17.69 ?  110 PRO B O   1 
ATOM   698 C  CB  . PRO B 2 56 ? -7.609  -1.263  1.689   1.00 16.05 ?  110 PRO B CB  1 
ATOM   699 C  CG  . PRO B 2 56 ? -6.291  -0.710  2.065   1.00 15.91 ?  110 PRO B CG  1 
ATOM   700 C  CD  . PRO B 2 56 ? -6.116  0.514   1.232   1.00 14.01 ?  110 PRO B CD  1 
ATOM   701 N  N   . ALA B 2 57 ? -9.609  0.492   -0.152  1.00 17.37 ?  111 ALA B N   1 
ATOM   702 C  CA  . ALA B 2 57 ? -10.969 0.814   -0.570  1.00 20.44 ?  111 ALA B CA  1 
ATOM   703 C  C   . ALA B 2 57 ? -11.163 0.583   -2.065  1.00 19.65 ?  111 ALA B C   1 
ATOM   704 O  O   . ALA B 2 57 ? -12.063 -0.156  -2.475  1.00 19.35 ?  111 ALA B O   1 
ATOM   705 C  CB  . ALA B 2 57 ? -11.300 2.259   -0.191  1.00 23.68 ?  111 ALA B CB  1 
ATOM   706 N  N   . THR B 2 58 ? -10.329 1.211   -2.904  1.00 21.23 ?  112 THR B N   1 
ATOM   707 C  CA  . THR B 2 58 ? -10.509 1.035   -4.343  1.00 23.18 ?  112 THR B CA  1 
ATOM   708 C  C   . THR B 2 58 ? -10.252 -0.402  -4.778  1.00 18.25 ?  112 THR B C   1 
ATOM   709 O  O   . THR B 2 58 ? -10.845 -0.871  -5.753  1.00 20.75 ?  112 THR B O   1 
ATOM   710 C  CB  . THR B 2 58 ? -9.671  2.023   -5.158  1.00 22.65 ?  112 THR B CB  1 
ATOM   711 O  OG1 . THR B 2 58 ? -10.071 1.948   -6.535  1.00 26.57 ?  112 THR B OG1 1 
ATOM   712 C  CG2 . THR B 2 58 ? -8.192  1.701   -5.054  1.00 23.47 ?  112 THR B CG2 1 
ATOM   713 N  N   . CYS B 2 59 ? -9.421  -1.131  -4.048  1.00 17.08 ?  113 CYS B N   1 
ATOM   714 C  CA  . CYS B 2 59 ? -9.165  -2.523  -4.369  1.00 16.55 ?  113 CYS B CA  1 
ATOM   715 C  C   . CYS B 2 59 ? -10.177 -3.474  -3.729  1.00 16.44 ?  113 CYS B C   1 
ATOM   716 O  O   . CYS B 2 59 ? -9.961  -4.689  -3.737  1.00 17.64 ?  113 CYS B O   1 
ATOM   717 C  CB  . CYS B 2 59 ? -7.719  -2.875  -4.007  1.00 16.24 ?  113 CYS B CB  1 
ATOM   718 S  SG  . CYS B 2 59 ? -6.475  -1.798  -4.835  1.00 15.53 ?  113 CYS B SG  1 
ATOM   719 N  N   . SER B 2 60 ? -11.271 -2.938  -3.178  1.00 17.12 ?  114 SER B N   1 
ATOM   720 C  CA  . SER B 2 60 ? -12.447 -3.708  -2.752  1.00 17.35 ?  114 SER B CA  1 
ATOM   721 C  C   . SER B 2 60 ? -12.190 -4.595  -1.538  1.00 17.54 ?  114 SER B C   1 
ATOM   722 O  O   . SER B 2 60 ? -12.863 -5.617  -1.351  1.00 17.20 ?  114 SER B O   1 
ATOM   723 C  CB  . SER B 2 60 ? -13.111 -4.482  -3.899  1.00 20.46 ?  114 SER B CB  1 
ATOM   724 O  OG  . SER B 2 60 ? -14.078 -3.668  -4.550  1.00 32.30 ?  114 SER B OG  1 
ATOM   725 N  N   . PHE B 2 61 ? -11.226 -4.220  -0.700  1.00 15.58 ?  115 PHE B N   1 
ATOM   726 C  CA  . PHE B 2 61 ? -11.092 -4.825  0.624   1.00 15.48 ?  115 PHE B CA  1 
ATOM   727 C  C   . PHE B 2 61 ? -12.057 -4.087  1.542   1.00 19.28 ?  115 PHE B C   1 
ATOM   728 O  O   . PHE B 2 61 ? -11.672 -3.222  2.333   1.00 18.32 ?  115 PHE B O   1 
ATOM   729 C  CB  . PHE B 2 61 ? -9.668  -4.701  1.144   1.00 17.40 ?  115 PHE B CB  1 
ATOM   730 C  CG  . PHE B 2 61 ? -8.698  -5.663  0.540   1.00 14.03 ?  115 PHE B CG  1 
ATOM   731 C  CD1 . PHE B 2 61 ? -8.484  -6.907  1.124   1.00 15.38 ?  115 PHE B CD1 1 
ATOM   732 C  CD2 . PHE B 2 61 ? -7.927  -5.299  -0.557  1.00 17.27 ?  115 PHE B CD2 1 
ATOM   733 C  CE1 . PHE B 2 61 ? -7.552  -7.788  0.594   1.00 14.60 ?  115 PHE B CE1 1 
ATOM   734 C  CE2 . PHE B 2 61 ? -7.000  -6.175  -1.084  1.00 17.30 ?  115 PHE B CE2 1 
ATOM   735 C  CZ  . PHE B 2 61 ? -6.813  -7.416  -0.514  1.00 15.73 ?  115 PHE B CZ  1 
ATOM   736 N  N   . SER B 2 62 ? -13.346 -4.414  1.406   1.00 19.85 ?  116 SER B N   1 
ATOM   737 C  CA  . SER B 2 62 ? -14.356 -3.713  2.194   1.00 21.08 ?  116 SER B CA  1 
ATOM   738 C  C   . SER B 2 62 ? -14.173 -3.949  3.688   1.00 20.04 ?  116 SER B C   1 
ATOM   739 O  O   . SER B 2 62 ? -14.467 -3.060  4.490   1.00 24.28 ?  116 SER B O   1 
ATOM   740 C  CB  . SER B 2 62 ? -15.769 -4.102  1.756   1.00 23.20 ?  116 SER B CB  1 
ATOM   741 O  OG  . SER B 2 62 ? -15.885 -4.137  0.341   1.00 31.06 ?  116 SER B OG  1 
ATOM   742 N  N   . GLN B 2 63 ? -13.675 -5.123  4.082   1.00 18.96 ?  117 GLN B N   1 
ATOM   743 C  CA  . GLN B 2 63 ? -13.474 -5.403  5.498   1.00 19.65 ?  117 GLN B CA  1 
ATOM   744 C  C   . GLN B 2 63 ? -12.320 -4.603  6.088   1.00 21.41 ?  117 GLN B C   1 
ATOM   745 O  O   . GLN B 2 63 ? -12.208 -4.517  7.318   1.00 23.96 ?  117 GLN B O   1 
ATOM   746 C  CB  . GLN B 2 63 ? -13.273 -6.910  5.727   1.00 20.43 ?  117 GLN B CB  1 
ATOM   747 C  CG  . GLN B 2 63 ? -11.953 -7.480  5.191   1.00 19.96 ?  117 GLN B CG  1 
ATOM   748 C  CD  . GLN B 2 63 ? -11.913 -9.007  5.225   1.00 17.65 ?  117 GLN B CD  1 
ATOM   749 O  OE1 . GLN B 2 63 ? -11.308 -9.609  6.122   1.00 17.07 ?  117 GLN B OE1 1 
ATOM   750 N  NE2 . GLN B 2 63 ? -12.562 -9.640  4.248   1.00 19.47 ?  117 GLN B NE2 1 
ATOM   751 N  N   . VAL B 2 64 ? -11.480 -4.006  5.243   1.00 19.53 ?  118 VAL B N   1 
ATOM   752 C  CA  . VAL B 2 64 ? -10.348 -3.204  5.696   1.00 20.09 ?  118 VAL B CA  1 
ATOM   753 C  C   . VAL B 2 64 ? -10.705 -1.730  5.757   1.00 18.24 ?  118 VAL B C   1 
ATOM   754 O  O   . VAL B 2 64 ? -10.471 -1.065  6.769   1.00 22.80 ?  118 VAL B O   1 
ATOM   755 C  CB  . VAL B 2 64 ? -9.130  -3.439  4.774   1.00 17.33 ?  118 VAL B CB  1 
ATOM   756 C  CG1 . VAL B 2 64 ? -7.976  -2.525  5.174   1.00 16.84 ?  118 VAL B CG1 1 
ATOM   757 C  CG2 . VAL B 2 64 ? -8.696  -4.895  4.811   1.00 19.62 ?  118 VAL B CG2 1 
ATOM   758 N  N   . GLY B 2 65 ? -11.267 -1.204  4.669   1.00 19.72 ?  119 GLY B N   1 
ATOM   759 C  CA  . GLY B 2 65 ? -11.531 0.216   4.590   1.00 21.17 ?  119 GLY B CA  1 
ATOM   760 C  C   . GLY B 2 65 ? -10.238 0.988   4.399   1.00 20.87 ?  119 GLY B C   1 
ATOM   761 O  O   . GLY B 2 65 ? -9.265  0.507   3.807   1.00 23.51 ?  119 GLY B O   1 
ATOM   762 N  N   . VAL B 2 66 ? -10.226 2.205   4.912   1.00 17.95 ?  120 VAL B N   1 
ATOM   763 C  CA  . VAL B 2 66 ? -9.014  3.015   4.908   1.00 17.76 ?  120 VAL B CA  1 
ATOM   764 C  C   . VAL B 2 66 ? -8.127  2.578   6.071   1.00 15.33 ?  120 VAL B C   1 
ATOM   765 O  O   . VAL B 2 66 ? -8.598  2.378   7.195   1.00 16.92 ?  120 VAL B O   1 
ATOM   766 C  CB  . VAL B 2 66 ? -9.375  4.510   4.978   1.00 20.01 ?  120 VAL B CB  1 
ATOM   767 C  CG1 . VAL B 2 66 ? -8.148  5.351   5.253   1.00 19.98 ?  120 VAL B CG1 1 
ATOM   768 C  CG2 . VAL B 2 66 ? -10.044 4.949   3.676   1.00 22.36 ?  120 VAL B CG2 1 
ATOM   769 N  N   . CYS B 2 67 ? -6.840  2.406   5.802   1.00 12.80 ?  121 CYS B N   1 
ATOM   770 C  CA  . CYS B 2 67 ? -5.917  2.019   6.850   1.00 12.25 ?  121 CYS B CA  1 
ATOM   771 C  C   . CYS B 2 67 ? -5.757  3.148   7.860   1.00 13.94 ?  121 CYS B C   1 
ATOM   772 O  O   . CYS B 2 67 ? -5.747  4.328   7.492   1.00 13.17 ?  121 CYS B O   1 
ATOM   773 C  CB  . CYS B 2 67 ? -4.551  1.721   6.256   1.00 11.47 ?  121 CYS B CB  1 
ATOM   774 S  SG  . CYS B 2 67 ? -4.572  0.308   5.154   1.00 12.89 ?  121 CYS B SG  1 
ATOM   775 N  N   . PRO B 2 68 ? -5.583  2.813   9.132   1.00 15.00 ?  122 PRO B N   1 
ATOM   776 C  CA  . PRO B 2 68 ? -5.448  3.854   10.150  1.00 15.09 ?  122 PRO B CA  1 
ATOM   777 C  C   . PRO B 2 68 ? -4.186  4.659   9.953   1.00 14.51 ?  122 PRO B C   1 
ATOM   778 O  O   . PRO B 2 68 ? -3.153  4.158   9.500   1.00 15.78 ?  122 PRO B O   1 
ATOM   779 C  CB  . PRO B 2 68 ? -5.372  3.060   11.458  1.00 17.53 ?  122 PRO B CB  1 
ATOM   780 C  CG  . PRO B 2 68 ? -4.910  1.702   11.046  1.00 20.78 ?  122 PRO B CG  1 
ATOM   781 C  CD  . PRO B 2 68 ? -5.563  1.465   9.723   1.00 17.84 ?  122 PRO B CD  1 
ATOM   782 N  N   . PHE B 2 69 ? -4.292  5.935   10.294  1.00 14.70 ?  123 PHE B N   1 
ATOM   783 C  CA  . PHE B 2 69 ? -3.146  6.814   10.325  1.00 14.54 ?  123 PHE B CA  1 
ATOM   784 C  C   . PHE B 2 69 ? -2.128  6.320   11.347  1.00 16.46 ?  123 PHE B C   1 
ATOM   785 O  O   . PHE B 2 69 ? -2.482  5.871   12.444  1.00 18.71 ?  123 PHE B O   1 
ATOM   786 C  CB  . PHE B 2 69 ? -3.618  8.224   10.696  1.00 14.68 ?  123 PHE B CB  1 
ATOM   787 C  CG  . PHE B 2 69 ? -2.500  9.151   11.019  1.00 14.66 ?  123 PHE B CG  1 
ATOM   788 C  CD1 . PHE B 2 69 ? -1.827  9.820   10.010  1.00 17.79 ?  123 PHE B CD1 1 
ATOM   789 C  CD2 . PHE B 2 69 ? -2.068  9.299   12.333  1.00 16.33 ?  123 PHE B CD2 1 
ATOM   790 C  CE1 . PHE B 2 69 ? -0.758  10.649  10.310  1.00 18.88 ?  123 PHE B CE1 1 
ATOM   791 C  CE2 . PHE B 2 69 ? -1.007  10.135  12.636  1.00 17.67 ?  123 PHE B CE2 1 
ATOM   792 C  CZ  . PHE B 2 69 ? -0.360  10.809  11.626  1.00 18.36 ?  123 PHE B CZ  1 
ATOM   793 N  N   . VAL B 2 70 ? -0.857  6.394   10.973  1.00 15.39 ?  124 VAL B N   1 
ATOM   794 C  CA  . VAL B 2 70 ? 0.258   6.179   11.882  1.00 17.47 ?  124 VAL B CA  1 
ATOM   795 C  C   . VAL B 2 70 ? 1.254   7.293   11.623  1.00 17.78 ?  124 VAL B C   1 
ATOM   796 O  O   . VAL B 2 70 ? 1.530   7.631   10.468  1.00 17.61 ?  124 VAL B O   1 
ATOM   797 C  CB  . VAL B 2 70 ? 0.933   4.804   11.683  1.00 20.12 ?  124 VAL B CB  1 
ATOM   798 C  CG1 . VAL B 2 70 ? 1.940   4.549   12.796  1.00 22.63 ?  124 VAL B CG1 1 
ATOM   799 C  CG2 . VAL B 2 70 ? -0.091  3.691   11.636  1.00 25.63 ?  124 VAL B CG2 1 
ATOM   800 N  N   . ALA B 2 71 ? 1.783   7.866   12.696  1.00 19.26 ?  125 ALA B N   1 
ATOM   801 C  CA  . ALA B 2 71 ? 2.759   8.939   12.579  1.00 18.26 ?  125 ALA B CA  1 
ATOM   802 C  C   . ALA B 2 71 ? 3.847   8.559   11.581  1.00 19.30 ?  125 ALA B C   1 
ATOM   803 O  O   . ALA B 2 71 ? 4.356   7.436   11.596  1.00 19.72 ?  125 ALA B O   1 
ATOM   804 C  CB  . ALA B 2 71 ? 3.372   9.215   13.952  1.00 21.51 ?  125 ALA B CB  1 
ATOM   805 N  N   . ILE B 2 72 ? 4.173   9.490   10.690  1.00 18.36 ?  126 ILE B N   1 
ATOM   806 C  CA  . ILE B 2 72 ? 5.110   9.238   9.600   1.00 19.41 ?  126 ILE B CA  1 
ATOM   807 C  C   . ILE B 2 72 ? 6.539   9.222   10.130  1.00 24.31 ?  126 ILE B C   1 
ATOM   808 O  O   . ILE B 2 72 ? 6.902   10.082  10.946  1.00 22.57 ?  126 ILE B O   1 
ATOM   809 C  CB  . ILE B 2 72 ? 4.913   10.262  8.475   1.00 19.13 ?  126 ILE B CB  1 
ATOM   810 C  CG1 . ILE B 2 72 ? 3.516   10.095  7.870   1.00 18.95 ?  126 ILE B CG1 1 
ATOM   811 C  CG2 . ILE B 2 72 ? 5.986   10.126  7.409   1.00 22.20 ?  126 ILE B CG2 1 
ATOM   812 C  CD1 . ILE B 2 72 ? 3.149   11.160  6.855   1.00 20.96 ?  126 ILE B CD1 1 
ATOM   813 N  N   . PRO B 2 73 ? 7.372   8.265   9.713   1.00 22.63 ?  127 PRO B N   1 
ATOM   814 C  CA  . PRO B 2 73 ? 8.764   8.234   10.182  1.00 23.22 ?  127 PRO B CA  1 
ATOM   815 C  C   . PRO B 2 73 ? 9.546   9.456   9.728   1.00 22.66 ?  127 PRO B C   1 
ATOM   816 O  O   . PRO B 2 73 ? 9.331   9.995   8.639   1.00 23.87 ?  127 PRO B O   1 
ATOM   817 C  CB  . PRO B 2 73 ? 9.330   6.963   9.532   1.00 26.55 ?  127 PRO B CB  1 
ATOM   818 C  CG  . PRO B 2 73 ? 8.140   6.136   9.189   1.00 24.89 ?  127 PRO B CG  1 
ATOM   819 C  CD  . PRO B 2 73 ? 7.051   7.107   8.861   1.00 23.38 ?  127 PRO B CD  1 
ATOM   820 N  N   . ALA B 2 74 ? 10.490  9.870   10.573  1.00 26.46 ?  128 ALA B N   1 
ATOM   821 C  CA  . ALA B 2 74 ? 11.367  11.003  10.281  1.00 25.36 ?  128 ALA B CA  1 
ATOM   822 C  C   . ALA B 2 74 ? 10.574  12.253  9.901   1.00 28.70 ?  128 ALA B C   1 
ATOM   823 O  O   . ALA B 2 74 ? 10.613  12.698  8.754   1.00 32.63 ?  128 ALA B O   1 
ATOM   824 C  CB  . ALA B 2 74 ? 12.382  10.642  9.189   1.00 27.53 ?  128 ALA B CB  1 
HETATM 825 S  S   . SO4 C 3 .  ? -4.674  -18.770 12.624  1.00 11.48 ?  101 SO4 A S   1 
HETATM 826 O  O1  . SO4 C 3 .  ? -5.620  -17.891 13.325  1.00 10.29 ?  101 SO4 A O1  1 
HETATM 827 O  O2  . SO4 C 3 .  ? -4.706  -18.441 11.161  1.00 12.12 ?  101 SO4 A O2  1 
HETATM 828 O  O3  . SO4 C 3 .  ? -3.314  -18.517 13.133  1.00 12.06 ?  101 SO4 A O3  1 
HETATM 829 O  O4  . SO4 C 3 .  ? -5.044  -20.198 12.872  1.00 12.22 ?  101 SO4 A O4  1 
HETATM 830 C  C   . ACT D 4 .  ? -6.003  -26.071 13.772  1.00 21.49 ?  102 ACT A C   1 
HETATM 831 O  O   . ACT D 4 .  ? -6.222  -24.892 13.436  1.00 27.57 ?  102 ACT A O   1 
HETATM 832 O  OXT . ACT D 4 .  ? -4.953  -26.519 14.263  1.00 26.34 -1 102 ACT A OXT 1 
HETATM 833 C  CH3 . ACT D 4 .  ? -7.166  -27.060 13.577  1.00 24.34 ?  102 ACT A CH3 1 
HETATM 834 C  C   . ACT E 4 .  ? -8.647  -17.693 20.378  1.00 18.51 ?  103 ACT A C   1 
HETATM 835 O  O   . ACT E 4 .  ? -9.523  -17.286 19.602  1.00 25.07 ?  103 ACT A O   1 
HETATM 836 O  OXT . ACT E 4 .  ? -7.462  -17.367 20.430  1.00 21.89 -1 103 ACT A OXT 1 
HETATM 837 C  CH3 . ACT E 4 .  ? -9.126  -18.739 21.372  1.00 19.69 ?  103 ACT A CH3 1 
HETATM 838 C  C   . ACT F 4 .  ? 4.720   -2.650  -11.748 1.00 26.44 ?  104 ACT A C   1 
HETATM 839 O  O   . ACT F 4 .  ? 4.170   -2.054  -12.702 1.00 30.58 ?  104 ACT A O   1 
HETATM 840 O  OXT . ACT F 4 .  ? 5.558   -2.168  -10.964 1.00 28.76 -1 104 ACT A OXT 1 
HETATM 841 C  CH3 . ACT F 4 .  ? 4.329   -4.123  -11.526 1.00 26.71 ?  104 ACT A CH3 1 
HETATM 842 C  C   . ACT G 4 .  ? 2.522   -11.223 10.266  1.00 24.81 ?  105 ACT A C   1 
HETATM 843 O  O   . ACT G 4 .  ? 2.203   -10.051 9.955   1.00 28.36 ?  105 ACT A O   1 
HETATM 844 O  OXT . ACT G 4 .  ? 2.463   -12.259 9.558   1.00 21.52 -1 105 ACT A OXT 1 
HETATM 845 C  CH3 . ACT G 4 .  ? 3.039   -11.338 11.706  1.00 26.35 ?  105 ACT A CH3 1 
HETATM 846 NA NA  . NA  H 5 .  ? 1.822   -15.520 -0.756  1.00 32.52 ?  106 NA  A NA  1 
HETATM 847 N  N   . NO3 I 6 .  ? 10.627  -2.909  -1.636  1.00 13.68 ?  107 NO3 A N   1 
HETATM 848 O  O1  . NO3 I 6 .  ? 10.456  -2.241  -2.649  1.00 12.57 ?  107 NO3 A O1  1 
HETATM 849 O  O2  . NO3 I 6 .  ? 9.760   -2.969  -0.753  1.00 14.39 -1 107 NO3 A O2  1 
HETATM 850 O  O3  . NO3 I 6 .  ? 11.702  -3.518  -1.481  1.00 16.24 -1 107 NO3 A O3  1 
HETATM 851 N  N   . NO3 J 6 .  ? 8.344   4.015   -7.159  1.00 18.83 ?  108 NO3 A N   1 
HETATM 852 O  O1  . NO3 J 6 .  ? 8.951   4.616   -6.264  1.00 24.16 ?  108 NO3 A O1  1 
HETATM 853 O  O2  . NO3 J 6 .  ? 7.999   2.842   -6.991  1.00 17.55 -1 108 NO3 A O2  1 
HETATM 854 O  O3  . NO3 J 6 .  ? 8.093   4.600   -8.220  1.00 21.10 -1 108 NO3 A O3  1 
HETATM 855 N  N   . NO3 K 6 .  ? 5.473   -7.049  5.978   1.00 22.60 ?  109 NO3 A N   1 
HETATM 856 O  O1  . NO3 K 6 .  ? 6.382   -6.574  6.680   1.00 28.86 ?  109 NO3 A O1  1 
HETATM 857 O  O2  . NO3 K 6 .  ? 4.432   -7.443  6.506   1.00 24.65 -1 109 NO3 A O2  1 
HETATM 858 O  O3  . NO3 K 6 .  ? 5.611   -7.129  4.753   1.00 24.84 -1 109 NO3 A O3  1 
HETATM 859 S  S   . SO4 L 3 .  ? -11.735 -1.145  -13.969 1.00 13.51 ?  201 SO4 B S   1 
HETATM 860 O  O1  . SO4 L 3 .  ? -10.939 -0.012  -13.431 1.00 12.83 ?  201 SO4 B O1  1 
HETATM 861 O  O2  . SO4 L 3 .  ? -11.168 -1.677  -15.231 1.00 13.91 ?  201 SO4 B O2  1 
HETATM 862 O  O3  . SO4 L 3 .  ? -11.801 -2.225  -12.936 1.00 15.63 ?  201 SO4 B O3  1 
HETATM 863 O  O4  . SO4 L 3 .  ? -13.106 -0.629  -14.224 1.00 17.11 ?  201 SO4 B O4  1 
HETATM 864 S  S   . SO4 M 3 .  ? 7.038   1.750   11.387  1.00 28.71 ?  202 SO4 B S   1 
HETATM 865 O  O1  . SO4 M 3 .  ? 6.976   3.191   11.794  1.00 34.17 ?  202 SO4 B O1  1 
HETATM 866 O  O2  . SO4 M 3 .  ? 6.234   1.535   10.141  1.00 27.72 ?  202 SO4 B O2  1 
HETATM 867 O  O3  . SO4 M 3 .  ? 8.461   1.354   11.145  1.00 36.75 ?  202 SO4 B O3  1 
HETATM 868 O  O4  . SO4 M 3 .  ? 6.468   0.892   12.474  1.00 36.29 ?  202 SO4 B O4  1 
HETATM 869 C  C   . ACT N 4 .  ? 2.245   12.718  11.260  1.00 20.55 ?  203 ACT B C   1 
HETATM 870 O  O   . ACT N 4 .  ? 1.423   13.656  11.194  1.00 21.44 ?  203 ACT B O   1 
HETATM 871 O  OXT . ACT N 4 .  ? 2.625   11.957  10.354  1.00 22.56 -1 203 ACT B OXT 1 
HETATM 872 C  CH3 . ACT N 4 .  ? 2.839   12.463  12.639  1.00 19.66 ?  203 ACT B CH3 1 
HETATM 873 NA NA  . NA  O 5 .  ? 12.642  3.430   5.856   1.00 31.53 ?  204 NA  B NA  1 
HETATM 874 NA NA  . NA  P 5 .  ? 16.707  8.962   -4.231  1.00 33.59 ?  205 NA  B NA  1 
HETATM 875 N  N   . NO3 Q 6 .  ? -1.221  10.533  6.190   1.00 17.50 ?  206 NO3 B N   1 
HETATM 876 O  O1  . NO3 Q 6 .  ? -0.300  11.310  6.455   1.00 19.69 ?  206 NO3 B O1  1 
HETATM 877 O  O2  . NO3 Q 6 .  ? -1.073  9.308   6.285   1.00 16.40 -1 206 NO3 B O2  1 
HETATM 878 O  O3  . NO3 Q 6 .  ? -2.295  10.987  5.812   1.00 15.98 -1 206 NO3 B O3  1 
HETATM 879 N  N   . NO3 R 6 .  ? 10.470  6.276   5.528   1.00 24.37 ?  207 NO3 B N   1 
HETATM 880 O  O1  . NO3 R 6 .  ? 9.361   6.788   5.332   1.00 21.93 ?  207 NO3 B O1  1 
HETATM 881 O  O2  . NO3 R 6 .  ? 10.570  5.195   6.117   1.00 25.89 -1 207 NO3 B O2  1 
HETATM 882 O  O3  . NO3 R 6 .  ? 11.484  6.865   5.134   1.00 27.20 -1 207 NO3 B O3  1 
HETATM 883 CL CL  . CL  S 7 .  ? -8.945  6.511   -16.769 1.00 36.56 ?  208 CL  B CL  1 
HETATM 884 O  O   . HOH T 8 .  ? -9.492  -18.489 15.401  1.00 22.77 ?  201 HOH A O   1 
HETATM 885 O  O   . HOH T 8 .  ? 4.553   18.314  -5.668  1.00 28.05 ?  202 HOH A O   1 
HETATM 886 O  O   . HOH T 8 .  ? 2.808   12.417  -10.694 1.00 28.72 ?  203 HOH A O   1 
HETATM 887 O  O   . HOH T 8 .  ? -6.704  -24.124 7.640   1.00 13.64 ?  204 HOH A O   1 
HETATM 888 O  O   . HOH T 8 .  ? 0.783   -16.441 11.043  1.00 16.89 ?  205 HOH A O   1 
HETATM 889 O  O   . HOH T 8 .  ? 10.901  -3.488  1.711   1.00 20.74 ?  206 HOH A O   1 
HETATM 890 O  O   . HOH T 8 .  ? -1.699  -16.410 12.330  1.00 13.18 ?  207 HOH A O   1 
HETATM 891 O  O   . HOH T 8 .  ? 2.445   15.408  -10.531 1.00 31.55 ?  208 HOH A O   1 
HETATM 892 O  O   . HOH T 8 .  ? 0.324   -19.305 5.462   1.00 31.83 ?  209 HOH A O   1 
HETATM 893 O  O   . HOH T 8 .  ? 10.255  11.766  -7.212  1.00 28.87 ?  210 HOH A O   1 
HETATM 894 O  O   . HOH T 8 .  ? 7.769   0.159   -7.924  1.00 17.17 ?  211 HOH A O   1 
HETATM 895 O  O   . HOH T 8 .  ? -2.186  -22.675 6.288   1.00 28.24 ?  212 HOH A O   1 
HETATM 896 O  O   . HOH T 8 .  ? 0.622   -16.850 4.349   1.00 20.56 ?  213 HOH A O   1 
HETATM 897 O  O   . HOH T 8 .  ? 2.301   -14.208 12.016  1.00 24.92 ?  214 HOH A O   1 
HETATM 898 O  O   . HOH T 8 .  ? -0.709  -24.004 8.574   1.00 31.47 ?  215 HOH A O   1 
HETATM 899 O  O   . HOH T 8 .  ? -3.458  -25.822 6.537   1.00 28.89 ?  216 HOH A O   1 
HETATM 900 O  O   . HOH T 8 .  ? 5.895   -4.071  9.161   1.00 33.21 ?  217 HOH A O   1 
HETATM 901 O  O   . HOH T 8 .  ? 2.692   -18.403 10.668  1.00 25.29 ?  218 HOH A O   1 
HETATM 902 O  O   . HOH T 8 .  ? 14.650  -7.779  2.903   1.00 33.81 ?  219 HOH A O   1 
HETATM 903 O  O   . HOH T 8 .  ? 1.973   -16.712 1.934   1.00 31.61 ?  220 HOH A O   1 
HETATM 904 O  O   . HOH U 8 .  ? -4.177  -6.784  -13.409 1.00 14.94 ?  301 HOH B O   1 
HETATM 905 O  O   . HOH U 8 .  ? -11.740 1.579   -21.690 1.00 16.24 ?  302 HOH B O   1 
HETATM 906 O  O   . HOH U 8 .  ? -9.114  4.335   9.010   1.00 27.01 ?  303 HOH B O   1 
HETATM 907 O  O   . HOH U 8 .  ? 0.094   7.464   8.159   1.00 16.11 ?  304 HOH B O   1 
HETATM 908 O  O   . HOH U 8 .  ? 1.180   -12.958 -1.952  1.00 18.44 ?  305 HOH B O   1 
HETATM 909 O  O   . HOH U 8 .  ? 9.264   -9.584  3.160   1.00 28.94 ?  306 HOH B O   1 
HETATM 910 O  O   . HOH U 8 .  ? 6.555   -0.693  8.565   1.00 29.77 ?  307 HOH B O   1 
HETATM 911 O  O   . HOH U 8 .  ? -4.822  -4.700  7.075   1.00 13.24 ?  308 HOH B O   1 
HETATM 912 O  O   . HOH U 8 .  ? -7.185  -9.911  -8.504  1.00 23.00 ?  309 HOH B O   1 
HETATM 913 O  O   . HOH U 8 .  ? -3.922  -7.063  11.026  1.00 19.25 ?  310 HOH B O   1 
HETATM 914 O  O   . HOH U 8 .  ? -2.668  3.613   14.043  1.00 27.85 ?  311 HOH B O   1 
HETATM 915 O  O   . HOH U 8 .  ? -17.600 6.657   -14.409 1.00 32.03 ?  312 HOH B O   1 
HETATM 916 O  O   . HOH U 8 .  ? 4.264   -1.974  8.404   1.00 26.25 ?  313 HOH B O   1 
HETATM 917 O  O   . HOH U 8 .  ? -4.546  -11.155 -7.799  1.00 23.35 ?  314 HOH B O   1 
HETATM 918 O  O   . HOH U 8 .  ? 10.225  15.773  -1.880  1.00 24.39 ?  315 HOH B O   1 
HETATM 919 O  O   . HOH U 8 .  ? -2.245  -4.991  8.249   1.00 16.17 ?  316 HOH B O   1 
HETATM 920 O  O   . HOH U 8 .  ? -8.323  -1.317  8.633   1.00 26.93 ?  317 HOH B O   1 
HETATM 921 O  O   . HOH U 8 .  ? -12.575 2.985   6.369   1.00 29.38 ?  318 HOH B O   1 
HETATM 922 O  O   . HOH U 8 .  ? -13.844 1.648   -12.606 1.00 26.27 ?  319 HOH B O   1 
HETATM 923 O  O   . HOH U 8 .  ? -10.496 6.178   -0.602  1.00 28.22 ?  320 HOH B O   1 
HETATM 924 O  O   . HOH U 8 .  ? 1.060   4.912   7.410   1.00 18.56 ?  321 HOH B O   1 
HETATM 925 O  O   . HOH U 8 .  ? -5.399  6.240   -2.577  1.00 15.20 ?  322 HOH B O   1 
HETATM 926 O  O   . HOH U 8 .  ? -1.025  1.593   5.918   1.00 17.51 ?  323 HOH B O   1 
HETATM 927 O  O   . HOH U 8 .  ? 11.987  -8.947  3.184   1.00 34.07 ?  324 HOH B O   1 
HETATM 928 O  O   . HOH U 8 .  ? -1.693  3.999   -15.486 1.00 17.89 ?  325 HOH B O   1 
HETATM 929 O  O   . HOH U 8 .  ? 13.473  3.812   -6.996  1.00 22.69 ?  326 HOH B O   1 
HETATM 930 O  O   . HOH U 8 .  ? -7.652  4.736   -3.316  1.00 23.61 ?  327 HOH B O   1 
HETATM 931 O  O   . HOH U 8 .  ? -13.575 2.911   3.727   1.00 34.40 ?  328 HOH B O   1 
HETATM 932 O  O   . HOH U 8 .  ? 0.701   3.803   4.914   1.00 21.27 ?  329 HOH B O   1 
HETATM 933 O  O   . HOH U 8 .  ? -8.453  10.326  -19.232 1.00 26.55 ?  330 HOH B O   1 
HETATM 934 O  O   . HOH U 8 .  ? -8.844  -0.139  11.245  1.00 32.43 ?  331 HOH B O   1 
HETATM 935 O  O   . HOH U 8 .  ? -0.902  6.017   -13.799 1.00 30.13 ?  332 HOH B O   1 
# 
